data_2EZF
# 
_entry.id   2EZF 
# 
_audit_conform.dict_name       mmcif_pdbx.dic 
_audit_conform.dict_version    5.392 
_audit_conform.dict_location   http://mmcif.pdb.org/dictionaries/ascii/mmcif_pdbx.dic 
# 
loop_
_database_2.database_id 
_database_2.database_code 
_database_2.pdbx_database_accession 
_database_2.pdbx_DOI 
PDB   2EZF         pdb_00002ezf 10.2210/pdb2ezf/pdb 
WWPDB D_1000178057 ?            ?                   
# 
loop_
_pdbx_audit_revision_history.ordinal 
_pdbx_audit_revision_history.data_content_type 
_pdbx_audit_revision_history.major_revision 
_pdbx_audit_revision_history.minor_revision 
_pdbx_audit_revision_history.revision_date 
1 'Structure model' 1 0 1997-10-15 
2 'Structure model' 1 1 2008-03-24 
3 'Structure model' 1 2 2011-07-13 
4 'Structure model' 1 3 2022-03-09 
5 'Structure model' 1 4 2024-05-29 
# 
_pdbx_audit_revision_details.ordinal             1 
_pdbx_audit_revision_details.revision_ordinal    1 
_pdbx_audit_revision_details.data_content_type   'Structure model' 
_pdbx_audit_revision_details.provider            repository 
_pdbx_audit_revision_details.type                'Initial release' 
_pdbx_audit_revision_details.description         ? 
_pdbx_audit_revision_details.details             ? 
# 
loop_
_pdbx_audit_revision_group.ordinal 
_pdbx_audit_revision_group.revision_ordinal 
_pdbx_audit_revision_group.data_content_type 
_pdbx_audit_revision_group.group 
1 2 'Structure model' 'Version format compliance' 
2 3 'Structure model' 'Version format compliance' 
3 4 'Structure model' 'Database references'       
4 4 'Structure model' 'Derived calculations'      
5 4 'Structure model' Other                       
6 5 'Structure model' 'Data collection'           
# 
loop_
_pdbx_audit_revision_category.ordinal 
_pdbx_audit_revision_category.revision_ordinal 
_pdbx_audit_revision_category.data_content_type 
_pdbx_audit_revision_category.category 
1 4 'Structure model' database_2            
2 4 'Structure model' pdbx_database_status  
3 4 'Structure model' pdbx_struct_assembly  
4 4 'Structure model' pdbx_struct_oper_list 
5 5 'Structure model' chem_comp_atom        
6 5 'Structure model' chem_comp_bond        
# 
loop_
_pdbx_audit_revision_item.ordinal 
_pdbx_audit_revision_item.revision_ordinal 
_pdbx_audit_revision_item.data_content_type 
_pdbx_audit_revision_item.item 
1 4 'Structure model' '_database_2.pdbx_DOI'                
2 4 'Structure model' '_database_2.pdbx_database_accession' 
3 4 'Structure model' '_pdbx_database_status.process_site'  
# 
_pdbx_database_status.status_code                     REL 
_pdbx_database_status.entry_id                        2EZF 
_pdbx_database_status.recvd_initial_deposition_date   1997-06-04 
_pdbx_database_status.deposit_site                    ? 
_pdbx_database_status.process_site                    BNL 
_pdbx_database_status.SG_entry                        . 
_pdbx_database_status.pdb_format_compatible           Y 
_pdbx_database_status.status_code_mr                  ? 
_pdbx_database_status.status_code_sf                  ? 
_pdbx_database_status.status_code_cs                  ? 
_pdbx_database_status.status_code_nmr_data            ? 
_pdbx_database_status.methods_development_category    ? 
# 
_pdbx_database_related.db_name        PDB 
_pdbx_database_related.db_id          2EZG 
_pdbx_database_related.details        'ENSEMBLE OF 35 STRUCTURES' 
_pdbx_database_related.content_type   ensemble 
# 
loop_
_audit_author.name 
_audit_author.pdbx_ordinal 
'Clore, G.M.'      1 
'Huth, J.R.'       2 
'Bewley, C.'       3 
'Gronenborn, A.M.' 4 
# 
_citation.id                        primary 
_citation.title                     
'The solution structure of an HMG-I(Y)-DNA complex defines a new architectural minor groove binding motif.' 
_citation.journal_abbrev            Nat.Struct.Biol. 
_citation.journal_volume            4 
_citation.page_first                657 
_citation.page_last                 665 
_citation.year                      1997 
_citation.journal_id_ASTM           NSBIEW 
_citation.country                   US 
_citation.journal_id_ISSN           1072-8368 
_citation.journal_id_CSD            2024 
_citation.book_publisher            ? 
_citation.pdbx_database_id_PubMed   9253416 
_citation.pdbx_database_id_DOI      10.1038/nsb0897-657 
# 
loop_
_citation_author.citation_id 
_citation_author.name 
_citation_author.ordinal 
_citation_author.identifier_ORCID 
primary 'Huth, J.R.'       1 ? 
primary 'Bewley, C.A.'     2 ? 
primary 'Nissen, M.S.'     3 ? 
primary 'Evans, J.N.'      4 ? 
primary 'Reeves, R.'       5 ? 
primary 'Gronenborn, A.M.' 6 ? 
primary 'Clore, G.M.'      7 ? 
# 
loop_
_entity.id 
_entity.type 
_entity.src_method 
_entity.pdbx_description 
_entity.formula_weight 
_entity.pdbx_number_of_molecules 
_entity.pdbx_ec 
_entity.pdbx_mutation 
_entity.pdbx_fragment 
_entity.details 
1 polymer syn 
;DNA (5'-D(*GP*GP*GP*AP*AP*AP*TP*TP*CP*CP*TP*C)-3')
;
3662.404 1 ? ? ? ? 
2 polymer syn 
;DNA (5'-D(*GP*AP*GP*GP*AP*AP*TP*TP*TP*CP*CP*C)-3')
;
3662.404 1 ? ? ? ? 
3 polymer man 'HIGH MOBILITY GROUP PROTEIN HMG-I/HMG-Y'            1185.469 1 ? ? ? ? 
# 
_entity_name_com.entity_id   3 
_entity_name_com.name        'HIGH MOBILITY GROUP PROTEIN HMG' 
# 
loop_
_entity_poly.entity_id 
_entity_poly.type 
_entity_poly.nstd_linkage 
_entity_poly.nstd_monomer 
_entity_poly.pdbx_seq_one_letter_code 
_entity_poly.pdbx_seq_one_letter_code_can 
_entity_poly.pdbx_strand_id 
_entity_poly.pdbx_target_identifier 
1 polydeoxyribonucleotide no no '(DG)(DG)(DG)(DA)(DA)(DA)(DT)(DT)(DC)(DC)(DT)(DC)' GGGAAATTCCTC B ? 
2 polydeoxyribonucleotide no no '(DG)(DA)(DG)(DG)(DA)(DA)(DT)(DT)(DT)(DC)(DC)(DC)' GAGGAATTTCCC C ? 
3 'polypeptide(L)'        no no GRKPRGRPKK                                         GRKPRGRPKK   A ? 
# 
loop_
_entity_poly_seq.entity_id 
_entity_poly_seq.num 
_entity_poly_seq.mon_id 
_entity_poly_seq.hetero 
1 1  DG  n 
1 2  DG  n 
1 3  DG  n 
1 4  DA  n 
1 5  DA  n 
1 6  DA  n 
1 7  DT  n 
1 8  DT  n 
1 9  DC  n 
1 10 DC  n 
1 11 DT  n 
1 12 DC  n 
2 1  DG  n 
2 2  DA  n 
2 3  DG  n 
2 4  DG  n 
2 5  DA  n 
2 6  DA  n 
2 7  DT  n 
2 8  DT  n 
2 9  DT  n 
2 10 DC  n 
2 11 DC  n 
2 12 DC  n 
3 1  GLY n 
3 2  ARG n 
3 3  LYS n 
3 4  PRO n 
3 5  ARG n 
3 6  GLY n 
3 7  ARG n 
3 8  PRO n 
3 9  LYS n 
3 10 LYS n 
# 
_entity_src_gen.entity_id                          3 
_entity_src_gen.pdbx_src_id                        1 
_entity_src_gen.pdbx_alt_source_flag               sample 
_entity_src_gen.pdbx_seq_type                      ? 
_entity_src_gen.pdbx_beg_seq_num                   ? 
_entity_src_gen.pdbx_end_seq_num                   ? 
_entity_src_gen.gene_src_common_name               human 
_entity_src_gen.gene_src_genus                     Homo 
_entity_src_gen.pdbx_gene_src_gene                 ? 
_entity_src_gen.gene_src_species                   ? 
_entity_src_gen.gene_src_strain                    ? 
_entity_src_gen.gene_src_tissue                    ? 
_entity_src_gen.gene_src_tissue_fraction           ? 
_entity_src_gen.gene_src_details                   ? 
_entity_src_gen.pdbx_gene_src_fragment             ? 
_entity_src_gen.pdbx_gene_src_scientific_name      'Homo sapiens' 
_entity_src_gen.pdbx_gene_src_ncbi_taxonomy_id     9606 
_entity_src_gen.pdbx_gene_src_variant              ? 
_entity_src_gen.pdbx_gene_src_cell_line            ? 
_entity_src_gen.pdbx_gene_src_atcc                 ? 
_entity_src_gen.pdbx_gene_src_organ                ? 
_entity_src_gen.pdbx_gene_src_organelle            ? 
_entity_src_gen.pdbx_gene_src_cell                 ? 
_entity_src_gen.pdbx_gene_src_cellular_location    ? 
_entity_src_gen.host_org_common_name               ? 
_entity_src_gen.pdbx_host_org_scientific_name      'Escherichia coli' 
_entity_src_gen.pdbx_host_org_ncbi_taxonomy_id     562 
_entity_src_gen.host_org_genus                     Escherichia 
_entity_src_gen.pdbx_host_org_gene                 ? 
_entity_src_gen.pdbx_host_org_organ                ? 
_entity_src_gen.host_org_species                   ? 
_entity_src_gen.pdbx_host_org_tissue               ? 
_entity_src_gen.pdbx_host_org_tissue_fraction      ? 
_entity_src_gen.pdbx_host_org_strain               ? 
_entity_src_gen.pdbx_host_org_variant              ? 
_entity_src_gen.pdbx_host_org_cell_line            ? 
_entity_src_gen.pdbx_host_org_atcc                 ? 
_entity_src_gen.pdbx_host_org_culture_collection   ? 
_entity_src_gen.pdbx_host_org_cell                 ? 
_entity_src_gen.pdbx_host_org_organelle            ? 
_entity_src_gen.pdbx_host_org_cellular_location    ? 
_entity_src_gen.pdbx_host_org_vector_type          ? 
_entity_src_gen.pdbx_host_org_vector               ? 
_entity_src_gen.host_org_details                   ? 
_entity_src_gen.expression_system_id               ? 
_entity_src_gen.plasmid_name                       ? 
_entity_src_gen.plasmid_details                    ? 
_entity_src_gen.pdbx_description                   ? 
# 
loop_
_chem_comp.id 
_chem_comp.type 
_chem_comp.mon_nstd_flag 
_chem_comp.name 
_chem_comp.pdbx_synonyms 
_chem_comp.formula 
_chem_comp.formula_weight 
ARG 'L-peptide linking' y ARGININE                             ? 'C6 H15 N4 O2 1'  175.209 
DA  'DNA linking'       y "2'-DEOXYADENOSINE-5'-MONOPHOSPHATE" ? 'C10 H14 N5 O6 P' 331.222 
DC  'DNA linking'       y "2'-DEOXYCYTIDINE-5'-MONOPHOSPHATE"  ? 'C9 H14 N3 O7 P'  307.197 
DG  'DNA linking'       y "2'-DEOXYGUANOSINE-5'-MONOPHOSPHATE" ? 'C10 H14 N5 O7 P' 347.221 
DT  'DNA linking'       y "THYMIDINE-5'-MONOPHOSPHATE"         ? 'C10 H15 N2 O8 P' 322.208 
GLY 'peptide linking'   y GLYCINE                              ? 'C2 H5 N O2'      75.067  
LYS 'L-peptide linking' y LYSINE                               ? 'C6 H15 N2 O2 1'  147.195 
PRO 'L-peptide linking' y PROLINE                              ? 'C5 H9 N O2'      115.130 
# 
loop_
_pdbx_poly_seq_scheme.asym_id 
_pdbx_poly_seq_scheme.entity_id 
_pdbx_poly_seq_scheme.seq_id 
_pdbx_poly_seq_scheme.mon_id 
_pdbx_poly_seq_scheme.ndb_seq_num 
_pdbx_poly_seq_scheme.pdb_seq_num 
_pdbx_poly_seq_scheme.auth_seq_num 
_pdbx_poly_seq_scheme.pdb_mon_id 
_pdbx_poly_seq_scheme.auth_mon_id 
_pdbx_poly_seq_scheme.pdb_strand_id 
_pdbx_poly_seq_scheme.pdb_ins_code 
_pdbx_poly_seq_scheme.hetero 
A 1 1  DG  1  301 301 DG  G   B . n 
A 1 2  DG  2  302 302 DG  G   B . n 
A 1 3  DG  3  303 303 DG  G   B . n 
A 1 4  DA  4  304 304 DA  A   B . n 
A 1 5  DA  5  305 305 DA  A   B . n 
A 1 6  DA  6  306 306 DA  A   B . n 
A 1 7  DT  7  307 307 DT  T   B . n 
A 1 8  DT  8  308 308 DT  T   B . n 
A 1 9  DC  9  309 309 DC  C   B . n 
A 1 10 DC  10 310 310 DC  C   B . n 
A 1 11 DT  11 311 311 DT  T   B . n 
A 1 12 DC  12 312 312 DC  C   B . n 
B 2 1  DG  1  313 313 DG  G   C . n 
B 2 2  DA  2  314 314 DA  A   C . n 
B 2 3  DG  3  315 315 DG  G   C . n 
B 2 4  DG  4  316 316 DG  G   C . n 
B 2 5  DA  5  317 317 DA  A   C . n 
B 2 6  DA  6  318 318 DA  A   C . n 
B 2 7  DT  7  319 319 DT  T   C . n 
B 2 8  DT  8  320 320 DT  T   C . n 
B 2 9  DT  9  321 321 DT  T   C . n 
B 2 10 DC  10 322 322 DC  C   C . n 
B 2 11 DC  11 323 323 DC  C   C . n 
B 2 12 DC  12 324 324 DC  C   C . n 
C 3 1  GLY 1  32  32  GLY GLY A . n 
C 3 2  ARG 2  33  33  ARG ARG A . n 
C 3 3  LYS 3  34  34  LYS LYS A . n 
C 3 4  PRO 4  35  35  PRO PRO A . n 
C 3 5  ARG 5  36  36  ARG ARG A . n 
C 3 6  GLY 6  37  37  GLY GLY A . n 
C 3 7  ARG 7  38  38  ARG ARG A . n 
C 3 8  PRO 8  39  39  PRO PRO A . n 
C 3 9  LYS 9  40  40  LYS LYS A . n 
C 3 10 LYS 10 41  41  LYS LYS A . n 
# 
loop_
_software.name 
_software.classification 
_software.version 
_software.citation_id 
_software.pdbx_ordinal 
X-PLOR 'model building' 3.1 ? 1 
X-PLOR refinement       3.1 ? 2 
X-PLOR phasing          3.1 ? 3 
# 
_cell.entry_id           2EZF 
_cell.length_a           1.000 
_cell.length_b           1.000 
_cell.length_c           1.000 
_cell.angle_alpha        90.00 
_cell.angle_beta         90.00 
_cell.angle_gamma        90.00 
_cell.Z_PDB              1 
_cell.pdbx_unique_axis   ? 
# 
_symmetry.entry_id                         2EZF 
_symmetry.space_group_name_H-M             'P 1' 
_symmetry.pdbx_full_space_group_name_H-M   ? 
_symmetry.cell_setting                     ? 
_symmetry.Int_Tables_number                1 
# 
_exptl.entry_id          2EZF 
_exptl.method            'SOLUTION NMR' 
_exptl.crystals_number   ? 
# 
_struct.entry_id                  2EZF 
_struct.title                     
;SOLUTION STRUCTURE OF A COMPLEX OF THE THIRD DNA BINDING DOMAIN OF HUMAN HMG-I(Y) BOUND TO DNA DODECAMER CONTAINING THE PRDII SITE OF THE INTERFERON-BETA PROMOTER, NMR, MINIMIZED AVERAGE STRUCTURE
;
_struct.pdbx_model_details        ? 
_struct.pdbx_CASP_flag            ? 
_struct.pdbx_model_type_details   ? 
# 
_struct_keywords.entry_id        2EZF 
_struct_keywords.pdbx_keywords   'DNA BINDING PROTEIN/DNA' 
_struct_keywords.text            
;DNA BINDING PROTEIN, MINOR GROOVE DNA BINDING, TRANSCRIPTIONAL CO-ACTIVATOR, ARCHITECTURAL FACTOR, COMPLEX (DNA-BINDING PROTEIN-DNA), DNA BINDING PROTEIN-DNA COMPLEX
;
# 
loop_
_struct_asym.id 
_struct_asym.pdbx_blank_PDB_chainid_flag 
_struct_asym.pdbx_modified 
_struct_asym.entity_id 
_struct_asym.details 
A N N 1 ? 
B N N 2 ? 
C N N 3 ? 
# 
loop_
_struct_ref.id 
_struct_ref.db_name 
_struct_ref.db_code 
_struct_ref.entity_id 
_struct_ref.pdbx_seq_one_letter_code 
_struct_ref.pdbx_align_begin 
_struct_ref.pdbx_db_accession 
_struct_ref.pdbx_db_isoform 
1 UNP HMGIY_HUMAN 3 ? ? P17096 ? 
2 PDB 2EZF        1 ? ? 2EZF   ? 
3 PDB 2EZF        2 ? ? 2EZF   ? 
# 
loop_
_struct_ref_seq.align_id 
_struct_ref_seq.ref_id 
_struct_ref_seq.pdbx_PDB_id_code 
_struct_ref_seq.pdbx_strand_id 
_struct_ref_seq.seq_align_beg 
_struct_ref_seq.pdbx_seq_align_beg_ins_code 
_struct_ref_seq.seq_align_end 
_struct_ref_seq.pdbx_seq_align_end_ins_code 
_struct_ref_seq.pdbx_db_accession 
_struct_ref_seq.db_align_beg 
_struct_ref_seq.pdbx_db_align_beg_ins_code 
_struct_ref_seq.db_align_end 
_struct_ref_seq.pdbx_db_align_end_ins_code 
_struct_ref_seq.pdbx_auth_seq_align_beg 
_struct_ref_seq.pdbx_auth_seq_align_end 
1 1 2EZF A 1 ? 10 ? P17096 68  ? 77  ? 32  41  
2 2 2EZF B 1 ? 12 ? 2EZF   301 ? 312 ? 301 312 
3 3 2EZF C 1 ? 12 ? 2EZF   313 ? 324 ? 313 324 
# 
_pdbx_struct_assembly.id                   1 
_pdbx_struct_assembly.details              author_defined_assembly 
_pdbx_struct_assembly.method_details       ? 
_pdbx_struct_assembly.oligomeric_details   trimeric 
_pdbx_struct_assembly.oligomeric_count     3 
# 
_pdbx_struct_assembly_gen.assembly_id       1 
_pdbx_struct_assembly_gen.oper_expression   1 
_pdbx_struct_assembly_gen.asym_id_list      A,B,C 
# 
_pdbx_struct_oper_list.id                   1 
_pdbx_struct_oper_list.type                 'identity operation' 
_pdbx_struct_oper_list.name                 1_555 
_pdbx_struct_oper_list.symmetry_operation   x,y,z 
_pdbx_struct_oper_list.matrix[1][1]         1.0000000000 
_pdbx_struct_oper_list.matrix[1][2]         0.0000000000 
_pdbx_struct_oper_list.matrix[1][3]         0.0000000000 
_pdbx_struct_oper_list.vector[1]            0.0000000000 
_pdbx_struct_oper_list.matrix[2][1]         0.0000000000 
_pdbx_struct_oper_list.matrix[2][2]         1.0000000000 
_pdbx_struct_oper_list.matrix[2][3]         0.0000000000 
_pdbx_struct_oper_list.vector[2]            0.0000000000 
_pdbx_struct_oper_list.matrix[3][1]         0.0000000000 
_pdbx_struct_oper_list.matrix[3][2]         0.0000000000 
_pdbx_struct_oper_list.matrix[3][3]         1.0000000000 
_pdbx_struct_oper_list.vector[3]            0.0000000000 
# 
_struct_biol.id   1 
# 
loop_
_struct_conn.id 
_struct_conn.conn_type_id 
_struct_conn.pdbx_leaving_atom_flag 
_struct_conn.pdbx_PDB_id 
_struct_conn.ptnr1_label_asym_id 
_struct_conn.ptnr1_label_comp_id 
_struct_conn.ptnr1_label_seq_id 
_struct_conn.ptnr1_label_atom_id 
_struct_conn.pdbx_ptnr1_label_alt_id 
_struct_conn.pdbx_ptnr1_PDB_ins_code 
_struct_conn.pdbx_ptnr1_standard_comp_id 
_struct_conn.ptnr1_symmetry 
_struct_conn.ptnr2_label_asym_id 
_struct_conn.ptnr2_label_comp_id 
_struct_conn.ptnr2_label_seq_id 
_struct_conn.ptnr2_label_atom_id 
_struct_conn.pdbx_ptnr2_label_alt_id 
_struct_conn.pdbx_ptnr2_PDB_ins_code 
_struct_conn.ptnr1_auth_asym_id 
_struct_conn.ptnr1_auth_comp_id 
_struct_conn.ptnr1_auth_seq_id 
_struct_conn.ptnr2_auth_asym_id 
_struct_conn.ptnr2_auth_comp_id 
_struct_conn.ptnr2_auth_seq_id 
_struct_conn.ptnr2_symmetry 
_struct_conn.pdbx_ptnr3_label_atom_id 
_struct_conn.pdbx_ptnr3_label_seq_id 
_struct_conn.pdbx_ptnr3_label_comp_id 
_struct_conn.pdbx_ptnr3_label_asym_id 
_struct_conn.pdbx_ptnr3_label_alt_id 
_struct_conn.pdbx_ptnr3_PDB_ins_code 
_struct_conn.details 
_struct_conn.pdbx_dist_value 
_struct_conn.pdbx_value_order 
_struct_conn.pdbx_role 
hydrog1  hydrog ? ? A DG 1  N1 ? ? ? 1_555 B DC 12 N3 ? ? B DG 301 C DC 324 1_555 ? ? ? ? ? ? WATSON-CRICK ? ? ? 
hydrog2  hydrog ? ? A DG 1  N2 ? ? ? 1_555 B DC 12 O2 ? ? B DG 301 C DC 324 1_555 ? ? ? ? ? ? WATSON-CRICK ? ? ? 
hydrog3  hydrog ? ? A DG 1  O6 ? ? ? 1_555 B DC 12 N4 ? ? B DG 301 C DC 324 1_555 ? ? ? ? ? ? WATSON-CRICK ? ? ? 
hydrog4  hydrog ? ? A DG 2  N1 ? ? ? 1_555 B DC 11 N3 ? ? B DG 302 C DC 323 1_555 ? ? ? ? ? ? WATSON-CRICK ? ? ? 
hydrog5  hydrog ? ? A DG 2  N2 ? ? ? 1_555 B DC 11 O2 ? ? B DG 302 C DC 323 1_555 ? ? ? ? ? ? WATSON-CRICK ? ? ? 
hydrog6  hydrog ? ? A DG 2  O6 ? ? ? 1_555 B DC 11 N4 ? ? B DG 302 C DC 323 1_555 ? ? ? ? ? ? WATSON-CRICK ? ? ? 
hydrog7  hydrog ? ? A DG 3  N1 ? ? ? 1_555 B DC 10 N3 ? ? B DG 303 C DC 322 1_555 ? ? ? ? ? ? WATSON-CRICK ? ? ? 
hydrog8  hydrog ? ? A DG 3  N2 ? ? ? 1_555 B DC 10 O2 ? ? B DG 303 C DC 322 1_555 ? ? ? ? ? ? WATSON-CRICK ? ? ? 
hydrog9  hydrog ? ? A DG 3  O6 ? ? ? 1_555 B DC 10 N4 ? ? B DG 303 C DC 322 1_555 ? ? ? ? ? ? WATSON-CRICK ? ? ? 
hydrog10 hydrog ? ? A DA 4  N1 ? ? ? 1_555 B DT 9  N3 ? ? B DA 304 C DT 321 1_555 ? ? ? ? ? ? WATSON-CRICK ? ? ? 
hydrog11 hydrog ? ? A DA 4  N6 ? ? ? 1_555 B DT 9  O4 ? ? B DA 304 C DT 321 1_555 ? ? ? ? ? ? WATSON-CRICK ? ? ? 
hydrog12 hydrog ? ? A DA 5  N1 ? ? ? 1_555 B DT 8  N3 ? ? B DA 305 C DT 320 1_555 ? ? ? ? ? ? WATSON-CRICK ? ? ? 
hydrog13 hydrog ? ? A DA 5  N6 ? ? ? 1_555 B DT 8  O4 ? ? B DA 305 C DT 320 1_555 ? ? ? ? ? ? WATSON-CRICK ? ? ? 
hydrog14 hydrog ? ? A DA 6  N1 ? ? ? 1_555 B DT 7  N3 ? ? B DA 306 C DT 319 1_555 ? ? ? ? ? ? WATSON-CRICK ? ? ? 
hydrog15 hydrog ? ? A DA 6  N6 ? ? ? 1_555 B DT 7  O4 ? ? B DA 306 C DT 319 1_555 ? ? ? ? ? ? WATSON-CRICK ? ? ? 
hydrog16 hydrog ? ? A DT 7  N3 ? ? ? 1_555 B DA 6  N1 ? ? B DT 307 C DA 318 1_555 ? ? ? ? ? ? WATSON-CRICK ? ? ? 
hydrog17 hydrog ? ? A DT 7  O4 ? ? ? 1_555 B DA 6  N6 ? ? B DT 307 C DA 318 1_555 ? ? ? ? ? ? WATSON-CRICK ? ? ? 
hydrog18 hydrog ? ? A DT 8  N3 ? ? ? 1_555 B DA 5  N1 ? ? B DT 308 C DA 317 1_555 ? ? ? ? ? ? WATSON-CRICK ? ? ? 
hydrog19 hydrog ? ? A DT 8  O4 ? ? ? 1_555 B DA 5  N6 ? ? B DT 308 C DA 317 1_555 ? ? ? ? ? ? WATSON-CRICK ? ? ? 
hydrog20 hydrog ? ? A DC 9  N3 ? ? ? 1_555 B DG 4  N1 ? ? B DC 309 C DG 316 1_555 ? ? ? ? ? ? WATSON-CRICK ? ? ? 
hydrog21 hydrog ? ? A DC 9  N4 ? ? ? 1_555 B DG 4  O6 ? ? B DC 309 C DG 316 1_555 ? ? ? ? ? ? WATSON-CRICK ? ? ? 
hydrog22 hydrog ? ? A DC 9  O2 ? ? ? 1_555 B DG 4  N2 ? ? B DC 309 C DG 316 1_555 ? ? ? ? ? ? WATSON-CRICK ? ? ? 
hydrog23 hydrog ? ? A DC 10 N3 ? ? ? 1_555 B DG 3  N1 ? ? B DC 310 C DG 315 1_555 ? ? ? ? ? ? WATSON-CRICK ? ? ? 
hydrog24 hydrog ? ? A DC 10 N4 ? ? ? 1_555 B DG 3  O6 ? ? B DC 310 C DG 315 1_555 ? ? ? ? ? ? WATSON-CRICK ? ? ? 
hydrog25 hydrog ? ? A DC 10 O2 ? ? ? 1_555 B DG 3  N2 ? ? B DC 310 C DG 315 1_555 ? ? ? ? ? ? WATSON-CRICK ? ? ? 
hydrog26 hydrog ? ? A DT 11 N3 ? ? ? 1_555 B DA 2  N1 ? ? B DT 311 C DA 314 1_555 ? ? ? ? ? ? WATSON-CRICK ? ? ? 
hydrog27 hydrog ? ? A DT 11 O4 ? ? ? 1_555 B DA 2  N6 ? ? B DT 311 C DA 314 1_555 ? ? ? ? ? ? WATSON-CRICK ? ? ? 
hydrog28 hydrog ? ? A DC 12 N3 ? ? ? 1_555 B DG 1  N1 ? ? B DC 312 C DG 313 1_555 ? ? ? ? ? ? WATSON-CRICK ? ? ? 
hydrog29 hydrog ? ? A DC 12 N4 ? ? ? 1_555 B DG 1  O6 ? ? B DC 312 C DG 313 1_555 ? ? ? ? ? ? WATSON-CRICK ? ? ? 
hydrog30 hydrog ? ? A DC 12 O2 ? ? ? 1_555 B DG 1  N2 ? ? B DC 312 C DG 313 1_555 ? ? ? ? ? ? WATSON-CRICK ? ? ? 
# 
_struct_conn_type.id          hydrog 
_struct_conn_type.criteria    ? 
_struct_conn_type.reference   ? 
# 
loop_
_pdbx_validate_torsion.id 
_pdbx_validate_torsion.PDB_model_num 
_pdbx_validate_torsion.auth_comp_id 
_pdbx_validate_torsion.auth_asym_id 
_pdbx_validate_torsion.auth_seq_id 
_pdbx_validate_torsion.PDB_ins_code 
_pdbx_validate_torsion.label_alt_id 
_pdbx_validate_torsion.phi 
_pdbx_validate_torsion.psi 
1 1 PRO A 35 ? ? -69.98 -177.76 
2 1 PRO A 39 ? ? -45.61 154.72  
# 
_pdbx_nmr_ensemble.entry_id                             2EZF 
_pdbx_nmr_ensemble.conformers_calculated_total_number   35 
_pdbx_nmr_ensemble.conformers_submitted_total_number    1 
_pdbx_nmr_ensemble.conformer_selection_criteria         ? 
# 
_pdbx_nmr_exptl_sample_conditions.conditions_id       1 
_pdbx_nmr_exptl_sample_conditions.temperature         306 
_pdbx_nmr_exptl_sample_conditions.pressure            ? 
_pdbx_nmr_exptl_sample_conditions.pH                  6.1 
_pdbx_nmr_exptl_sample_conditions.ionic_strength      ? 
_pdbx_nmr_exptl_sample_conditions.pressure_units      . 
_pdbx_nmr_exptl_sample_conditions.temperature_units   K 
# 
_pdbx_nmr_details.entry_id   2EZF 
_pdbx_nmr_details.text       
;DATA WERE RECORDED ON A 2:1 COMPLEX OF DNA DODECAMER TO
HMG-I(Y) 50-91 WHICH CONTAINS THE SECOND AND THIRD DNA
DNA BINDING DOMAINS.  EACH DNA BINDING DOMAIN BINDS TO
1 MOLECULE OF DNA.
;
# 
_pdbx_nmr_refine.entry_id           2EZF 
_pdbx_nmr_refine.method             'simulated annealing' 
_pdbx_nmr_refine.details            
;THE STRUCTURES WERE CALCULATED USING THE SIMULATED
 ANNEALING PROTOCOL OF NILGES ET AL.  (1988) FEBS LETT.
 229, 129 - 136 USING THE PROGRAM X-PLOR 3.1 (BRUNGER)
 MODIFIED TO INCORPORATE COUPLING CONSTANT (GARRETT ET AL.
 (1984) J.  MAGN RESON.  SERIES B 104, 99 - 103), CARBON
 CHEMICAL SHIFT (KUSZEWSKI ET AL.  (1995) J.  MAGN.  RESON.
 SERIES B 106, 92 - 96) RESTRAINTS AND A CONFORMATIONAL
 DATABASE
 POTENTIAL (KUSZEWSKI ET AL. (1996) PROTEIN SCI 5, 1067 -
 1080
 AND (1997) J. MAGN. RESON. 125, 171-177)
 THE 3D STRUCTURE OF THE COMPLEX OF THE THIRD DNA BINDING
 DOMAIN OF HMG-I(Y)
 COMPLEXED TO DNA WAS SOLVED BY
 MULTI-DIMENSIONAL HETERONUCLEAR-EDITED AND -FILTERED NMR
 (A) PROTEIN:  31 SEQUENTIAL (|I-J|=1), 2 MEDIUM
 RANGE (1 < |I-J| >=5) AND 22 INTRARESIDUE
 APPROXIMATE INTERPROTON DISTANCE RESTRAINTS; NULL
 17 TORSION ANGLE RESTRAINTS
 6 THREE-BOND HN-HA  AND 3 THREE_BOND COCO COUPLING
 CONSTANT RESTRAINTS; 17 (9 CALPHA AND 8 CBETA) 13C
 SHIFT RESTRAINTS.
 (B) DNA: 249 INTRARESIDUE, 119 SEQUENTIAL INTRASTRAND AND
 33 INTERSTRAND INTERPROTON DISTANCE RESTRAINTS; 42
 DISTANCES FOR WATSON-CRICK BASE PAIR HYDROGEN BONDS; 136
 TORSION ANGLE RESTRAINTS
 (C) 34 INTERMOLECULAR INTERPROTON DISTANCE RESTRAINTS
 (D) 4 INTERMOLECULAR DISTANCE RESTRAINTS TO PHOSPHATES
 (E) 28 'REPULSIVE' RESTRAINTS

THE STRUCTURE IN THIS ENTRY IS THE RESTRAINED REGULARIZED
MEAN STRUCTURE.  THE LAST NUMERIC COLUMN REPRESENTS THE
RMS OF THE 35 INDIVIDUAL SIMULATED ANNEALING STRUCTURES
FOUND IN PDB ENTRY 2EZF ABOUT THE MEAN COORDINATE
POSITIONS.  THE LAST NUMERIC COLUMN IN THE INDIVIDUAL SA
STRUCTURES HAS NO MEANING.

RESIDUES 32 - 41 OF THE PROTEIN CORRESPOND TO RESIDUES 79 -
88 OF INTACT HMG-I(Y).
;
_pdbx_nmr_refine.software_ordinal   1 
# 
loop_
_pdbx_nmr_software.classification 
_pdbx_nmr_software.name 
_pdbx_nmr_software.version 
_pdbx_nmr_software.authors 
_pdbx_nmr_software.ordinal 
refinement           X-PLOR           3.1      BRUNGER 1 
'structure solution' 'XPLOR MODIFIED' MODIFIED ?       2 
# 
loop_
_chem_comp_atom.comp_id 
_chem_comp_atom.atom_id 
_chem_comp_atom.type_symbol 
_chem_comp_atom.pdbx_aromatic_flag 
_chem_comp_atom.pdbx_stereo_config 
_chem_comp_atom.pdbx_ordinal 
ARG N      N N N 1   
ARG CA     C N S 2   
ARG C      C N N 3   
ARG O      O N N 4   
ARG CB     C N N 5   
ARG CG     C N N 6   
ARG CD     C N N 7   
ARG NE     N N N 8   
ARG CZ     C N N 9   
ARG NH1    N N N 10  
ARG NH2    N N N 11  
ARG OXT    O N N 12  
ARG H      H N N 13  
ARG H2     H N N 14  
ARG HA     H N N 15  
ARG HB2    H N N 16  
ARG HB3    H N N 17  
ARG HG2    H N N 18  
ARG HG3    H N N 19  
ARG HD2    H N N 20  
ARG HD3    H N N 21  
ARG HE     H N N 22  
ARG HH11   H N N 23  
ARG HH12   H N N 24  
ARG HH21   H N N 25  
ARG HH22   H N N 26  
ARG HXT    H N N 27  
DA  OP3    O N N 28  
DA  P      P N N 29  
DA  OP1    O N N 30  
DA  OP2    O N N 31  
DA  "O5'"  O N N 32  
DA  "C5'"  C N N 33  
DA  "C4'"  C N R 34  
DA  "O4'"  O N N 35  
DA  "C3'"  C N S 36  
DA  "O3'"  O N N 37  
DA  "C2'"  C N N 38  
DA  "C1'"  C N R 39  
DA  N9     N Y N 40  
DA  C8     C Y N 41  
DA  N7     N Y N 42  
DA  C5     C Y N 43  
DA  C6     C Y N 44  
DA  N6     N N N 45  
DA  N1     N Y N 46  
DA  C2     C Y N 47  
DA  N3     N Y N 48  
DA  C4     C Y N 49  
DA  HOP3   H N N 50  
DA  HOP2   H N N 51  
DA  "H5'"  H N N 52  
DA  "H5''" H N N 53  
DA  "H4'"  H N N 54  
DA  "H3'"  H N N 55  
DA  "HO3'" H N N 56  
DA  "H2'"  H N N 57  
DA  "H2''" H N N 58  
DA  "H1'"  H N N 59  
DA  H8     H N N 60  
DA  H61    H N N 61  
DA  H62    H N N 62  
DA  H2     H N N 63  
DC  OP3    O N N 64  
DC  P      P N N 65  
DC  OP1    O N N 66  
DC  OP2    O N N 67  
DC  "O5'"  O N N 68  
DC  "C5'"  C N N 69  
DC  "C4'"  C N R 70  
DC  "O4'"  O N N 71  
DC  "C3'"  C N S 72  
DC  "O3'"  O N N 73  
DC  "C2'"  C N N 74  
DC  "C1'"  C N R 75  
DC  N1     N N N 76  
DC  C2     C N N 77  
DC  O2     O N N 78  
DC  N3     N N N 79  
DC  C4     C N N 80  
DC  N4     N N N 81  
DC  C5     C N N 82  
DC  C6     C N N 83  
DC  HOP3   H N N 84  
DC  HOP2   H N N 85  
DC  "H5'"  H N N 86  
DC  "H5''" H N N 87  
DC  "H4'"  H N N 88  
DC  "H3'"  H N N 89  
DC  "HO3'" H N N 90  
DC  "H2'"  H N N 91  
DC  "H2''" H N N 92  
DC  "H1'"  H N N 93  
DC  H41    H N N 94  
DC  H42    H N N 95  
DC  H5     H N N 96  
DC  H6     H N N 97  
DG  OP3    O N N 98  
DG  P      P N N 99  
DG  OP1    O N N 100 
DG  OP2    O N N 101 
DG  "O5'"  O N N 102 
DG  "C5'"  C N N 103 
DG  "C4'"  C N R 104 
DG  "O4'"  O N N 105 
DG  "C3'"  C N S 106 
DG  "O3'"  O N N 107 
DG  "C2'"  C N N 108 
DG  "C1'"  C N R 109 
DG  N9     N Y N 110 
DG  C8     C Y N 111 
DG  N7     N Y N 112 
DG  C5     C Y N 113 
DG  C6     C N N 114 
DG  O6     O N N 115 
DG  N1     N N N 116 
DG  C2     C N N 117 
DG  N2     N N N 118 
DG  N3     N N N 119 
DG  C4     C Y N 120 
DG  HOP3   H N N 121 
DG  HOP2   H N N 122 
DG  "H5'"  H N N 123 
DG  "H5''" H N N 124 
DG  "H4'"  H N N 125 
DG  "H3'"  H N N 126 
DG  "HO3'" H N N 127 
DG  "H2'"  H N N 128 
DG  "H2''" H N N 129 
DG  "H1'"  H N N 130 
DG  H8     H N N 131 
DG  H1     H N N 132 
DG  H21    H N N 133 
DG  H22    H N N 134 
DT  OP3    O N N 135 
DT  P      P N N 136 
DT  OP1    O N N 137 
DT  OP2    O N N 138 
DT  "O5'"  O N N 139 
DT  "C5'"  C N N 140 
DT  "C4'"  C N R 141 
DT  "O4'"  O N N 142 
DT  "C3'"  C N S 143 
DT  "O3'"  O N N 144 
DT  "C2'"  C N N 145 
DT  "C1'"  C N R 146 
DT  N1     N N N 147 
DT  C2     C N N 148 
DT  O2     O N N 149 
DT  N3     N N N 150 
DT  C4     C N N 151 
DT  O4     O N N 152 
DT  C5     C N N 153 
DT  C7     C N N 154 
DT  C6     C N N 155 
DT  HOP3   H N N 156 
DT  HOP2   H N N 157 
DT  "H5'"  H N N 158 
DT  "H5''" H N N 159 
DT  "H4'"  H N N 160 
DT  "H3'"  H N N 161 
DT  "HO3'" H N N 162 
DT  "H2'"  H N N 163 
DT  "H2''" H N N 164 
DT  "H1'"  H N N 165 
DT  H3     H N N 166 
DT  H71    H N N 167 
DT  H72    H N N 168 
DT  H73    H N N 169 
DT  H6     H N N 170 
GLY N      N N N 171 
GLY CA     C N N 172 
GLY C      C N N 173 
GLY O      O N N 174 
GLY OXT    O N N 175 
GLY H      H N N 176 
GLY H2     H N N 177 
GLY HA2    H N N 178 
GLY HA3    H N N 179 
GLY HXT    H N N 180 
LYS N      N N N 181 
LYS CA     C N S 182 
LYS C      C N N 183 
LYS O      O N N 184 
LYS CB     C N N 185 
LYS CG     C N N 186 
LYS CD     C N N 187 
LYS CE     C N N 188 
LYS NZ     N N N 189 
LYS OXT    O N N 190 
LYS H      H N N 191 
LYS H2     H N N 192 
LYS HA     H N N 193 
LYS HB2    H N N 194 
LYS HB3    H N N 195 
LYS HG2    H N N 196 
LYS HG3    H N N 197 
LYS HD2    H N N 198 
LYS HD3    H N N 199 
LYS HE2    H N N 200 
LYS HE3    H N N 201 
LYS HZ1    H N N 202 
LYS HZ2    H N N 203 
LYS HZ3    H N N 204 
LYS HXT    H N N 205 
PRO N      N N N 206 
PRO CA     C N S 207 
PRO C      C N N 208 
PRO O      O N N 209 
PRO CB     C N N 210 
PRO CG     C N N 211 
PRO CD     C N N 212 
PRO OXT    O N N 213 
PRO H      H N N 214 
PRO HA     H N N 215 
PRO HB2    H N N 216 
PRO HB3    H N N 217 
PRO HG2    H N N 218 
PRO HG3    H N N 219 
PRO HD2    H N N 220 
PRO HD3    H N N 221 
PRO HXT    H N N 222 
# 
loop_
_chem_comp_bond.comp_id 
_chem_comp_bond.atom_id_1 
_chem_comp_bond.atom_id_2 
_chem_comp_bond.value_order 
_chem_comp_bond.pdbx_aromatic_flag 
_chem_comp_bond.pdbx_stereo_config 
_chem_comp_bond.pdbx_ordinal 
ARG N     CA     sing N N 1   
ARG N     H      sing N N 2   
ARG N     H2     sing N N 3   
ARG CA    C      sing N N 4   
ARG CA    CB     sing N N 5   
ARG CA    HA     sing N N 6   
ARG C     O      doub N N 7   
ARG C     OXT    sing N N 8   
ARG CB    CG     sing N N 9   
ARG CB    HB2    sing N N 10  
ARG CB    HB3    sing N N 11  
ARG CG    CD     sing N N 12  
ARG CG    HG2    sing N N 13  
ARG CG    HG3    sing N N 14  
ARG CD    NE     sing N N 15  
ARG CD    HD2    sing N N 16  
ARG CD    HD3    sing N N 17  
ARG NE    CZ     sing N N 18  
ARG NE    HE     sing N N 19  
ARG CZ    NH1    sing N N 20  
ARG CZ    NH2    doub N N 21  
ARG NH1   HH11   sing N N 22  
ARG NH1   HH12   sing N N 23  
ARG NH2   HH21   sing N N 24  
ARG NH2   HH22   sing N N 25  
ARG OXT   HXT    sing N N 26  
DA  OP3   P      sing N N 27  
DA  OP3   HOP3   sing N N 28  
DA  P     OP1    doub N N 29  
DA  P     OP2    sing N N 30  
DA  P     "O5'"  sing N N 31  
DA  OP2   HOP2   sing N N 32  
DA  "O5'" "C5'"  sing N N 33  
DA  "C5'" "C4'"  sing N N 34  
DA  "C5'" "H5'"  sing N N 35  
DA  "C5'" "H5''" sing N N 36  
DA  "C4'" "O4'"  sing N N 37  
DA  "C4'" "C3'"  sing N N 38  
DA  "C4'" "H4'"  sing N N 39  
DA  "O4'" "C1'"  sing N N 40  
DA  "C3'" "O3'"  sing N N 41  
DA  "C3'" "C2'"  sing N N 42  
DA  "C3'" "H3'"  sing N N 43  
DA  "O3'" "HO3'" sing N N 44  
DA  "C2'" "C1'"  sing N N 45  
DA  "C2'" "H2'"  sing N N 46  
DA  "C2'" "H2''" sing N N 47  
DA  "C1'" N9     sing N N 48  
DA  "C1'" "H1'"  sing N N 49  
DA  N9    C8     sing Y N 50  
DA  N9    C4     sing Y N 51  
DA  C8    N7     doub Y N 52  
DA  C8    H8     sing N N 53  
DA  N7    C5     sing Y N 54  
DA  C5    C6     sing Y N 55  
DA  C5    C4     doub Y N 56  
DA  C6    N6     sing N N 57  
DA  C6    N1     doub Y N 58  
DA  N6    H61    sing N N 59  
DA  N6    H62    sing N N 60  
DA  N1    C2     sing Y N 61  
DA  C2    N3     doub Y N 62  
DA  C2    H2     sing N N 63  
DA  N3    C4     sing Y N 64  
DC  OP3   P      sing N N 65  
DC  OP3   HOP3   sing N N 66  
DC  P     OP1    doub N N 67  
DC  P     OP2    sing N N 68  
DC  P     "O5'"  sing N N 69  
DC  OP2   HOP2   sing N N 70  
DC  "O5'" "C5'"  sing N N 71  
DC  "C5'" "C4'"  sing N N 72  
DC  "C5'" "H5'"  sing N N 73  
DC  "C5'" "H5''" sing N N 74  
DC  "C4'" "O4'"  sing N N 75  
DC  "C4'" "C3'"  sing N N 76  
DC  "C4'" "H4'"  sing N N 77  
DC  "O4'" "C1'"  sing N N 78  
DC  "C3'" "O3'"  sing N N 79  
DC  "C3'" "C2'"  sing N N 80  
DC  "C3'" "H3'"  sing N N 81  
DC  "O3'" "HO3'" sing N N 82  
DC  "C2'" "C1'"  sing N N 83  
DC  "C2'" "H2'"  sing N N 84  
DC  "C2'" "H2''" sing N N 85  
DC  "C1'" N1     sing N N 86  
DC  "C1'" "H1'"  sing N N 87  
DC  N1    C2     sing N N 88  
DC  N1    C6     sing N N 89  
DC  C2    O2     doub N N 90  
DC  C2    N3     sing N N 91  
DC  N3    C4     doub N N 92  
DC  C4    N4     sing N N 93  
DC  C4    C5     sing N N 94  
DC  N4    H41    sing N N 95  
DC  N4    H42    sing N N 96  
DC  C5    C6     doub N N 97  
DC  C5    H5     sing N N 98  
DC  C6    H6     sing N N 99  
DG  OP3   P      sing N N 100 
DG  OP3   HOP3   sing N N 101 
DG  P     OP1    doub N N 102 
DG  P     OP2    sing N N 103 
DG  P     "O5'"  sing N N 104 
DG  OP2   HOP2   sing N N 105 
DG  "O5'" "C5'"  sing N N 106 
DG  "C5'" "C4'"  sing N N 107 
DG  "C5'" "H5'"  sing N N 108 
DG  "C5'" "H5''" sing N N 109 
DG  "C4'" "O4'"  sing N N 110 
DG  "C4'" "C3'"  sing N N 111 
DG  "C4'" "H4'"  sing N N 112 
DG  "O4'" "C1'"  sing N N 113 
DG  "C3'" "O3'"  sing N N 114 
DG  "C3'" "C2'"  sing N N 115 
DG  "C3'" "H3'"  sing N N 116 
DG  "O3'" "HO3'" sing N N 117 
DG  "C2'" "C1'"  sing N N 118 
DG  "C2'" "H2'"  sing N N 119 
DG  "C2'" "H2''" sing N N 120 
DG  "C1'" N9     sing N N 121 
DG  "C1'" "H1'"  sing N N 122 
DG  N9    C8     sing Y N 123 
DG  N9    C4     sing Y N 124 
DG  C8    N7     doub Y N 125 
DG  C8    H8     sing N N 126 
DG  N7    C5     sing Y N 127 
DG  C5    C6     sing N N 128 
DG  C5    C4     doub Y N 129 
DG  C6    O6     doub N N 130 
DG  C6    N1     sing N N 131 
DG  N1    C2     sing N N 132 
DG  N1    H1     sing N N 133 
DG  C2    N2     sing N N 134 
DG  C2    N3     doub N N 135 
DG  N2    H21    sing N N 136 
DG  N2    H22    sing N N 137 
DG  N3    C4     sing N N 138 
DT  OP3   P      sing N N 139 
DT  OP3   HOP3   sing N N 140 
DT  P     OP1    doub N N 141 
DT  P     OP2    sing N N 142 
DT  P     "O5'"  sing N N 143 
DT  OP2   HOP2   sing N N 144 
DT  "O5'" "C5'"  sing N N 145 
DT  "C5'" "C4'"  sing N N 146 
DT  "C5'" "H5'"  sing N N 147 
DT  "C5'" "H5''" sing N N 148 
DT  "C4'" "O4'"  sing N N 149 
DT  "C4'" "C3'"  sing N N 150 
DT  "C4'" "H4'"  sing N N 151 
DT  "O4'" "C1'"  sing N N 152 
DT  "C3'" "O3'"  sing N N 153 
DT  "C3'" "C2'"  sing N N 154 
DT  "C3'" "H3'"  sing N N 155 
DT  "O3'" "HO3'" sing N N 156 
DT  "C2'" "C1'"  sing N N 157 
DT  "C2'" "H2'"  sing N N 158 
DT  "C2'" "H2''" sing N N 159 
DT  "C1'" N1     sing N N 160 
DT  "C1'" "H1'"  sing N N 161 
DT  N1    C2     sing N N 162 
DT  N1    C6     sing N N 163 
DT  C2    O2     doub N N 164 
DT  C2    N3     sing N N 165 
DT  N3    C4     sing N N 166 
DT  N3    H3     sing N N 167 
DT  C4    O4     doub N N 168 
DT  C4    C5     sing N N 169 
DT  C5    C7     sing N N 170 
DT  C5    C6     doub N N 171 
DT  C7    H71    sing N N 172 
DT  C7    H72    sing N N 173 
DT  C7    H73    sing N N 174 
DT  C6    H6     sing N N 175 
GLY N     CA     sing N N 176 
GLY N     H      sing N N 177 
GLY N     H2     sing N N 178 
GLY CA    C      sing N N 179 
GLY CA    HA2    sing N N 180 
GLY CA    HA3    sing N N 181 
GLY C     O      doub N N 182 
GLY C     OXT    sing N N 183 
GLY OXT   HXT    sing N N 184 
LYS N     CA     sing N N 185 
LYS N     H      sing N N 186 
LYS N     H2     sing N N 187 
LYS CA    C      sing N N 188 
LYS CA    CB     sing N N 189 
LYS CA    HA     sing N N 190 
LYS C     O      doub N N 191 
LYS C     OXT    sing N N 192 
LYS CB    CG     sing N N 193 
LYS CB    HB2    sing N N 194 
LYS CB    HB3    sing N N 195 
LYS CG    CD     sing N N 196 
LYS CG    HG2    sing N N 197 
LYS CG    HG3    sing N N 198 
LYS CD    CE     sing N N 199 
LYS CD    HD2    sing N N 200 
LYS CD    HD3    sing N N 201 
LYS CE    NZ     sing N N 202 
LYS CE    HE2    sing N N 203 
LYS CE    HE3    sing N N 204 
LYS NZ    HZ1    sing N N 205 
LYS NZ    HZ2    sing N N 206 
LYS NZ    HZ3    sing N N 207 
LYS OXT   HXT    sing N N 208 
PRO N     CA     sing N N 209 
PRO N     CD     sing N N 210 
PRO N     H      sing N N 211 
PRO CA    C      sing N N 212 
PRO CA    CB     sing N N 213 
PRO CA    HA     sing N N 214 
PRO C     O      doub N N 215 
PRO C     OXT    sing N N 216 
PRO CB    CG     sing N N 217 
PRO CB    HB2    sing N N 218 
PRO CB    HB3    sing N N 219 
PRO CG    CD     sing N N 220 
PRO CG    HG2    sing N N 221 
PRO CG    HG3    sing N N 222 
PRO CD    HD2    sing N N 223 
PRO CD    HD3    sing N N 224 
PRO OXT   HXT    sing N N 225 
# 
_ndb_struct_conf_na.entry_id   2EZF 
_ndb_struct_conf_na.feature    'b-form double helix' 
# 
loop_
_ndb_struct_na_base_pair.model_number 
_ndb_struct_na_base_pair.i_label_asym_id 
_ndb_struct_na_base_pair.i_label_comp_id 
_ndb_struct_na_base_pair.i_label_seq_id 
_ndb_struct_na_base_pair.i_symmetry 
_ndb_struct_na_base_pair.j_label_asym_id 
_ndb_struct_na_base_pair.j_label_comp_id 
_ndb_struct_na_base_pair.j_label_seq_id 
_ndb_struct_na_base_pair.j_symmetry 
_ndb_struct_na_base_pair.shear 
_ndb_struct_na_base_pair.stretch 
_ndb_struct_na_base_pair.stagger 
_ndb_struct_na_base_pair.buckle 
_ndb_struct_na_base_pair.propeller 
_ndb_struct_na_base_pair.opening 
_ndb_struct_na_base_pair.pair_number 
_ndb_struct_na_base_pair.pair_name 
_ndb_struct_na_base_pair.i_auth_asym_id 
_ndb_struct_na_base_pair.i_auth_seq_id 
_ndb_struct_na_base_pair.i_PDB_ins_code 
_ndb_struct_na_base_pair.j_auth_asym_id 
_ndb_struct_na_base_pair.j_auth_seq_id 
_ndb_struct_na_base_pair.j_PDB_ins_code 
_ndb_struct_na_base_pair.hbond_type_28 
_ndb_struct_na_base_pair.hbond_type_12 
1 A DG 1  1_555 B DC 12 1_555 -0.458 -0.171 0.037  3.931  0.746   2.021   1  B_DG301:DC324_C B 301 ? C 324 ? 19 1 
1 A DG 2  1_555 B DC 11 1_555 -0.240 -0.034 0.330  10.328 -2.855  -0.927  2  B_DG302:DC323_C B 302 ? C 323 ? 19 1 
1 A DG 3  1_555 B DC 10 1_555 0.070  -0.195 0.540  9.551  -10.369 -2.311  3  B_DG303:DC322_C B 303 ? C 322 ? 19 1 
1 A DA 4  1_555 B DT 9  1_555 -0.156 -0.202 0.323  -0.422 -12.407 -0.759  4  B_DA304:DT321_C B 304 ? C 321 ? 20 1 
1 A DA 5  1_555 B DT 8  1_555 0.060  -0.110 -0.051 0.004  -9.173  -3.497  5  B_DA305:DT320_C B 305 ? C 320 ? 20 1 
1 A DA 6  1_555 B DT 7  1_555 -0.342 -0.118 -0.153 12.017 -4.961  -10.473 6  B_DA306:DT319_C B 306 ? C 319 ? 20 1 
1 A DT 7  1_555 B DA 6  1_555 -0.038 -0.072 -0.243 5.366  -14.839 -7.900  7  B_DT307:DA318_C B 307 ? C 318 ? 20 1 
1 A DT 8  1_555 B DA 5  1_555 0.269  -0.226 -0.323 5.916  -23.911 1.069   8  B_DT308:DA317_C B 308 ? C 317 ? 20 1 
1 A DC 9  1_555 B DG 4  1_555 0.226  -0.278 -0.152 -7.322 -14.711 0.858   9  B_DC309:DG316_C B 309 ? C 316 ? 19 1 
1 A DC 10 1_555 B DG 3  1_555 -0.097 -0.201 -0.163 -8.869 -11.012 -2.759  10 B_DC310:DG315_C B 310 ? C 315 ? 19 1 
1 A DT 11 1_555 B DA 2  1_555 0.001  -0.026 0.075  -5.002 -4.469  -9.699  11 B_DT311:DA314_C B 311 ? C 314 ? 20 1 
1 A DC 12 1_555 B DG 1  1_555 0.473  -0.161 0.034  -3.734 0.591   2.394   12 B_DC312:DG313_C B 312 ? C 313 ? 19 1 
# 
loop_
_ndb_struct_na_base_pair_step.model_number 
_ndb_struct_na_base_pair_step.i_label_asym_id_1 
_ndb_struct_na_base_pair_step.i_label_comp_id_1 
_ndb_struct_na_base_pair_step.i_label_seq_id_1 
_ndb_struct_na_base_pair_step.i_symmetry_1 
_ndb_struct_na_base_pair_step.j_label_asym_id_1 
_ndb_struct_na_base_pair_step.j_label_comp_id_1 
_ndb_struct_na_base_pair_step.j_label_seq_id_1 
_ndb_struct_na_base_pair_step.j_symmetry_1 
_ndb_struct_na_base_pair_step.i_label_asym_id_2 
_ndb_struct_na_base_pair_step.i_label_comp_id_2 
_ndb_struct_na_base_pair_step.i_label_seq_id_2 
_ndb_struct_na_base_pair_step.i_symmetry_2 
_ndb_struct_na_base_pair_step.j_label_asym_id_2 
_ndb_struct_na_base_pair_step.j_label_comp_id_2 
_ndb_struct_na_base_pair_step.j_label_seq_id_2 
_ndb_struct_na_base_pair_step.j_symmetry_2 
_ndb_struct_na_base_pair_step.shift 
_ndb_struct_na_base_pair_step.slide 
_ndb_struct_na_base_pair_step.rise 
_ndb_struct_na_base_pair_step.tilt 
_ndb_struct_na_base_pair_step.roll 
_ndb_struct_na_base_pair_step.twist 
_ndb_struct_na_base_pair_step.x_displacement 
_ndb_struct_na_base_pair_step.y_displacement 
_ndb_struct_na_base_pair_step.helical_rise 
_ndb_struct_na_base_pair_step.inclination 
_ndb_struct_na_base_pair_step.tip 
_ndb_struct_na_base_pair_step.helical_twist 
_ndb_struct_na_base_pair_step.step_number 
_ndb_struct_na_base_pair_step.step_name 
_ndb_struct_na_base_pair_step.i_auth_asym_id_1 
_ndb_struct_na_base_pair_step.i_auth_seq_id_1 
_ndb_struct_na_base_pair_step.i_PDB_ins_code_1 
_ndb_struct_na_base_pair_step.j_auth_asym_id_1 
_ndb_struct_na_base_pair_step.j_auth_seq_id_1 
_ndb_struct_na_base_pair_step.j_PDB_ins_code_1 
_ndb_struct_na_base_pair_step.i_auth_asym_id_2 
_ndb_struct_na_base_pair_step.i_auth_seq_id_2 
_ndb_struct_na_base_pair_step.i_PDB_ins_code_2 
_ndb_struct_na_base_pair_step.j_auth_asym_id_2 
_ndb_struct_na_base_pair_step.j_auth_seq_id_2 
_ndb_struct_na_base_pair_step.j_PDB_ins_code_2 
1 A DG 1  1_555 B DC 12 1_555 A DG 2  1_555 B DC 11 1_555 -0.757 0.415  4.057 -2.048 -5.916 35.846 1.684  0.860  3.976 -9.522  
3.296  36.371 1  BB_DG301DG302:DC323DC324_CC B 301 ? C 324 ? B 302 ? C 323 ? 
1 A DG 2  1_555 B DC 11 1_555 A DG 3  1_555 B DC 10 1_555 -0.072 0.157  3.938 -0.710 -2.253 35.686 0.647  -0.006 3.922 -3.671  
1.157  35.762 2  BB_DG302DG303:DC322DC323_CC B 302 ? C 323 ? B 303 ? C 322 ? 
1 A DG 3  1_555 B DC 10 1_555 A DA 4  1_555 B DT 9  1_555 0.148  0.161  4.240 0.881  1.980  35.570 -0.110 -0.076 4.245 3.237   
-1.440 35.633 3  BB_DG303DA304:DT321DC322_CC B 303 ? C 322 ? B 304 ? C 321 ? 
1 A DA 4  1_555 B DT 9  1_555 A DA 5  1_555 B DT 8  1_555 -0.235 0.016  3.850 0.745  -3.112 36.237 0.535  0.498  3.830 -4.991  
-1.196 36.373 4  BB_DA304DA305:DT320DT321_CC B 304 ? C 321 ? B 305 ? C 320 ? 
1 A DA 5  1_555 B DT 8  1_555 A DA 6  1_555 B DT 7  1_555 -0.526 -0.190 3.197 -0.705 -1.905 32.871 -0.017 0.809  3.212 -3.363  
1.244  32.932 5  BB_DA305DA306:DT319DT320_CC B 305 ? C 320 ? B 306 ? C 319 ? 
1 A DA 6  1_555 B DT 7  1_555 A DT 7  1_555 B DA 6  1_555 0.172  -0.204 4.136 2.111  0.120  33.648 -0.377 0.137  4.138 0.206   
-3.643 33.713 6  BB_DA306DT307:DA318DT319_CC B 306 ? C 319 ? B 307 ? C 318 ? 
1 A DT 7  1_555 B DA 6  1_555 A DT 8  1_555 B DA 5  1_555 0.719  0.041  3.632 1.947  -6.065 37.736 0.913  -0.825 3.614 -9.296  
-2.984 38.250 7  BB_DT307DT308:DA317DA318_CC B 307 ? C 318 ? B 308 ? C 317 ? 
1 A DT 8  1_555 B DA 5  1_555 A DC 9  1_555 B DG 4  1_555 -0.052 0.490  4.077 -1.536 2.593  40.561 0.345  -0.138 4.098 3.734   
2.212  40.668 8  BB_DT308DC309:DG316DA317_CC B 308 ? C 317 ? B 309 ? C 316 ? 
1 A DC 9  1_555 B DG 4  1_555 A DC 10 1_555 B DG 3  1_555 -0.130 0.270  3.825 -0.598 -3.191 36.146 0.954  0.112  3.790 -5.130  
0.961  36.286 9  BB_DC309DC310:DG315DG316_CC B 309 ? C 316 ? B 310 ? C 315 ? 
1 A DC 10 1_555 B DG 3  1_555 A DT 11 1_555 B DA 2  1_555 -0.428 -0.021 3.715 -1.014 -6.985 35.459 1.089  0.527  3.664 -11.330 
1.645  36.133 10 BB_DC310DT311:DA314DG315_CC B 310 ? C 315 ? B 311 ? C 314 ? 
1 A DT 11 1_555 B DA 2  1_555 A DC 12 1_555 B DG 1  1_555 0.916  0.337  4.061 -0.204 -1.258 33.646 0.835  -1.622 4.041 -2.173  
0.352  33.670 11 BB_DT311DC312:DG313DA314_CC B 311 ? C 314 ? B 312 ? C 313 ? 
# 
loop_
_pdbx_nmr_spectrometer.spectrometer_id 
_pdbx_nmr_spectrometer.model 
_pdbx_nmr_spectrometer.manufacturer 
_pdbx_nmr_spectrometer.field_strength 
1 AMX500 Bruker 600 
2 AMX600 Bruker 500 
3 DMX600 Bruker 750 
4 DMX750 Bruker 750 
# 
_atom_sites.entry_id                    2EZF 
_atom_sites.fract_transf_matrix[1][1]   1.000000 
_atom_sites.fract_transf_matrix[1][2]   0.000000 
_atom_sites.fract_transf_matrix[1][3]   0.000000 
_atom_sites.fract_transf_matrix[2][1]   0.000000 
_atom_sites.fract_transf_matrix[2][2]   1.000000 
_atom_sites.fract_transf_matrix[2][3]   0.000000 
_atom_sites.fract_transf_matrix[3][1]   0.000000 
_atom_sites.fract_transf_matrix[3][2]   0.000000 
_atom_sites.fract_transf_matrix[3][3]   1.000000 
_atom_sites.fract_transf_vector[1]      0.00000 
_atom_sites.fract_transf_vector[2]      0.00000 
_atom_sites.fract_transf_vector[3]      0.00000 
# 
loop_
_atom_type.symbol 
C 
H 
N 
O 
P 
# 
loop_
_atom_site.group_PDB 
_atom_site.id 
_atom_site.type_symbol 
_atom_site.label_atom_id 
_atom_site.label_alt_id 
_atom_site.label_comp_id 
_atom_site.label_asym_id 
_atom_site.label_entity_id 
_atom_site.label_seq_id 
_atom_site.pdbx_PDB_ins_code 
_atom_site.Cartn_x 
_atom_site.Cartn_y 
_atom_site.Cartn_z 
_atom_site.occupancy 
_atom_site.B_iso_or_equiv 
_atom_site.pdbx_formal_charge 
_atom_site.auth_seq_id 
_atom_site.auth_comp_id 
_atom_site.auth_asym_id 
_atom_site.auth_atom_id 
_atom_site.pdbx_PDB_model_num 
ATOM 1   O "O5'"  . DG  A 1 1  ? 3.690   23.846  -3.611  1.00 1.34 ? 301 DG  B "O5'"  1 
ATOM 2   C "C5'"  . DG  A 1 1  ? 3.511   25.068  -2.891  1.00 1.34 ? 301 DG  B "C5'"  1 
ATOM 3   C "C4'"  . DG  A 1 1  ? 2.120   25.159  -2.269  1.00 1.14 ? 301 DG  B "C4'"  1 
ATOM 4   O "O4'"  . DG  A 1 1  ? 1.138   24.971  -3.296  1.00 1.09 ? 301 DG  B "O4'"  1 
ATOM 5   C "C3'"  . DG  A 1 1  ? 1.852   24.124  -1.179  1.00 1.03 ? 301 DG  B "C3'"  1 
ATOM 6   O "O3'"  . DG  A 1 1  ? 1.135   24.736  -0.100  1.00 1.00 ? 301 DG  B "O3'"  1 
ATOM 7   C "C2'"  . DG  A 1 1  ? 0.977   23.070  -1.842  1.00 0.98 ? 301 DG  B "C2'"  1 
ATOM 8   C "C1'"  . DG  A 1 1  ? 0.368   23.795  -3.036  1.00 0.99 ? 301 DG  B "C1'"  1 
ATOM 9   N N9     . DG  A 1 1  ? 0.358   22.985  -4.268  1.00 0.99 ? 301 DG  B N9     1 
ATOM 10  C C8     . DG  A 1 1  ? 1.408   22.407  -4.921  1.00 1.05 ? 301 DG  B C8     1 
ATOM 11  N N7     . DG  A 1 1  ? 1.091   21.707  -5.968  1.00 1.07 ? 301 DG  B N7     1 
ATOM 12  C C5     . DG  A 1 1  ? -0.296  21.827  -6.024  1.00 1.00 ? 301 DG  B C5     1 
ATOM 13  C C6     . DG  A 1 1  ? -1.220  21.277  -6.953  1.00 1.00 ? 301 DG  B C6     1 
ATOM 14  O O6     . DG  A 1 1  ? -0.989  20.563  -7.925  1.00 1.06 ? 301 DG  B O6     1 
ATOM 15  N N1     . DG  A 1 1  ? -2.525  21.638  -6.647  1.00 0.96 ? 301 DG  B N1     1 
ATOM 16  C C2     . DG  A 1 1  ? -2.899  22.438  -5.586  1.00 0.94 ? 301 DG  B C2     1 
ATOM 17  N N2     . DG  A 1 1  ? -4.203  22.683  -5.464  1.00 0.95 ? 301 DG  B N2     1 
ATOM 18  N N3     . DG  A 1 1  ? -2.033  22.957  -4.710  1.00 0.94 ? 301 DG  B N3     1 
ATOM 19  C C4     . DG  A 1 1  ? -0.755  22.612  -4.988  1.00 0.96 ? 301 DG  B C4     1 
ATOM 20  H "H5'"  . DG  A 1 1  ? 3.651   25.907  -3.572  1.00 1.43 ? 301 DG  B "H5'"  1 
ATOM 21  H "H5''" . DG  A 1 1  ? 4.259   25.126  -2.099  1.00 1.53 ? 301 DG  B "H5''" 1 
ATOM 22  H "H4'"  . DG  A 1 1  ? 1.993   26.153  -1.844  1.00 1.28 ? 301 DG  B "H4'"  1 
ATOM 23  H "H3'"  . DG  A 1 1  ? 2.787   23.685  -0.823  1.00 1.17 ? 301 DG  B "H3'"  1 
ATOM 24  H "H2'"  . DG  A 1 1  ? 1.582   22.226  -2.176  1.00 1.07 ? 301 DG  B "H2'"  1 
ATOM 25  H "H2''" . DG  A 1 1  ? 0.197   22.736  -1.159  1.00 1.04 ? 301 DG  B "H2''" 1 
ATOM 26  H "H1'"  . DG  A 1 1  ? -0.655  24.086  -2.792  1.00 1.05 ? 301 DG  B "H1'"  1 
ATOM 27  H H8     . DG  A 1 1  ? 2.440   22.524  -4.588  1.00 1.10 ? 301 DG  B H8     1 
ATOM 28  H H1     . DG  A 1 1  ? -3.241  21.280  -7.263  1.00 0.97 ? 301 DG  B H1     1 
ATOM 29  H H21    . DG  A 1 1  ? -4.856  22.290  -6.127  1.00 0.96 ? 301 DG  B H21    1 
ATOM 30  H H22    . DG  A 1 1  ? -4.539  23.265  -4.709  1.00 0.97 ? 301 DG  B H22    1 
ATOM 31  H "HO5'" . DG  A 1 1  ? 4.406   23.367  -3.189  1.00 1.76 ? 301 DG  B "HO5'" 1 
ATOM 32  P P      . DG  A 1 2  ? 0.847   23.912  1.251   1.00 0.98 ? 302 DG  B P      1 
ATOM 33  O OP1    . DG  A 1 2  ? 1.076   24.820  2.401   1.00 1.07 ? 302 DG  B OP1    1 
ATOM 34  O OP2    . DG  A 1 2  ? 1.570   22.624  1.178   1.00 1.00 ? 302 DG  B OP2    1 
ATOM 35  O "O5'"  . DG  A 1 2  ? -0.734  23.607  1.177   1.00 0.87 ? 302 DG  B "O5'"  1 
ATOM 36  C "C5'"  . DG  A 1 2  ? -1.681  24.676  1.227   1.00 0.87 ? 302 DG  B "C5'"  1 
ATOM 37  C "C4'"  . DG  A 1 2  ? -3.121  24.167  1.251   1.00 0.81 ? 302 DG  B "C4'"  1 
ATOM 38  O "O4'"  . DG  A 1 2  ? -3.354  23.401  0.059   1.00 0.74 ? 302 DG  B "O4'"  1 
ATOM 39  C "C3'"  . DG  A 1 2  ? -3.454  23.264  2.438   1.00 0.80 ? 302 DG  B "C3'"  1 
ATOM 40  O "O3'"  . DG  A 1 2  ? -4.755  23.604  2.932   1.00 0.84 ? 302 DG  B "O3'"  1 
ATOM 41  C "C2'"  . DG  A 1 2  ? -3.459  21.852  1.882   1.00 0.73 ? 302 DG  B "C2'"  1 
ATOM 42  C "C1'"  . DG  A 1 2  ? -3.702  22.052  0.391   1.00 0.70 ? 302 DG  B "C1'"  1 
ATOM 43  N N9     . DG  A 1 2  ? -2.893  21.170  -0.472  1.00 0.65 ? 302 DG  B N9     1 
ATOM 44  C C8     . DG  A 1 2  ? -1.556  20.898  -0.413  1.00 0.65 ? 302 DG  B C8     1 
ATOM 45  N N7     . DG  A 1 2  ? -1.115  20.090  -1.330  1.00 0.62 ? 302 DG  B N7     1 
ATOM 46  C C5     . DG  A 1 2  ? -2.258  19.789  -2.066  1.00 0.58 ? 302 DG  B C5     1 
ATOM 47  C C6     . DG  A 1 2  ? -2.414  18.951  -3.205  1.00 0.55 ? 302 DG  B C6     1 
ATOM 48  O O6     . DG  A 1 2  ? -1.554  18.299  -3.794  1.00 0.54 ? 302 DG  B O6     1 
ATOM 49  N N1     . DG  A 1 2  ? -3.732  18.922  -3.639  1.00 0.56 ? 302 DG  B N1     1 
ATOM 50  C C2     . DG  A 1 2  ? -4.774  19.613  -3.057  1.00 0.59 ? 302 DG  B C2     1 
ATOM 51  N N2     . DG  A 1 2  ? -5.971  19.460  -3.623  1.00 0.63 ? 302 DG  B N2     1 
ATOM 52  N N3     . DG  A 1 2  ? -4.633  20.402  -1.987  1.00 0.61 ? 302 DG  B N3     1 
ATOM 53  C C4     . DG  A 1 2  ? -3.353  20.445  -1.548  1.00 0.61 ? 302 DG  B C4     1 
ATOM 54  H "H5'"  . DG  A 1 2  ? -1.546  25.327  0.369   1.00 0.89 ? 302 DG  B "H5'"  1 
ATOM 55  H "H5''" . DG  A 1 2  ? -1.502  25.252  2.142   1.00 0.93 ? 302 DG  B "H5''" 1 
ATOM 56  H "H4'"  . DG  A 1 2  ? -3.795  25.018  1.254   1.00 0.86 ? 302 DG  B "H4'"  1 
ATOM 57  H "H3'"  . DG  A 1 2  ? -2.705  23.373  3.228   1.00 0.84 ? 302 DG  B "H3'"  1 
ATOM 58  H "H2'"  . DG  A 1 2  ? -2.497  21.369  2.053   1.00 0.72 ? 302 DG  B "H2'"  1 
ATOM 59  H "H2''" . DG  A 1 2  ? -4.266  21.268  2.326   1.00 0.74 ? 302 DG  B "H2''" 1 
ATOM 60  H "H1'"  . DG  A 1 2  ? -4.757  21.892  0.176   1.00 0.71 ? 302 DG  B "H1'"  1 
ATOM 61  H H8     . DG  A 1 2  ? -0.906  21.327  0.349   1.00 0.70 ? 302 DG  B H8     1 
ATOM 62  H H1     . DG  A 1 2  ? -3.920  18.344  -4.447  1.00 0.56 ? 302 DG  B H1     1 
ATOM 63  H H21    . DG  A 1 2  ? -6.076  18.863  -4.430  1.00 0.63 ? 302 DG  B H21    1 
ATOM 64  H H22    . DG  A 1 2  ? -6.774  19.942  -3.243  1.00 0.67 ? 302 DG  B H22    1 
ATOM 65  P P      . DG  A 1 3  ? -5.356  22.883  4.243   1.00 0.87 ? 303 DG  B P      1 
ATOM 66  O OP1    . DG  A 1 3  ? -6.138  23.877  5.003   1.00 0.97 ? 303 DG  B OP1    1 
ATOM 67  O OP2    . DG  A 1 3  ? -4.251  22.146  4.904   1.00 0.89 ? 303 DG  B OP2    1 
ATOM 68  O "O5'"  . DG  A 1 3  ? -6.366  21.798  3.614   1.00 0.79 ? 303 DG  B "O5'"  1 
ATOM 69  C "C5'"  . DG  A 1 3  ? -7.416  22.218  2.736   1.00 0.78 ? 303 DG  B "C5'"  1 
ATOM 70  C "C4'"  . DG  A 1 3  ? -8.223  21.035  2.207   1.00 0.73 ? 303 DG  B "C4'"  1 
ATOM 71  O "O4'"  . DG  A 1 3  ? -7.397  20.271  1.317   1.00 0.64 ? 303 DG  B "O4'"  1 
ATOM 72  C "C3'"  . DG  A 1 3  ? -8.736  20.085  3.292   1.00 0.76 ? 303 DG  B "C3'"  1 
ATOM 73  O "O3'"  . DG  A 1 3  ? -10.133 19.851  3.092   1.00 0.78 ? 303 DG  B "O3'"  1 
ATOM 74  C "C2'"  . DG  A 1 3  ? -7.960  18.790  3.093   1.00 0.70 ? 303 DG  B "C2'"  1 
ATOM 75  C "C1'"  . DG  A 1 3  ? -7.466  18.887  1.657   1.00 0.61 ? 303 DG  B "C1'"  1 
ATOM 76  N N9     . DG  A 1 3  ? -6.124  18.312  1.442   1.00 0.56 ? 303 DG  B N9     1 
ATOM 77  C C8     . DG  A 1 3  ? -4.979  18.507  2.159   1.00 0.58 ? 303 DG  B C8     1 
ATOM 78  N N7     . DG  A 1 3  ? -3.935  17.871  1.718   1.00 0.55 ? 303 DG  B N7     1 
ATOM 79  C C5     . DG  A 1 3  ? -4.425  17.185  0.608   1.00 0.49 ? 303 DG  B C5     1 
ATOM 80  C C6     . DG  A 1 3  ? -3.755  16.316  -0.293  1.00 0.47 ? 303 DG  B C6     1 
ATOM 81  O O6     . DG  A 1 3  ? -2.574  15.974  -0.287  1.00 0.48 ? 303 DG  B O6     1 
ATOM 82  N N1     . DG  A 1 3  ? -4.613  15.836  -1.273  1.00 0.47 ? 303 DG  B N1     1 
ATOM 83  C C2     . DG  A 1 3  ? -5.952  16.152  -1.377  1.00 0.48 ? 303 DG  B C2     1 
ATOM 84  N N2     . DG  A 1 3  ? -6.615  15.591  -2.388  1.00 0.51 ? 303 DG  B N2     1 
ATOM 85  N N3     . DG  A 1 3  ? -6.587  16.970  -0.531  1.00 0.50 ? 303 DG  B N3     1 
ATOM 86  C C4     . DG  A 1 3  ? -5.766  17.449  0.432   1.00 0.51 ? 303 DG  B C4     1 
ATOM 87  H "H5'"  . DG  A 1 3  ? -6.977  22.751  1.893   1.00 0.77 ? 303 DG  B "H5'"  1 
ATOM 88  H "H5''" . DG  A 1 3  ? -8.086  22.892  3.272   1.00 0.86 ? 303 DG  B "H5''" 1 
ATOM 89  H "H4'"  . DG  A 1 3  ? -9.075  21.416  1.647   1.00 0.76 ? 303 DG  B "H4'"  1 
ATOM 90  H "H3'"  . DG  A 1 3  ? -8.555  20.500  4.286   1.00 0.83 ? 303 DG  B "H3'"  1 
ATOM 91  H "H2'"  . DG  A 1 3  ? -7.120  18.736  3.786   1.00 0.75 ? 303 DG  B "H2'"  1 
ATOM 92  H "H2''" . DG  A 1 3  ? -8.614  17.927  3.216   1.00 0.71 ? 303 DG  B "H2''" 1 
ATOM 93  H "H1'"  . DG  A 1 3  ? -8.179  18.392  1.000   1.00 0.60 ? 303 DG  B "H1'"  1 
ATOM 94  H H8     . DG  A 1 3  ? -4.943  19.149  3.039   1.00 0.65 ? 303 DG  B H8     1 
ATOM 95  H H1     . DG  A 1 3  ? -4.207  15.209  -1.952  1.00 0.48 ? 303 DG  B H1     1 
ATOM 96  H H21    . DG  A 1 3  ? -6.133  14.973  -3.026  1.00 0.52 ? 303 DG  B H21    1 
ATOM 97  H H22    . DG  A 1 3  ? -7.597  15.784  -2.518  1.00 0.54 ? 303 DG  B H22    1 
ATOM 98  P P      . DA  A 1 4  ? -10.982 18.959  4.133   1.00 0.83 ? 304 DA  B P      1 
ATOM 99  O OP1    . DA  A 1 4  ? -12.338 19.530  4.238   1.00 0.90 ? 304 DA  B OP1    1 
ATOM 100 O OP2    . DA  A 1 4  ? -10.156 18.781  5.355   1.00 0.88 ? 304 DA  B OP2    1 
ATOM 101 O "O5'"  . DA  A 1 4  ? -11.070 17.535  3.386   1.00 0.74 ? 304 DA  B "O5'"  1 
ATOM 102 C "C5'"  . DA  A 1 4  ? -11.646 17.446  2.078   1.00 0.69 ? 304 DA  B "C5'"  1 
ATOM 103 C "C4'"  . DA  A 1 4  ? -11.607 16.019  1.537   1.00 0.62 ? 304 DA  B "C4'"  1 
ATOM 104 O "O4'"  . DA  A 1 4  ? -10.244 15.652  1.280   1.00 0.58 ? 304 DA  B "O4'"  1 
ATOM 105 C "C3'"  . DA  A 1 4  ? -12.200 14.969  2.480   1.00 0.65 ? 304 DA  B "C3'"  1 
ATOM 106 O "O3'"  . DA  A 1 4  ? -13.135 14.162  1.759   1.00 0.63 ? 304 DA  B "O3'"  1 
ATOM 107 C "C2'"  . DA  A 1 4  ? -11.017 14.121  2.928   1.00 0.62 ? 304 DA  B "C2'"  1 
ATOM 108 C "C1'"  . DA  A 1 4  ? -9.975  14.373  1.851   1.00 0.56 ? 304 DA  B "C1'"  1 
ATOM 109 N N9     . DA  A 1 4  ? -8.588  14.385  2.350   1.00 0.55 ? 304 DA  B N9     1 
ATOM 110 C C8     . DA  A 1 4  ? -8.058  15.082  3.398   1.00 0.60 ? 304 DA  B C8     1 
ATOM 111 N N7     . DA  A 1 4  ? -6.785  14.904  3.589   1.00 0.60 ? 304 DA  B N7     1 
ATOM 112 C C5     . DA  A 1 4  ? -6.436  14.011  2.578   1.00 0.53 ? 304 DA  B C5     1 
ATOM 113 C C6     . DA  A 1 4  ? -5.223  13.411  2.219   1.00 0.50 ? 304 DA  B C6     1 
ATOM 114 N N6     . DA  A 1 4  ? -4.080  13.630  2.871   1.00 0.54 ? 304 DA  B N6     1 
ATOM 115 N N1     . DA  A 1 4  ? -5.233  12.577  1.165   1.00 0.46 ? 304 DA  B N1     1 
ATOM 116 C C2     . DA  A 1 4  ? -6.366  12.344  0.503   1.00 0.44 ? 304 DA  B C2     1 
ATOM 117 N N3     . DA  A 1 4  ? -7.565  12.859  0.759   1.00 0.46 ? 304 DA  B N3     1 
ATOM 118 C C4     . DA  A 1 4  ? -7.526  13.692  1.817   1.00 0.50 ? 304 DA  B C4     1 
ATOM 119 H "H5'"  . DA  A 1 4  ? -11.086 18.095  1.404   1.00 0.67 ? 304 DA  B "H5'"  1 
ATOM 120 H "H5''" . DA  A 1 4  ? -12.683 17.783  2.115   1.00 0.75 ? 304 DA  B "H5''" 1 
ATOM 121 H "H4'"  . DA  A 1 4  ? -12.155 15.989  0.596   1.00 0.61 ? 304 DA  B "H4'"  1 
ATOM 122 H "H3'"  . DA  A 1 4  ? -12.684 15.446  3.335   1.00 0.72 ? 304 DA  B "H3'"  1 
ATOM 123 H "H2'"  . DA  A 1 4  ? -10.652 14.454  3.900   1.00 0.68 ? 304 DA  B "H2'"  1 
ATOM 124 H "H2''" . DA  A 1 4  ? -11.290 13.066  2.960   1.00 0.61 ? 304 DA  B "H2''" 1 
ATOM 125 H "H1'"  . DA  A 1 4  ? -10.070 13.609  1.076   1.00 0.53 ? 304 DA  B "H1'"  1 
ATOM 126 H H8     . DA  A 1 4  ? -8.658  15.736  4.030   1.00 0.66 ? 304 DA  B H8     1 
ATOM 127 H H61    . DA  A 1 4  ? -3.233  13.172  2.572   1.00 0.53 ? 304 DA  B H61    1 
ATOM 128 H H62    . DA  A 1 4  ? -4.064  14.255  3.665   1.00 0.59 ? 304 DA  B H62    1 
ATOM 129 H H2     . DA  A 1 4  ? -6.302  11.657  -0.340  1.00 0.43 ? 304 DA  B H2     1 
ATOM 130 P P      . DA  A 1 5  ? -13.978 13.006  2.501   1.00 0.67 ? 305 DA  B P      1 
ATOM 131 O OP1    . DA  A 1 5  ? -15.341 12.992  1.938   1.00 0.71 ? 305 DA  B OP1    1 
ATOM 132 O OP2    . DA  A 1 5  ? -13.781 13.167  3.963   1.00 0.75 ? 305 DA  B OP2    1 
ATOM 133 O "O5'"  . DA  A 1 5  ? -13.211 11.664  2.045   1.00 0.61 ? 305 DA  B "O5'"  1 
ATOM 134 C "C5'"  . DA  A 1 5  ? -13.044 11.370  0.654   1.00 0.55 ? 305 DA  B "C5'"  1 
ATOM 135 C "C4'"  . DA  A 1 5  ? -12.239 10.091  0.438   1.00 0.51 ? 305 DA  B "C4'"  1 
ATOM 136 O "O4'"  . DA  A 1 5  ? -10.878 10.328  0.824   1.00 0.48 ? 305 DA  B "O4'"  1 
ATOM 137 C "C3'"  . DA  A 1 5  ? -12.745 8.884   1.232   1.00 0.55 ? 305 DA  B "C3'"  1 
ATOM 138 O "O3'"  . DA  A 1 5  ? -12.972 7.792   0.337   1.00 0.55 ? 305 DA  B "O3'"  1 
ATOM 139 C "C2'"  . DA  A 1 5  ? -11.621 8.533   2.200   1.00 0.55 ? 305 DA  B "C2'"  1 
ATOM 140 C "C1'"  . DA  A 1 5  ? -10.409 9.239   1.616   1.00 0.49 ? 305 DA  B "C1'"  1 
ATOM 141 N N9     . DA  A 1 5  ? -9.489  9.786   2.630   1.00 0.50 ? 305 DA  B N9     1 
ATOM 142 C C8     . DA  A 1 5  ? -9.765  10.592  3.696   1.00 0.55 ? 305 DA  B C8     1 
ATOM 143 N N7     . DA  A 1 5  ? -8.737  10.924  4.417   1.00 0.56 ? 305 DA  B N7     1 
ATOM 144 C C5     . DA  A 1 5  ? -7.680  10.284  3.772   1.00 0.53 ? 305 DA  B C5     1 
ATOM 145 C C6     . DA  A 1 5  ? -6.306  10.227  4.030   1.00 0.54 ? 305 DA  B C6     1 
ATOM 146 N N6     . DA  A 1 5  ? -5.732  10.853  5.059   1.00 0.58 ? 305 DA  B N6     1 
ATOM 147 N N1     . DA  A 1 5  ? -5.548  9.501   3.191   1.00 0.53 ? 305 DA  B N1     1 
ATOM 148 C C2     . DA  A 1 5  ? -6.105  8.867   2.159   1.00 0.50 ? 305 DA  B C2     1 
ATOM 149 N N3     . DA  A 1 5  ? -7.392  8.855   1.826   1.00 0.48 ? 305 DA  B N3     1 
ATOM 150 C C4     . DA  A 1 5  ? -8.128  9.592   2.683   1.00 0.49 ? 305 DA  B C4     1 
ATOM 151 H "H5'"  . DA  A 1 5  ? -12.522 12.201  0.181   1.00 0.52 ? 305 DA  B "H5'"  1 
ATOM 152 H "H5''" . DA  A 1 5  ? -14.023 11.255  0.188   1.00 0.58 ? 305 DA  B "H5''" 1 
ATOM 153 H "H4'"  . DA  A 1 5  ? -12.258 9.843   -0.621  1.00 0.49 ? 305 DA  B "H4'"  1 
ATOM 154 H "H3'"  . DA  A 1 5  ? -13.660 9.134   1.774   1.00 0.60 ? 305 DA  B "H3'"  1 
ATOM 155 H "H2'"  . DA  A 1 5  ? -11.840 8.914   3.198   1.00 0.59 ? 305 DA  B "H2'"  1 
ATOM 156 H "H2''" . DA  A 1 5  ? -11.461 7.455   2.228   1.00 0.56 ? 305 DA  B "H2''" 1 
ATOM 157 H "H1'"  . DA  A 1 5  ? -9.863  8.543   0.976   1.00 0.48 ? 305 DA  B "H1'"  1 
ATOM 158 H H8     . DA  A 1 5  ? -10.775 10.931  3.926   1.00 0.58 ? 305 DA  B H8     1 
ATOM 159 H H61    . DA  A 1 5  ? -4.735  10.780  5.202   1.00 0.60 ? 305 DA  B H61    1 
ATOM 160 H H62    . DA  A 1 5  ? -6.294  11.400  5.696   1.00 0.61 ? 305 DA  B H62    1 
ATOM 161 H H2     . DA  A 1 5  ? -5.433  8.296   1.518   1.00 0.52 ? 305 DA  B H2     1 
ATOM 162 P P      . DA  A 1 6  ? -13.571 6.395   0.873   1.00 0.59 ? 306 DA  B P      1 
ATOM 163 O OP1    . DA  A 1 6  ? -14.531 5.885   -0.126  1.00 0.62 ? 306 DA  B OP1    1 
ATOM 164 O OP2    . DA  A 1 6  ? -14.000 6.592   2.279   1.00 0.64 ? 306 DA  B OP2    1 
ATOM 165 O "O5'"  . DA  A 1 6  ? -12.271 5.442   0.883   1.00 0.55 ? 306 DA  B "O5'"  1 
ATOM 166 C "C5'"  . DA  A 1 6  ? -11.538 5.214   -0.326  1.00 0.52 ? 306 DA  B "C5'"  1 
ATOM 167 C "C4'"  . DA  A 1 6  ? -10.332 4.306   -0.090  1.00 0.51 ? 306 DA  B "C4'"  1 
ATOM 168 O "O4'"  . DA  A 1 6  ? -9.332  5.028   0.631   1.00 0.49 ? 306 DA  B "O4'"  1 
ATOM 169 C "C3'"  . DA  A 1 6  ? -10.653 3.030   0.692   1.00 0.55 ? 306 DA  B "C3'"  1 
ATOM 170 O "O3'"  . DA  A 1 6  ? -10.190 1.892   -0.036  1.00 0.56 ? 306 DA  B "O3'"  1 
ATOM 171 C "C2'"  . DA  A 1 6  ? -9.878  3.159   2.001   1.00 0.52 ? 306 DA  B "C2'"  1 
ATOM 172 C "C1'"  . DA  A 1 6  ? -8.837  4.228   1.704   1.00 0.49 ? 306 DA  B "C1'"  1 
ATOM 173 N N9     . DA  A 1 6  ? -8.572  5.133   2.840   1.00 0.49 ? 306 DA  B N9     1 
ATOM 174 C C8     . DA  A 1 6  ? -9.462  5.798   3.633   1.00 0.50 ? 306 DA  B C8     1 
ATOM 175 N N7     . DA  A 1 6  ? -8.929  6.528   4.566   1.00 0.51 ? 306 DA  B N7     1 
ATOM 176 C C5     . DA  A 1 6  ? -7.562  6.329   4.380   1.00 0.50 ? 306 DA  B C5     1 
ATOM 177 C C6     . DA  A 1 6  ? -6.435  6.823   5.046   1.00 0.51 ? 306 DA  B C6     1 
ATOM 178 N N6     . DA  A 1 6  ? -6.512  7.658   6.082   1.00 0.53 ? 306 DA  B N6     1 
ATOM 179 N N1     . DA  A 1 6  ? -5.229  6.425   4.605   1.00 0.51 ? 306 DA  B N1     1 
ATOM 180 C C2     . DA  A 1 6  ? -5.136  5.591   3.568   1.00 0.50 ? 306 DA  B C2     1 
ATOM 181 N N3     . DA  A 1 6  ? -6.138  5.065   2.868   1.00 0.48 ? 306 DA  B N3     1 
ATOM 182 C C4     . DA  A 1 6  ? -7.334  5.482   3.333   1.00 0.49 ? 306 DA  B C4     1 
ATOM 183 H "H5'"  . DA  A 1 6  ? -11.181 6.177   -0.701  1.00 0.50 ? 306 DA  B "H5'"  1 
ATOM 184 H "H5''" . DA  A 1 6  ? -12.189 4.763   -1.070  1.00 0.55 ? 306 DA  B "H5''" 1 
ATOM 185 H "H4'"  . DA  A 1 6  ? -9.923  4.019   -1.062  1.00 0.51 ? 306 DA  B "H4'"  1 
ATOM 186 H "H3'"  . DA  A 1 6  ? -11.725 2.954   0.885   1.00 0.60 ? 306 DA  B "H3'"  1 
ATOM 187 H "H2'"  . DA  A 1 6  ? -10.537 3.479   2.807   1.00 0.54 ? 306 DA  B "H2'"  1 
ATOM 188 H "H2''" . DA  A 1 6  ? -9.395  2.215   2.254   1.00 0.52 ? 306 DA  B "H2''" 1 
ATOM 189 H "H1'"  . DA  A 1 6  ? -7.905  3.751   1.399   1.00 0.49 ? 306 DA  B "H1'"  1 
ATOM 190 H H8     . DA  A 1 6  ? -10.539 5.721   3.495   1.00 0.52 ? 306 DA  B H8     1 
ATOM 191 H H61    . DA  A 1 6  ? -5.668  7.986   6.530   1.00 0.55 ? 306 DA  B H61    1 
ATOM 192 H H62    . DA  A 1 6  ? -7.414  7.961   6.420   1.00 0.54 ? 306 DA  B H62    1 
ATOM 193 H H2     . DA  A 1 6  ? -4.126  5.309   3.261   1.00 0.50 ? 306 DA  B H2     1 
ATOM 194 P P      . DT  A 1 7  ? -10.544 0.395   0.454   1.00 0.61 ? 307 DT  B P      1 
ATOM 195 O OP1    . DT  A 1 7  ? -10.783 -0.440  -0.737  1.00 0.67 ? 307 DT  B OP1    1 
ATOM 196 O OP2    . DT  A 1 7  ? -11.583 0.499   1.509   1.00 0.65 ? 307 DT  B OP2    1 
ATOM 197 O "O5'"  . DT  A 1 7  ? -9.172  -0.070  1.156   1.00 0.55 ? 307 DT  B "O5'"  1 
ATOM 198 C "C5'"  . DT  A 1 7  ? -7.949  -0.053  0.415   1.00 0.52 ? 307 DT  B "C5'"  1 
ATOM 199 C "C4'"  . DT  A 1 7  ? -6.731  -0.221  1.320   1.00 0.47 ? 307 DT  B "C4'"  1 
ATOM 200 O "O4'"  . DT  A 1 7  ? -6.696  0.863   2.262   1.00 0.44 ? 307 DT  B "O4'"  1 
ATOM 201 C "C3'"  . DT  A 1 7  ? -6.704  -1.527  2.119   1.00 0.47 ? 307 DT  B "C3'"  1 
ATOM 202 O "O3'"  . DT  A 1 7  ? -5.545  -2.272  1.746   1.00 0.46 ? 307 DT  B "O3'"  1 
ATOM 203 C "C2'"  . DT  A 1 7  ? -6.596  -1.104  3.586   1.00 0.46 ? 307 DT  B "C2'"  1 
ATOM 204 C "C1'"  . DT  A 1 7  ? -6.231  0.372   3.515   1.00 0.44 ? 307 DT  B "C1'"  1 
ATOM 205 N N1     . DT  A 1 7  ? -6.837  1.198   4.582   1.00 0.44 ? 307 DT  B N1     1 
ATOM 206 C C2     . DT  A 1 7  ? -5.987  1.896   5.426   1.00 0.45 ? 307 DT  B C2     1 
ATOM 207 O O2     . DT  A 1 7  ? -4.762  1.834   5.316   1.00 0.45 ? 307 DT  B O2     1 
ATOM 208 N N3     . DT  A 1 7  ? -6.595  2.659   6.406   1.00 0.46 ? 307 DT  B N3     1 
ATOM 209 C C4     . DT  A 1 7  ? -7.958  2.788   6.610   1.00 0.47 ? 307 DT  B C4     1 
ATOM 210 O O4     . DT  A 1 7  ? -8.394  3.497   7.515   1.00 0.49 ? 307 DT  B O4     1 
ATOM 211 C C5     . DT  A 1 7  ? -8.766  2.028   5.682   1.00 0.46 ? 307 DT  B C5     1 
ATOM 212 C C7     . DT  A 1 7  ? -10.286 2.068   5.801   1.00 0.49 ? 307 DT  B C7     1 
ATOM 213 C C6     . DT  A 1 7  ? -8.197  1.275   4.718   1.00 0.45 ? 307 DT  B C6     1 
ATOM 214 H "H5'"  . DT  A 1 7  ? -7.871  0.898   -0.111  1.00 0.52 ? 307 DT  B "H5'"  1 
ATOM 215 H "H5''" . DT  A 1 7  ? -7.957  -0.863  -0.319  1.00 0.57 ? 307 DT  B "H5''" 1 
ATOM 216 H "H4'"  . DT  A 1 7  ? -5.833  -0.170  0.707   1.00 0.47 ? 307 DT  B "H4'"  1 
ATOM 217 H "H3'"  . DT  A 1 7  ? -7.611  -2.107  1.946   1.00 0.50 ? 307 DT  B "H3'"  1 
ATOM 218 H "H2'"  . DT  A 1 7  ? -7.552  -1.237  4.093   1.00 0.49 ? 307 DT  B "H2'"  1 
ATOM 219 H "H2''" . DT  A 1 7  ? -5.813  -1.671  4.090   1.00 0.45 ? 307 DT  B "H2''" 1 
ATOM 220 H "H1'"  . DT  A 1 7  ? -5.144  0.474   3.553   1.00 0.43 ? 307 DT  B "H1'"  1 
ATOM 221 H H3     . DT  A 1 7  ? -5.989  3.170   7.032   1.00 0.48 ? 307 DT  B H3     1 
ATOM 222 H H71    . DT  A 1 7  ? -10.682 1.054   5.738   1.00 1.16 ? 307 DT  B H71    1 
ATOM 223 H H72    . DT  A 1 7  ? -10.565 2.509   6.759   1.00 1.17 ? 307 DT  B H72    1 
ATOM 224 H H73    . DT  A 1 7  ? -10.699 2.670   4.991   1.00 1.09 ? 307 DT  B H73    1 
ATOM 225 H H6     . DT  A 1 7  ? -8.833  0.718   4.030   1.00 0.47 ? 307 DT  B H6     1 
ATOM 226 P P      . DT  A 1 8  ? -5.264  -3.743  2.345   1.00 0.47 ? 308 DT  B P      1 
ATOM 227 O OP1    . DT  A 1 8  ? -4.649  -4.570  1.296   1.00 0.49 ? 308 DT  B OP1    1 
ATOM 228 O OP2    . DT  A 1 8  ? -6.508  -4.199  3.020   1.00 0.50 ? 308 DT  B OP2    1 
ATOM 229 O "O5'"  . DT  A 1 8  ? -4.180  -3.435  3.496   1.00 0.43 ? 308 DT  B "O5'"  1 
ATOM 230 C "C5'"  . DT  A 1 8  ? -3.124  -2.500  3.259   1.00 0.41 ? 308 DT  B "C5'"  1 
ATOM 231 C "C4'"  . DT  A 1 8  ? -2.480  -2.046  4.570   1.00 0.39 ? 308 DT  B "C4'"  1 
ATOM 232 O "O4'"  . DT  A 1 8  ? -3.410  -1.226  5.287   1.00 0.39 ? 308 DT  B "O4'"  1 
ATOM 233 C "C3'"  . DT  A 1 8  ? -2.070  -3.197  5.495   1.00 0.39 ? 308 DT  B "C3'"  1 
ATOM 234 O "O3'"  . DT  A 1 8  ? -0.653  -3.166  5.708   1.00 0.39 ? 308 DT  B "O3'"  1 
ATOM 235 C "C2'"  . DT  A 1 8  ? -2.784  -2.928  6.821   1.00 0.42 ? 308 DT  B "C2'"  1 
ATOM 236 C "C1'"  . DT  A 1 8  ? -3.300  -1.504  6.680   1.00 0.40 ? 308 DT  B "C1'"  1 
ATOM 237 N N1     . DT  A 1 8  ? -4.629  -1.282  7.286   1.00 0.40 ? 308 DT  B N1     1 
ATOM 238 C C2     . DT  A 1 8  ? -4.740  -0.308  8.264   1.00 0.43 ? 308 DT  B C2     1 
ATOM 239 O O2     . DT  A 1 8  ? -3.770  0.345   8.648   1.00 0.46 ? 308 DT  B O2     1 
ATOM 240 N N3     . DT  A 1 8  ? -6.005  -0.115  8.787   1.00 0.45 ? 308 DT  B N3     1 
ATOM 241 C C4     . DT  A 1 8  ? -7.150  -0.802  8.423   1.00 0.44 ? 308 DT  B C4     1 
ATOM 242 O O4     . DT  A 1 8  ? -8.230  -0.548  8.954   1.00 0.47 ? 308 DT  B O4     1 
ATOM 243 C C5     . DT  A 1 8  ? -6.937  -1.798  7.397   1.00 0.42 ? 308 DT  B C5     1 
ATOM 244 C C7     . DT  A 1 8  ? -8.114  -2.633  6.904   1.00 0.45 ? 308 DT  B C7     1 
ATOM 245 C C6     . DT  A 1 8  ? -5.714  -2.005  6.872   1.00 0.40 ? 308 DT  B C6     1 
ATOM 246 H "H5'"  . DT  A 1 8  ? -3.543  -1.627  2.756   1.00 0.41 ? 308 DT  B "H5'"  1 
ATOM 247 H "H5''" . DT  A 1 8  ? -2.362  -2.946  2.623   1.00 0.43 ? 308 DT  B "H5''" 1 
ATOM 248 H "H4'"  . DT  A 1 8  ? -1.599  -1.447  4.339   1.00 0.39 ? 308 DT  B "H4'"  1 
ATOM 249 H "H3'"  . DT  A 1 8  ? -2.380  -4.157  5.079   1.00 0.42 ? 308 DT  B "H3'"  1 
ATOM 250 H "H2'"  . DT  A 1 8  ? -3.613  -3.624  6.958   1.00 0.45 ? 308 DT  B "H2'"  1 
ATOM 251 H "H2''" . DT  A 1 8  ? -2.083  -3.001  7.653   1.00 0.45 ? 308 DT  B "H2''" 1 
ATOM 252 H "H1'"  . DT  A 1 8  ? -2.578  -0.813  7.123   1.00 0.42 ? 308 DT  B "H1'"  1 
ATOM 253 H H3     . DT  A 1 8  ? -6.103  0.591   9.502   1.00 0.49 ? 308 DT  B H3     1 
ATOM 254 H H71    . DT  A 1 8  ? -8.095  -3.610  7.387   1.00 1.07 ? 308 DT  B H71    1 
ATOM 255 H H72    . DT  A 1 8  ? -9.047  -2.125  7.146   1.00 1.04 ? 308 DT  B H72    1 
ATOM 256 H H73    . DT  A 1 8  ? -8.040  -2.761  5.823   1.00 1.19 ? 308 DT  B H73    1 
ATOM 257 H H6     . DT  A 1 8  ? -5.585  -2.765  6.102   1.00 0.40 ? 308 DT  B H6     1 
ATOM 258 P P      . DC  A 1 9  ? 0.060   -4.370  6.505   1.00 0.40 ? 309 DC  B P      1 
ATOM 259 O OP1    . DC  A 1 9  ? 1.436   -4.515  5.974   1.00 0.45 ? 309 DC  B OP1    1 
ATOM 260 O OP2    . DC  A 1 9  ? -0.853  -5.532  6.511   1.00 0.44 ? 309 DC  B OP2    1 
ATOM 261 O "O5'"  . DC  A 1 9  ? 0.167   -3.809  8.012   1.00 0.36 ? 309 DC  B "O5'"  1 
ATOM 262 C "C5'"  . DC  A 1 9  ? 1.057   -2.733  8.326   1.00 0.35 ? 309 DC  B "C5'"  1 
ATOM 263 C "C4'"  . DC  A 1 9  ? 0.974   -2.330  9.796   1.00 0.33 ? 309 DC  B "C4'"  1 
ATOM 264 O "O4'"  . DC  A 1 9  ? -0.387  -1.963  10.086  1.00 0.33 ? 309 DC  B "O4'"  1 
ATOM 265 C "C3'"  . DC  A 1 9  ? 1.377   -3.424  10.788  1.00 0.34 ? 309 DC  B "C3'"  1 
ATOM 266 O "O3'"  . DC  A 1 9  ? 2.398   -2.912  11.660  1.00 0.35 ? 309 DC  B "O3'"  1 
ATOM 267 C "C2'"  . DC  A 1 9  ? 0.123   -3.742  11.596  1.00 0.33 ? 309 DC  B "C2'"  1 
ATOM 268 C "C1'"  . DC  A 1 9  ? -0.815  -2.578  11.301  1.00 0.32 ? 309 DC  B "C1'"  1 
ATOM 269 N N1     . DC  A 1 9  ? -2.228  -2.973  11.121  1.00 0.29 ? 309 DC  B N1     1 
ATOM 270 C C2     . DC  A 1 9  ? -3.182  -2.377  11.938  1.00 0.33 ? 309 DC  B C2     1 
ATOM 271 O O2     . DC  A 1 9  ? -2.833  -1.573  12.803  1.00 0.38 ? 309 DC  B O2     1 
ATOM 272 N N3     . DC  A 1 9  ? -4.488  -2.710  11.756  1.00 0.33 ? 309 DC  B N3     1 
ATOM 273 C C4     . DC  A 1 9  ? -4.850  -3.589  10.811  1.00 0.31 ? 309 DC  B C4     1 
ATOM 274 N N4     . DC  A 1 9  ? -6.141  -3.891  10.651  1.00 0.35 ? 309 DC  B N4     1 
ATOM 275 C C5     . DC  A 1 9  ? -3.873  -4.206  9.968   1.00 0.29 ? 309 DC  B C5     1 
ATOM 276 C C6     . DC  A 1 9  ? -2.581  -3.871  10.157  1.00 0.28 ? 309 DC  B C6     1 
ATOM 277 H "H5'"  . DC  A 1 9  ? 0.837   -1.878  7.702   1.00 0.35 ? 309 DC  B "H5'"  1 
ATOM 278 H "H5''" . DC  A 1 9  ? 2.084   -3.070  8.119   1.00 0.37 ? 309 DC  B "H5''" 1 
ATOM 279 H "H4'"  . DC  A 1 9  ? 1.604   -1.461  9.957   1.00 0.35 ? 309 DC  B "H4'"  1 
ATOM 280 H "H3'"  . DC  A 1 9  ? 1.736   -4.311  10.260  1.00 0.37 ? 309 DC  B "H3'"  1 
ATOM 281 H "H2'"  . DC  A 1 9  ? -0.316  -4.681  11.263  1.00 0.34 ? 309 DC  B "H2'"  1 
ATOM 282 H "H2''" . DC  A 1 9  ? 0.357   -3.785  12.659  1.00 0.35 ? 309 DC  B "H2''" 1 
ATOM 283 H "H1'"  . DC  A 1 9  ? -0.744  -1.848  12.111  1.00 0.36 ? 309 DC  B "H1'"  1 
ATOM 284 H H41    . DC  A 1 9  ? -6.837  -3.459  11.242  1.00 0.38 ? 309 DC  B H41    1 
ATOM 285 H H42    . DC  A 1 9  ? -6.421  -4.550  9.939   1.00 0.36 ? 309 DC  B H42    1 
ATOM 286 H H5     . DC  A 1 9  ? -4.162  -4.923  9.200   1.00 0.32 ? 309 DC  B H5     1 
ATOM 287 H H6     . DC  A 1 9  ? -1.810  -4.324  9.534   1.00 0.30 ? 309 DC  B H6     1 
ATOM 288 P P      . DC  A 1 10 ? 3.101   -3.871  12.747  1.00 0.38 ? 310 DC  B P      1 
ATOM 289 O OP1    . DC  A 1 10 ? 4.493   -3.409  12.937  1.00 0.44 ? 310 DC  B OP1    1 
ATOM 290 O OP2    . DC  A 1 10 ? 2.835   -5.276  12.366  1.00 0.40 ? 310 DC  B OP2    1 
ATOM 291 O "O5'"  . DC  A 1 10 ? 2.273   -3.552  14.094  1.00 0.34 ? 310 DC  B "O5'"  1 
ATOM 292 C "C5'"  . DC  A 1 10 ? 2.245   -2.225  14.628  1.00 0.35 ? 310 DC  B "C5'"  1 
ATOM 293 C "C4'"  . DC  A 1 10 ? 1.293   -2.110  15.819  1.00 0.35 ? 310 DC  B "C4'"  1 
ATOM 294 O "O4'"  . DC  A 1 10 ? -0.042  -2.392  15.375  1.00 0.33 ? 310 DC  B "O4'"  1 
ATOM 295 C "C3'"  . DC  A 1 10 ? 1.606   -3.056  16.981  1.00 0.38 ? 310 DC  B "C3'"  1 
ATOM 296 O "O3'"  . DC  A 1 10 ? 1.849   -2.288  18.162  1.00 0.43 ? 310 DC  B "O3'"  1 
ATOM 297 C "C2'"  . DC  A 1 10 ? 0.349   -3.906  17.168  1.00 0.38 ? 310 DC  B "C2'"  1 
ATOM 298 C "C1'"  . DC  A 1 10 ? -0.713  -3.172  16.361  1.00 0.35 ? 310 DC  B "C1'"  1 
ATOM 299 N N1     . DC  A 1 10 ? -1.660  -4.061  15.654  1.00 0.33 ? 310 DC  B N1     1 
ATOM 300 C C2     . DC  A 1 10 ? -3.015  -3.925  15.932  1.00 0.36 ? 310 DC  B C2     1 
ATOM 301 O O2     . DC  A 1 10 ? -3.392  -3.105  16.770  1.00 0.40 ? 310 DC  B O2     1 
ATOM 302 N N3     . DC  A 1 10 ? -3.895  -4.720  15.264  1.00 0.36 ? 310 DC  B N3     1 
ATOM 303 C C4     . DC  A 1 10 ? -3.467  -5.610  14.358  1.00 0.34 ? 310 DC  B C4     1 
ATOM 304 N N4     . DC  A 1 10 ? -4.355  -6.371  13.713  1.00 0.36 ? 310 DC  B N4     1 
ATOM 305 C C5     . DC  A 1 10 ? -2.074  -5.752  14.068  1.00 0.31 ? 310 DC  B C5     1 
ATOM 306 C C6     . DC  A 1 10 ? -1.211  -4.962  14.736  1.00 0.30 ? 310 DC  B C6     1 
ATOM 307 H "H5'"  . DC  A 1 10 ? 1.929   -1.534  13.853  1.00 0.34 ? 310 DC  B "H5'"  1 
ATOM 308 H "H5''" . DC  A 1 10 ? 3.252   -1.955  14.958  1.00 0.39 ? 310 DC  B "H5''" 1 
ATOM 309 H "H4'"  . DC  A 1 10 ? 1.323   -1.087  16.188  1.00 0.39 ? 310 DC  B "H4'"  1 
ATOM 310 H "H3'"  . DC  A 1 10 ? 2.469   -3.685  16.747  1.00 0.39 ? 310 DC  B "H3'"  1 
ATOM 311 H "H2'"  . DC  A 1 10 ? 0.503   -4.910  16.772  1.00 0.38 ? 310 DC  B "H2'"  1 
ATOM 312 H "H2''" . DC  A 1 10 ? 0.071   -3.948  18.221  1.00 0.42 ? 310 DC  B "H2''" 1 
ATOM 313 H "H1'"  . DC  A 1 10 ? -1.269  -2.505  17.024  1.00 0.38 ? 310 DC  B "H1'"  1 
ATOM 314 H H41    . DC  A 1 10 ? -5.340  -6.277  13.911  1.00 0.40 ? 310 DC  B H41    1 
ATOM 315 H H42    . DC  A 1 10 ? -4.041  -7.041  13.025  1.00 0.37 ? 310 DC  B H42    1 
ATOM 316 H H5     . DC  A 1 10 ? -1.722  -6.475  13.332  1.00 0.31 ? 310 DC  B H5     1 
ATOM 317 H H6     . DC  A 1 10 ? -0.142  -5.046  14.541  1.00 0.30 ? 310 DC  B H6     1 
ATOM 318 P P      . DT  A 1 11 ? 2.250   -3.004  19.550  1.00 0.48 ? 311 DT  B P      1 
ATOM 319 O OP1    . DT  A 1 11 ? 3.172   -2.116  20.285  1.00 0.54 ? 311 DT  B OP1    1 
ATOM 320 O OP2    . DT  A 1 11 ? 2.649   -4.400  19.245  1.00 0.49 ? 311 DT  B OP2    1 
ATOM 321 O "O5'"  . DT  A 1 11 ? 0.840   -3.053  20.333  1.00 0.48 ? 311 DT  B "O5'"  1 
ATOM 322 C "C5'"  . DT  A 1 11 ? 0.140   -1.839  20.628  1.00 0.49 ? 311 DT  B "C5'"  1 
ATOM 323 C "C4'"  . DT  A 1 11 ? -1.213  -2.111  21.284  1.00 0.50 ? 311 DT  B "C4'"  1 
ATOM 324 O "O4'"  . DT  A 1 11 ? -2.035  -2.855  20.376  1.00 0.46 ? 311 DT  B "O4'"  1 
ATOM 325 C "C3'"  . DT  A 1 11 ? -1.137  -2.900  22.593  1.00 0.55 ? 311 DT  B "C3'"  1 
ATOM 326 O "O3'"  . DT  A 1 11 ? -1.704  -2.118  23.649  1.00 0.60 ? 311 DT  B "O3'"  1 
ATOM 327 C "C2'"  . DT  A 1 11 ? -1.983  -4.153  22.367  1.00 0.54 ? 311 DT  B "C2'"  1 
ATOM 328 C "C1'"  . DT  A 1 11 ? -2.765  -3.843  21.098  1.00 0.49 ? 311 DT  B "C1'"  1 
ATOM 329 N N1     . DT  A 1 11 ? -2.948  -5.005  20.201  1.00 0.46 ? 311 DT  B N1     1 
ATOM 330 C C2     . DT  A 1 11 ? -4.243  -5.389  19.887  1.00 0.48 ? 311 DT  B C2     1 
ATOM 331 O O2     . DT  A 1 11 ? -5.225  -4.816  20.357  1.00 0.51 ? 311 DT  B O2     1 
ATOM 332 N N3     . DT  A 1 11 ? -4.366  -6.459  19.021  1.00 0.49 ? 311 DT  B N3     1 
ATOM 333 C C4     . DT  A 1 11 ? -3.324  -7.167  18.447  1.00 0.49 ? 311 DT  B C4     1 
ATOM 334 O O4     . DT  A 1 11 ? -3.547  -8.104  17.683  1.00 0.53 ? 311 DT  B O4     1 
ATOM 335 C C5     . DT  A 1 11 ? -2.012  -6.698  18.832  1.00 0.46 ? 311 DT  B C5     1 
ATOM 336 C C7     . DT  A 1 11 ? -0.775  -7.397  18.278  1.00 0.48 ? 311 DT  B C7     1 
ATOM 337 C C6     . DT  A 1 11 ? -1.866  -5.656  19.677  1.00 0.46 ? 311 DT  B C6     1 
ATOM 338 H "H5'"  . DT  A 1 11 ? -0.022  -1.294  19.699  1.00 0.46 ? 311 DT  B "H5'"  1 
ATOM 339 H "H5''" . DT  A 1 11 ? 0.743   -1.227  21.299  1.00 0.53 ? 311 DT  B "H5''" 1 
ATOM 340 H "H4'"  . DT  A 1 11 ? -1.699  -1.156  21.483  1.00 0.51 ? 311 DT  B "H4'"  1 
ATOM 341 H "H3'"  . DT  A 1 11 ? -0.102  -3.165  22.825  1.00 0.57 ? 311 DT  B "H3'"  1 
ATOM 342 H "H2'"  . DT  A 1 11 ? -1.344  -5.024  22.219  1.00 0.54 ? 311 DT  B "H2'"  1 
ATOM 343 H "H2''" . DT  A 1 11 ? -2.660  -4.312  23.207  1.00 0.58 ? 311 DT  B "H2''" 1 
ATOM 344 H "H1'"  . DT  A 1 11 ? -3.742  -3.437  21.368  1.00 0.51 ? 311 DT  B "H1'"  1 
ATOM 345 H H3     . DT  A 1 11 ? -5.303  -6.753  18.784  1.00 0.53 ? 311 DT  B H3     1 
ATOM 346 H H71    . DT  A 1 11 ? -0.503  -8.226  18.933  1.00 1.12 ? 311 DT  B H71    1 
ATOM 347 H H72    . DT  A 1 11 ? -0.988  -7.780  17.280  1.00 1.08 ? 311 DT  B H72    1 
ATOM 348 H H73    . DT  A 1 11 ? 0.052   -6.689  18.226  1.00 1.10 ? 311 DT  B H73    1 
ATOM 349 H H6     . DT  A 1 11 ? -0.863  -5.327  19.950  1.00 0.46 ? 311 DT  B H6     1 
ATOM 350 P P      . DC  A 1 12 ? -1.577  -2.585  25.187  1.00 0.68 ? 312 DC  B P      1 
ATOM 351 O OP1    . DC  A 1 12 ? -1.596  -1.382  26.041  1.00 0.75 ? 312 DC  B OP1    1 
ATOM 352 O OP2    . DC  A 1 12 ? -0.451  -3.544  25.282  1.00 0.72 ? 312 DC  B OP2    1 
ATOM 353 O "O5'"  . DC  A 1 12 ? -2.947  -3.404  25.414  1.00 0.67 ? 312 DC  B "O5'"  1 
ATOM 354 C "C5'"  . DC  A 1 12 ? -4.210  -2.777  25.169  1.00 0.65 ? 312 DC  B "C5'"  1 
ATOM 355 C "C4'"  . DC  A 1 12 ? -5.362  -3.781  25.230  1.00 0.67 ? 312 DC  B "C4'"  1 
ATOM 356 O "O4'"  . DC  A 1 12 ? -5.218  -4.724  24.161  1.00 0.64 ? 312 DC  B "O4'"  1 
ATOM 357 C "C3'"  . DC  A 1 12 ? -5.450  -4.565  26.546  1.00 0.75 ? 312 DC  B "C3'"  1 
ATOM 358 O "O3'"  . DC  A 1 12 ? -6.710  -4.355  27.191  1.00 0.81 ? 312 DC  B "O3'"  1 
ATOM 359 C "C2'"  . DC  A 1 12 ? -5.275  -6.031  26.133  1.00 0.75 ? 312 DC  B "C2'"  1 
ATOM 360 C "C1'"  . DC  A 1 12 ? -5.561  -6.019  24.638  1.00 0.69 ? 312 DC  B "C1'"  1 
ATOM 361 N N1     . DC  A 1 12 ? -4.785  -7.007  23.854  1.00 0.68 ? 312 DC  B N1     1 
ATOM 362 C C2     . DC  A 1 12 ? -5.494  -7.920  23.082  1.00 0.69 ? 312 DC  B C2     1 
ATOM 363 O O2     . DC  A 1 12 ? -6.725  -7.900  23.085  1.00 0.71 ? 312 DC  B O2     1 
ATOM 364 N N3     . DC  A 1 12 ? -4.795  -8.823  22.342  1.00 0.69 ? 312 DC  B N3     1 
ATOM 365 C C4     . DC  A 1 12 ? -3.455  -8.837  22.359  1.00 0.68 ? 312 DC  B C4     1 
ATOM 366 N N4     . DC  A 1 12 ? -2.798  -9.738  21.625  1.00 0.69 ? 312 DC  B N4     1 
ATOM 367 C C5     . DC  A 1 12 ? -2.720  -7.899  23.151  1.00 0.67 ? 312 DC  B C5     1 
ATOM 368 C C6     . DC  A 1 12 ? -3.421  -7.006  23.877  1.00 0.67 ? 312 DC  B C6     1 
ATOM 369 H "H5'"  . DC  A 1 12 ? -4.190  -2.325  24.178  1.00 0.60 ? 312 DC  B "H5'"  1 
ATOM 370 H "H5''" . DC  A 1 12 ? -4.377  -1.998  25.913  1.00 0.69 ? 312 DC  B "H5''" 1 
ATOM 371 H "H4'"  . DC  A 1 12 ? -6.297  -3.240  25.089  1.00 0.67 ? 312 DC  B "H4'"  1 
ATOM 372 H "H3'"  . DC  A 1 12 ? -4.638  -4.270  27.212  1.00 0.77 ? 312 DC  B "H3'"  1 
ATOM 373 H "HO3'" . DC  A 1 12 ? -6.678  -4.808  28.038  1.00 1.25 ? 312 DC  B "HO3'" 1 
ATOM 374 H "H2'"  . DC  A 1 12 ? -4.256  -6.365  26.326  1.00 0.75 ? 312 DC  B "H2'"  1 
ATOM 375 H "H2''" . DC  A 1 12 ? -5.992  -6.664  26.656  1.00 0.81 ? 312 DC  B "H2''" 1 
ATOM 376 H "H1'"  . DC  A 1 12 ? -6.627  -6.188  24.476  1.00 0.72 ? 312 DC  B "H1'"  1 
ATOM 377 H H41    . DC  A 1 12 ? -3.311  -10.404 21.064  1.00 0.71 ? 312 DC  B H41    1 
ATOM 378 H H42    . DC  A 1 12 ? -1.787  -9.755  21.631  1.00 0.70 ? 312 DC  B H42    1 
ATOM 379 H H5     . DC  A 1 12 ? -1.630  -7.906  23.165  1.00 0.68 ? 312 DC  B H5     1 
ATOM 380 H H6     . DC  A 1 12 ? -2.892  -6.268  24.479  1.00 0.67 ? 312 DC  B H6     1 
ATOM 381 O "O5'"  . DG  B 2 1  ? -8.858  -15.527 16.595  1.00 0.97 ? 313 DG  C "O5'"  1 
ATOM 382 C "C5'"  . DG  B 2 1  ? -10.109 -16.079 17.013  1.00 1.01 ? 313 DG  C "C5'"  1 
ATOM 383 C "C4'"  . DG  B 2 1  ? -11.106 -14.990 17.401  1.00 0.95 ? 313 DG  C "C4'"  1 
ATOM 384 O "O4'"  . DG  B 2 1  ? -10.621 -14.302 18.559  1.00 0.90 ? 313 DG  C "O4'"  1 
ATOM 385 C "C3'"  . DG  B 2 1  ? -11.356 -13.947 16.315  1.00 0.92 ? 313 DG  C "C3'"  1 
ATOM 386 O "O3'"  . DG  B 2 1  ? -12.758 -13.666 16.237  1.00 0.91 ? 313 DG  C "O3'"  1 
ATOM 387 C "C2'"  . DG  B 2 1  ? -10.604 -12.701 16.762  1.00 0.86 ? 313 DG  C "C2'"  1 
ATOM 388 C "C1'"  . DG  B 2 1  ? -10.225 -12.974 18.214  1.00 0.84 ? 313 DG  C "C1'"  1 
ATOM 389 N N9     . DG  B 2 1  ? -8.778  -12.854 18.473  1.00 0.81 ? 313 DG  C N9     1 
ATOM 390 C C8     . DG  B 2 1  ? -7.747  -13.547 17.907  1.00 0.81 ? 313 DG  C C8     1 
ATOM 391 N N7     . DG  B 2 1  ? -6.561  -13.202 18.311  1.00 0.79 ? 313 DG  C N7     1 
ATOM 392 C C5     . DG  B 2 1  ? -6.821  -12.190 19.234  1.00 0.78 ? 313 DG  C C5     1 
ATOM 393 C C6     . DG  B 2 1  ? -5.919  -11.415 20.011  1.00 0.77 ? 313 DG  C C6     1 
ATOM 394 O O6     . DG  B 2 1  ? -4.691  -11.474 20.040  1.00 0.77 ? 313 DG  C O6     1 
ATOM 395 N N1     . DG  B 2 1  ? -6.592  -10.501 20.811  1.00 0.77 ? 313 DG  C N1     1 
ATOM 396 C C2     . DG  B 2 1  ? -7.962  -10.351 20.861  1.00 0.78 ? 313 DG  C C2     1 
ATOM 397 N N2     . DG  B 2 1  ? -8.423  -9.425  21.702  1.00 0.79 ? 313 DG  C N2     1 
ATOM 398 N N3     . DG  B 2 1  ? -8.815  -11.078 20.132  1.00 0.79 ? 313 DG  C N3     1 
ATOM 399 C C4     . DG  B 2 1  ? -8.177  -11.975 19.343  1.00 0.79 ? 313 DG  C C4     1 
ATOM 400 H "H5'"  . DG  B 2 1  ? -9.942  -16.728 17.871  1.00 1.04 ? 313 DG  C "H5'"  1 
ATOM 401 H "H5''" . DG  B 2 1  ? -10.528 -16.668 16.196  1.00 1.07 ? 313 DG  C "H5''" 1 
ATOM 402 H "H4'"  . DG  B 2 1  ? -12.055 -15.463 17.653  1.00 0.98 ? 313 DG  C "H4'"  1 
ATOM 403 H "H3'"  . DG  B 2 1  ? -10.982 -14.300 15.351  1.00 0.99 ? 313 DG  C "H3'"  1 
ATOM 404 H "H2'"  . DG  B 2 1  ? -9.707  -12.559 16.157  1.00 0.91 ? 313 DG  C "H2'"  1 
ATOM 405 H "H2''" . DG  B 2 1  ? -11.249 -11.824 16.695  1.00 0.86 ? 313 DG  C "H2''" 1 
ATOM 406 H "H1'"  . DG  B 2 1  ? -10.758 -12.270 18.857  1.00 0.84 ? 313 DG  C "H1'"  1 
ATOM 407 H H8     . DG  B 2 1  ? -7.906  -14.332 17.168  1.00 0.83 ? 313 DG  C H8     1 
ATOM 408 H H1     . DG  B 2 1  ? -6.014  -9.909  21.391  1.00 0.77 ? 313 DG  C H1     1 
ATOM 409 H H21    . DG  B 2 1  ? -7.779  -8.877  22.254  1.00 0.79 ? 313 DG  C H21    1 
ATOM 410 H H22    . DG  B 2 1  ? -9.417  -9.271  21.788  1.00 0.82 ? 313 DG  C H22    1 
ATOM 411 H "HO5'" . DG  B 2 1  ? -8.404  -16.203 16.085  1.00 1.29 ? 313 DG  C "HO5'" 1 
ATOM 412 P P      . DA  B 2 2  ? -13.341 -12.757 15.039  1.00 0.90 ? 314 DA  C P      1 
ATOM 413 O OP1    . DA  B 2 2  ? -14.738 -13.174 14.785  1.00 0.97 ? 314 DA  C OP1    1 
ATOM 414 O OP2    . DA  B 2 2  ? -12.356 -12.765 13.933  1.00 0.93 ? 314 DA  C OP2    1 
ATOM 415 O "O5'"  . DA  B 2 2  ? -13.362 -11.281 15.682  1.00 0.81 ? 314 DA  C "O5'"  1 
ATOM 416 C "C5'"  . DA  B 2 2  ? -14.137 -11.016 16.856  1.00 0.80 ? 314 DA  C "C5'"  1 
ATOM 417 C "C4'"  . DA  B 2 2  ? -13.981 -9.572  17.330  1.00 0.74 ? 314 DA  C "C4'"  1 
ATOM 418 O "O4'"  . DA  B 2 2  ? -12.627 -9.371  17.762  1.00 0.70 ? 314 DA  C "O4'"  1 
ATOM 419 C "C3'"  . DA  B 2 2  ? -14.284 -8.517  16.266  1.00 0.72 ? 314 DA  C "C3'"  1 
ATOM 420 O "O3'"  . DA  B 2 2  ? -15.087 -7.484  16.844  1.00 0.72 ? 314 DA  C "O3'"  1 
ATOM 421 C "C2'"  . DA  B 2 2  ? -12.925 -7.960  15.869  1.00 0.66 ? 314 DA  C "C2'"  1 
ATOM 422 C "C1'"  . DA  B 2 2  ? -12.064 -8.242  17.090  1.00 0.64 ? 314 DA  C "C1'"  1 
ATOM 423 N N9     . DA  B 2 2  ? -10.660 -8.571  16.775  1.00 0.62 ? 314 DA  C N9     1 
ATOM 424 C C8     . DA  B 2 2  ? -10.167 -9.472  15.877  1.00 0.64 ? 314 DA  C C8     1 
ATOM 425 N N7     . DA  B 2 2  ? -8.871  -9.565  15.844  1.00 0.62 ? 314 DA  C N7     1 
ATOM 426 C C5     . DA  B 2 2  ? -8.465  -8.640  16.805  1.00 0.59 ? 314 DA  C C5     1 
ATOM 427 C C6     . DA  B 2 2  ? -7.205  -8.245  17.270  1.00 0.57 ? 314 DA  C C6     1 
ATOM 428 N N6     . DA  B 2 2  ? -6.065  -8.757  16.805  1.00 0.60 ? 314 DA  C N6     1 
ATOM 429 N N1     . DA  B 2 2  ? -7.165  -7.303  18.228  1.00 0.56 ? 314 DA  C N1     1 
ATOM 430 C C2     . DA  B 2 2  ? -8.296  -6.781  18.704  1.00 0.56 ? 314 DA  C C2     1 
ATOM 431 N N3     . DA  B 2 2  ? -9.537  -7.084  18.337  1.00 0.57 ? 314 DA  C N3     1 
ATOM 432 C C4     . DA  B 2 2  ? -9.548  -8.030  17.376  1.00 0.58 ? 314 DA  C C4     1 
ATOM 433 H "H5'"  . DA  B 2 2  ? -13.825 -11.688 17.651  1.00 0.81 ? 314 DA  C "H5'"  1 
ATOM 434 H "H5''" . DA  B 2 2  ? -15.191 -11.198 16.631  1.00 0.84 ? 314 DA  C "H5''" 1 
ATOM 435 H "H4'"  . DA  B 2 2  ? -14.642 -9.410  18.179  1.00 0.76 ? 314 DA  C "H4'"  1 
ATOM 436 H "H3'"  . DA  B 2 2  ? -14.790 -8.965  15.408  1.00 0.76 ? 314 DA  C "H3'"  1 
ATOM 437 H "H2'"  . DA  B 2 2  ? -12.536 -8.480  14.993  1.00 0.67 ? 314 DA  C "H2'"  1 
ATOM 438 H "H2''" . DA  B 2 2  ? -12.989 -6.887  15.683  1.00 0.64 ? 314 DA  C "H2''" 1 
ATOM 439 H "H1'"  . DA  B 2 2  ? -12.089 -7.379  17.754  1.00 0.62 ? 314 DA  C "H1'"  1 
ATOM 440 H H8     . DA  B 2 2  ? -10.812 -10.066 15.229  1.00 0.68 ? 314 DA  C H8     1 
ATOM 441 H H61    . DA  B 2 2  ? -5.181  -8.437  17.175  1.00 0.60 ? 314 DA  C H61    1 
ATOM 442 H H62    . DA  B 2 2  ? -6.085  -9.465  16.085  1.00 0.63 ? 314 DA  C H62    1 
ATOM 443 H H2     . DA  B 2 2  ? -8.190  -6.022  19.480  1.00 0.56 ? 314 DA  C H2     1 
ATOM 444 P P      . DG  B 2 3  ? -15.600 -6.237  15.960  1.00 0.72 ? 315 DG  C P      1 
ATOM 445 O OP1    . DG  B 2 3  ? -16.996 -5.945  16.335  1.00 0.78 ? 315 DG  C OP1    1 
ATOM 446 O OP2    . DG  B 2 3  ? -15.254 -6.511  14.544  1.00 0.75 ? 315 DG  C OP2    1 
ATOM 447 O "O5'"  . DG  B 2 3  ? -14.658 -5.034  16.473  1.00 0.65 ? 315 DG  C "O5'"  1 
ATOM 448 C "C5'"  . DG  B 2 3  ? -14.552 -4.751  17.873  1.00 0.64 ? 315 DG  C "C5'"  1 
ATOM 449 C "C4'"  . DG  B 2 3  ? -13.468 -3.714  18.157  1.00 0.60 ? 315 DG  C "C4'"  1 
ATOM 450 O "O4'"  . DG  B 2 3  ? -12.188 -4.284  17.855  1.00 0.55 ? 315 DG  C "O4'"  1 
ATOM 451 C "C3'"  . DG  B 2 3  ? -13.603 -2.419  17.352  1.00 0.60 ? 315 DG  C "C3'"  1 
ATOM 452 O "O3'"  . DG  B 2 3  ? -13.619 -1.306  18.249  1.00 0.63 ? 315 DG  C "O3'"  1 
ATOM 453 C "C2'"  . DG  B 2 3  ? -12.363 -2.356  16.470  1.00 0.56 ? 315 DG  C "C2'"  1 
ATOM 454 C "C1'"  . DG  B 2 3  ? -11.409 -3.345  17.119  1.00 0.52 ? 315 DG  C "C1'"  1 
ATOM 455 N N9     . DG  B 2 3  ? -10.586 -4.103  16.157  1.00 0.50 ? 315 DG  C N9     1 
ATOM 456 C C8     . DG  B 2 3  ? -10.987 -4.833  15.074  1.00 0.51 ? 315 DG  C C8     1 
ATOM 457 N N7     . DG  B 2 3  ? -10.030 -5.406  14.409  1.00 0.51 ? 315 DG  C N7     1 
ATOM 458 C C5     . DG  B 2 3  ? -8.885  -5.028  15.109  1.00 0.48 ? 315 DG  C C5     1 
ATOM 459 C C6     . DG  B 2 3  ? -7.522  -5.344  14.861  1.00 0.48 ? 315 DG  C C6     1 
ATOM 460 O O6     . DG  B 2 3  ? -7.051  -6.033  13.959  1.00 0.52 ? 315 DG  C O6     1 
ATOM 461 N N1     . DG  B 2 3  ? -6.684  -4.760  15.802  1.00 0.47 ? 315 DG  C N1     1 
ATOM 462 C C2     . DG  B 2 3  ? -7.103  -3.971  16.853  1.00 0.47 ? 315 DG  C C2     1 
ATOM 463 N N2     . DG  B 2 3  ? -6.147  -3.502  17.657  1.00 0.49 ? 315 DG  C N2     1 
ATOM 464 N N3     . DG  B 2 3  ? -8.385  -3.670  17.090  1.00 0.48 ? 315 DG  C N3     1 
ATOM 465 C C4     . DG  B 2 3  ? -9.217  -4.231  16.182  1.00 0.47 ? 315 DG  C C4     1 
ATOM 466 H "H5'"  . DG  B 2 3  ? -14.307 -5.672  18.399  1.00 0.65 ? 315 DG  C "H5'"  1 
ATOM 467 H "H5''" . DG  B 2 3  ? -15.507 -4.375  18.241  1.00 0.69 ? 315 DG  C "H5''" 1 
ATOM 468 H "H4'"  . DG  B 2 3  ? -13.492 -3.466  19.217  1.00 0.62 ? 315 DG  C "H4'"  1 
ATOM 469 H "H3'"  . DG  B 2 3  ? -14.512 -2.436  16.745  1.00 0.63 ? 315 DG  C "H3'"  1 
ATOM 470 H "H2'"  . DG  B 2 3  ? -12.600 -2.665  15.451  1.00 0.57 ? 315 DG  C "H2'"  1 
ATOM 471 H "H2''" . DG  B 2 3  ? -11.938 -1.352  16.478  1.00 0.58 ? 315 DG  C "H2''" 1 
ATOM 472 H "H1'"  . DG  B 2 3  ? -10.751 -2.810  17.807  1.00 0.52 ? 315 DG  C "H1'"  1 
ATOM 473 H H8     . DG  B 2 3  ? -12.035 -4.927  14.788  1.00 0.55 ? 315 DG  C H8     1 
ATOM 474 H H1     . DG  B 2 3  ? -5.698  -4.941  15.691  1.00 0.48 ? 315 DG  C H1     1 
ATOM 475 H H21    . DG  B 2 3  ? -5.181  -3.731  17.477  1.00 0.50 ? 315 DG  C H21    1 
ATOM 476 H H22    . DG  B 2 3  ? -6.391  -2.920  18.445  1.00 0.52 ? 315 DG  C H22    1 
ATOM 477 P P      . DG  B 2 4  ? -13.800 0.199   17.699  1.00 0.67 ? 316 DG  C P      1 
ATOM 478 O OP1    . DG  B 2 4  ? -14.676 0.934   18.631  1.00 0.73 ? 316 DG  C OP1    1 
ATOM 479 O OP2    . DG  B 2 4  ? -14.150 0.118   16.259  1.00 0.68 ? 316 DG  C OP2    1 
ATOM 480 O "O5'"  . DG  B 2 4  ? -12.306 0.794   17.810  1.00 0.62 ? 316 DG  C "O5'"  1 
ATOM 481 C "C5'"  . DG  B 2 4  ? -11.612 0.763   19.061  1.00 0.62 ? 316 DG  C "C5'"  1 
ATOM 482 C "C4'"  . DG  B 2 4  ? -10.179 1.276   18.929  1.00 0.58 ? 316 DG  C "C4'"  1 
ATOM 483 O "O4'"  . DG  B 2 4  ? -9.447  0.388   18.072  1.00 0.51 ? 316 DG  C "O4'"  1 
ATOM 484 C "C3'"  . DG  B 2 4  ? -10.065 2.682   18.340  1.00 0.61 ? 316 DG  C "C3'"  1 
ATOM 485 O "O3'"  . DG  B 2 4  ? -9.135  3.445   19.113  1.00 0.63 ? 316 DG  C "O3'"  1 
ATOM 486 C "C2'"  . DG  B 2 4  ? -9.524  2.478   16.932  1.00 0.55 ? 316 DG  C "C2'"  1 
ATOM 487 C "C1'"  . DG  B 2 4  ? -8.826  1.129   17.019  1.00 0.49 ? 316 DG  C "C1'"  1 
ATOM 488 N N9     . DG  B 2 4  ? -8.925  0.320   15.790  1.00 0.46 ? 316 DG  C N9     1 
ATOM 489 C C8     . DG  B 2 4  ? -10.028 0.026   15.040  1.00 0.48 ? 316 DG  C C8     1 
ATOM 490 N N7     . DG  B 2 4  ? -9.807  -0.728  14.004  1.00 0.46 ? 316 DG  C N7     1 
ATOM 491 C C5     . DG  B 2 4  ? -8.434  -0.959  14.065  1.00 0.42 ? 316 DG  C C5     1 
ATOM 492 C C6     . DG  B 2 4  ? -7.600  -1.720  13.200  1.00 0.41 ? 316 DG  C C6     1 
ATOM 493 O O6     . DG  B 2 4  ? -7.917  -2.349  12.194  1.00 0.43 ? 316 DG  C O6     1 
ATOM 494 N N1     . DG  B 2 4  ? -6.277  -1.694  13.619  1.00 0.39 ? 316 DG  C N1     1 
ATOM 495 C C2     . DG  B 2 4  ? -5.808  -1.023  14.730  1.00 0.38 ? 316 DG  C C2     1 
ATOM 496 N N2     . DG  B 2 4  ? -4.501  -1.119  14.971  1.00 0.39 ? 316 DG  C N2     1 
ATOM 497 N N3     . DG  B 2 4  ? -6.590  -0.308  15.547  1.00 0.40 ? 316 DG  C N3     1 
ATOM 498 C C4     . DG  B 2 4  ? -7.885  -0.320  15.155  1.00 0.42 ? 316 DG  C C4     1 
ATOM 499 H "H5'"  . DG  B 2 4  ? -11.587 -0.264  19.425  1.00 0.61 ? 316 DG  C "H5'"  1 
ATOM 500 H "H5''" . DG  B 2 4  ? -12.143 1.382   19.785  1.00 0.67 ? 316 DG  C "H5''" 1 
ATOM 501 H "H4'"  . DG  B 2 4  ? -9.714  1.270   19.913  1.00 0.61 ? 316 DG  C "H4'"  1 
ATOM 502 H "H3'"  . DG  B 2 4  ? -11.040 3.173   18.316  1.00 0.66 ? 316 DG  C "H3'"  1 
ATOM 503 H "H2'"  . DG  B 2 4  ? -10.338 2.443   16.209  1.00 0.58 ? 316 DG  C "H2'"  1 
ATOM 504 H "H2''" . DG  B 2 4  ? -8.812  3.262   16.677  1.00 0.55 ? 316 DG  C "H2''" 1 
ATOM 505 H "H1'"  . DG  B 2 4  ? -7.775  1.284   17.263  1.00 0.47 ? 316 DG  C "H1'"  1 
ATOM 506 H H8     . DG  B 2 4  ? -11.022 0.398   15.291  1.00 0.53 ? 316 DG  C H8     1 
ATOM 507 H H1     . DG  B 2 4  ? -5.621  -2.214  13.052  1.00 0.40 ? 316 DG  C H1     1 
ATOM 508 H H21    . DG  B 2 4  ? -3.912  -1.660  14.354  1.00 0.40 ? 316 DG  C H21    1 
ATOM 509 H H22    . DG  B 2 4  ? -4.099  -0.651  15.770  1.00 0.41 ? 316 DG  C H22    1 
ATOM 510 P P      . DA  B 2 5  ? -8.824  4.986   18.751  1.00 0.67 ? 317 DA  C P      1 
ATOM 511 O OP1    . DA  B 2 5  ? -8.634  5.731   20.011  1.00 0.74 ? 317 DA  C OP1    1 
ATOM 512 O OP2    . DA  B 2 5  ? -9.843  5.437   17.771  1.00 0.71 ? 317 DA  C OP2    1 
ATOM 513 O "O5'"  . DA  B 2 5  ? -7.410  4.890   17.984  1.00 0.60 ? 317 DA  C "O5'"  1 
ATOM 514 C "C5'"  . DA  B 2 5  ? -6.281  4.297   18.633  1.00 0.57 ? 317 DA  C "C5'"  1 
ATOM 515 C "C4'"  . DA  B 2 5  ? -5.048  4.277   17.730  1.00 0.52 ? 317 DA  C "C4'"  1 
ATOM 516 O "O4'"  . DA  B 2 5  ? -5.303  3.412   16.615  1.00 0.47 ? 317 DA  C "O4'"  1 
ATOM 517 C "C3'"  . DA  B 2 5  ? -4.652  5.645   17.172  1.00 0.55 ? 317 DA  C "C3'"  1 
ATOM 518 O "O3'"  . DA  B 2 5  ? -3.242  5.827   17.330  1.00 0.55 ? 317 DA  C "O3'"  1 
ATOM 519 C "C2'"  . DA  B 2 5  ? -5.006  5.586   15.692  1.00 0.52 ? 317 DA  C "C2'"  1 
ATOM 520 C "C1'"  . DA  B 2 5  ? -5.013  4.094   15.394  1.00 0.46 ? 317 DA  C "C1'"  1 
ATOM 521 N N9     . DA  B 2 5  ? -6.029  3.683   14.407  1.00 0.45 ? 317 DA  C N9     1 
ATOM 522 C C8     . DA  B 2 5  ? -7.360  3.989   14.359  1.00 0.49 ? 317 DA  C C8     1 
ATOM 523 N N7     . DA  B 2 5  ? -8.013  3.451   13.373  1.00 0.48 ? 317 DA  C N7     1 
ATOM 524 C C5     . DA  B 2 5  ? -7.030  2.726   12.702  1.00 0.44 ? 317 DA  C C5     1 
ATOM 525 C C6     . DA  B 2 5  ? -7.061  1.920   11.559  1.00 0.44 ? 317 DA  C C6     1 
ATOM 526 N N6     . DA  B 2 5  ? -8.170  1.697   10.854  1.00 0.47 ? 317 DA  C N6     1 
ATOM 527 N N1     . DA  B 2 5  ? -5.906  1.353   11.169  1.00 0.42 ? 317 DA  C N1     1 
ATOM 528 C C2     . DA  B 2 5  ? -4.787  1.565   11.861  1.00 0.40 ? 317 DA  C C2     1 
ATOM 529 N N3     . DA  B 2 5  ? -4.649  2.307   12.956  1.00 0.40 ? 317 DA  C N3     1 
ATOM 530 C C4     . DA  B 2 5  ? -5.820  2.863   13.322  1.00 0.42 ? 317 DA  C C4     1 
ATOM 531 H "H5'"  . DA  B 2 5  ? -6.532  3.273   18.908  1.00 0.56 ? 317 DA  C "H5'"  1 
ATOM 532 H "H5''" . DA  B 2 5  ? -6.047  4.859   19.538  1.00 0.63 ? 317 DA  C "H5''" 1 
ATOM 533 H "H4'"  . DA  B 2 5  ? -4.210  3.875   18.295  1.00 0.53 ? 317 DA  C "H4'"  1 
ATOM 534 H "H3'"  . DA  B 2 5  ? -5.203  6.443   17.674  1.00 0.61 ? 317 DA  C "H3'"  1 
ATOM 535 H "H2'"  . DA  B 2 5  ? -5.990  6.019   15.514  1.00 0.56 ? 317 DA  C "H2'"  1 
ATOM 536 H "H2''" . DA  B 2 5  ? -4.247  6.092   15.095  1.00 0.53 ? 317 DA  C "H2''" 1 
ATOM 537 H "H1'"  . DA  B 2 5  ? -4.028  3.794   15.041  1.00 0.44 ? 317 DA  C "H1'"  1 
ATOM 538 H H8     . DA  B 2 5  ? -7.836  4.641   15.091  1.00 0.53 ? 317 DA  C H8     1 
ATOM 539 H H61    . DA  B 2 5  ? -8.139  1.106   10.036  1.00 0.48 ? 317 DA  C H61    1 
ATOM 540 H H62    . DA  B 2 5  ? -9.042  2.119   11.140  1.00 0.50 ? 317 DA  C H62    1 
ATOM 541 H H2     . DA  B 2 5  ? -3.887  1.075   11.490  1.00 0.40 ? 317 DA  C H2     1 
ATOM 542 P P      . DA  B 2 6  ? -2.520  7.186   16.848  1.00 0.58 ? 318 DA  C P      1 
ATOM 543 O OP1    . DA  B 2 6  ? -1.455  7.514   17.814  1.00 0.60 ? 318 DA  C OP1    1 
ATOM 544 O OP2    . DA  B 2 6  ? -3.581  8.181   16.549  1.00 0.65 ? 318 DA  C OP2    1 
ATOM 545 O "O5'"  . DA  B 2 6  ? -1.846  6.750   15.452  1.00 0.53 ? 318 DA  C "O5'"  1 
ATOM 546 C "C5'"  . DA  B 2 6  ? -0.928  5.652   15.411  1.00 0.47 ? 318 DA  C "C5'"  1 
ATOM 547 C "C4'"  . DA  B 2 6  ? -0.398  5.404   14.000  1.00 0.45 ? 318 DA  C "C4'"  1 
ATOM 548 O "O4'"  . DA  B 2 6  ? -1.457  4.880   13.190  1.00 0.46 ? 318 DA  C "O4'"  1 
ATOM 549 C "C3'"  . DA  B 2 6  ? 0.147   6.654   13.301  1.00 0.47 ? 318 DA  C "C3'"  1 
ATOM 550 O "O3'"  . DA  B 2 6  ? 1.481   6.402   12.854  1.00 0.46 ? 318 DA  C "O3'"  1 
ATOM 551 C "C2'"  . DA  B 2 6  ? -0.765  6.872   12.097  1.00 0.47 ? 318 DA  C "C2'"  1 
ATOM 552 C "C1'"  . DA  B 2 6  ? -1.450  5.525   11.917  1.00 0.46 ? 318 DA  C "C1'"  1 
ATOM 553 N N9     . DA  B 2 6  ? -2.849  5.622   11.460  1.00 0.48 ? 318 DA  C N9     1 
ATOM 554 C C8     . DA  B 2 6  ? -3.864  6.392   11.951  1.00 0.51 ? 318 DA  C C8     1 
ATOM 555 N N7     . DA  B 2 6  ? -5.002  6.256   11.339  1.00 0.54 ? 318 DA  C N7     1 
ATOM 556 C C5     . DA  B 2 6  ? -4.719  5.313   10.351  1.00 0.52 ? 318 DA  C C5     1 
ATOM 557 C C6     . DA  B 2 6  ? -5.500  4.724   9.351   1.00 0.54 ? 318 DA  C C6     1 
ATOM 558 N N6     . DA  B 2 6  ? -6.790  5.010   9.169   1.00 0.59 ? 318 DA  C N6     1 
ATOM 559 N N1     . DA  B 2 6  ? -4.902  3.831   8.544   1.00 0.52 ? 318 DA  C N1     1 
ATOM 560 C C2     . DA  B 2 6  ? -3.612  3.533   8.709   1.00 0.48 ? 318 DA  C C2     1 
ATOM 561 N N3     . DA  B 2 6  ? -2.785  4.032   9.622   1.00 0.46 ? 318 DA  C N3     1 
ATOM 562 C C4     . DA  B 2 6  ? -3.411  4.925   10.416  1.00 0.48 ? 318 DA  C C4     1 
ATOM 563 H "H5'"  . DA  B 2 6  ? -1.440  4.754   15.758  1.00 0.46 ? 318 DA  C "H5'"  1 
ATOM 564 H "H5''" . DA  B 2 6  ? -0.087  5.859   16.073  1.00 0.49 ? 318 DA  C "H5''" 1 
ATOM 565 H "H4'"  . DA  B 2 6  ? 0.397   4.662   14.053  1.00 0.43 ? 318 DA  C "H4'"  1 
ATOM 566 H "H3'"  . DA  B 2 6  ? 0.119   7.515   13.971  1.00 0.51 ? 318 DA  C "H3'"  1 
ATOM 567 H "H2'"  . DA  B 2 6  ? -1.498  7.651   12.307  1.00 0.50 ? 318 DA  C "H2'"  1 
ATOM 568 H "H2''" . DA  B 2 6  ? -0.178  7.124   11.213  1.00 0.48 ? 318 DA  C "H2''" 1 
ATOM 569 H "H1'"  . DA  B 2 6  ? -0.881  4.922   11.211  1.00 0.44 ? 318 DA  C "H1'"  1 
ATOM 570 H H8     . DA  B 2 6  ? -3.728  7.073   12.789  1.00 0.53 ? 318 DA  C H8     1 
ATOM 571 H H61    . DA  B 2 6  ? -7.309  4.557   8.431   1.00 0.61 ? 318 DA  C H61    1 
ATOM 572 H H62    . DA  B 2 6  ? -7.247  5.681   9.769   1.00 0.61 ? 318 DA  C H62    1 
ATOM 573 H H2     . DA  B 2 6  ? -3.191  2.802   8.020   1.00 0.48 ? 318 DA  C H2     1 
ATOM 574 P P      . DT  B 2 7  ? 2.336   7.551   12.113  1.00 0.49 ? 319 DT  C P      1 
ATOM 575 O OP1    . DT  B 2 7  ? 3.760   7.359   12.445  1.00 0.51 ? 319 DT  C OP1    1 
ATOM 576 O OP2    . DT  B 2 7  ? 1.680   8.854   12.384  1.00 0.53 ? 319 DT  C OP2    1 
ATOM 577 O "O5'"  . DT  B 2 7  ? 2.112   7.201   10.556  1.00 0.47 ? 319 DT  C "O5'"  1 
ATOM 578 C "C5'"  . DT  B 2 7  ? 2.453   5.903   10.053  1.00 0.44 ? 319 DT  C "C5'"  1 
ATOM 579 C "C4'"  . DT  B 2 7  ? 2.109   5.758   8.571   1.00 0.43 ? 319 DT  C "C4'"  1 
ATOM 580 O "O4'"  . DT  B 2 7  ? 0.683   5.745   8.415   1.00 0.42 ? 319 DT  C "O4'"  1 
ATOM 581 C "C3'"  . DT  B 2 7  ? 2.661   6.874   7.679   1.00 0.46 ? 319 DT  C "C3'"  1 
ATOM 582 O "O3'"  . DT  B 2 7  ? 3.533   6.308   6.697   1.00 0.46 ? 319 DT  C "O3'"  1 
ATOM 583 C "C2'"  . DT  B 2 7  ? 1.440   7.487   6.995   1.00 0.46 ? 319 DT  C "C2'"  1 
ATOM 584 C "C1'"  . DT  B 2 7  ? 0.343   6.460   7.231   1.00 0.44 ? 319 DT  C "C1'"  1 
ATOM 585 N N1     . DT  B 2 7  ? -1.001  7.047   7.421   1.00 0.45 ? 319 DT  C N1     1 
ATOM 586 C C2     . DT  B 2 7  ? -2.001  6.690   6.527   1.00 0.46 ? 319 DT  C C2     1 
ATOM 587 O O2     . DT  B 2 7  ? -1.795  5.918   5.590   1.00 0.46 ? 319 DT  C O2     1 
ATOM 588 N N3     . DT  B 2 7  ? -3.242  7.260   6.745   1.00 0.48 ? 319 DT  C N3     1 
ATOM 589 C C4     . DT  B 2 7  ? -3.567  8.138   7.767   1.00 0.50 ? 319 DT  C C4     1 
ATOM 590 O O4     . DT  B 2 7  ? -4.705  8.589   7.871   1.00 0.53 ? 319 DT  C O4     1 
ATOM 591 C C5     . DT  B 2 7  ? -2.464  8.445   8.650   1.00 0.48 ? 319 DT  C C5     1 
ATOM 592 C C7     . DT  B 2 7  ? -2.683  9.401   9.818   1.00 0.51 ? 319 DT  C C7     1 
ATOM 593 C C6     . DT  B 2 7  ? -1.246  7.905   8.457   1.00 0.46 ? 319 DT  C C6     1 
ATOM 594 H "H5'"  . DT  B 2 7  ? 1.902   5.153   10.620  1.00 0.42 ? 319 DT  C "H5'"  1 
ATOM 595 H "H5''" . DT  B 2 7  ? 3.522   5.735   10.188  1.00 0.46 ? 319 DT  C "H5''" 1 
ATOM 596 H "H4'"  . DT  B 2 7  ? 2.502   4.806   8.217   1.00 0.43 ? 319 DT  C "H4'"  1 
ATOM 597 H "H3'"  . DT  B 2 7  ? 3.188   7.623   8.276   1.00 0.48 ? 319 DT  C "H3'"  1 
ATOM 598 H "H2'"  . DT  B 2 7  ? 1.178   8.438   7.458   1.00 0.49 ? 319 DT  C "H2'"  1 
ATOM 599 H "H2''" . DT  B 2 7  ? 1.622   7.617   5.929   1.00 0.48 ? 319 DT  C "H2''" 1 
ATOM 600 H "H1'"  . DT  B 2 7  ? 0.318   5.761   6.391   1.00 0.44 ? 319 DT  C "H1'"  1 
ATOM 601 H H3     . DT  B 2 7  ? -3.980  7.016   6.099   1.00 0.50 ? 319 DT  C H3     1 
ATOM 602 H H71    . DT  B 2 7  ? -2.868  8.827   10.726  1.00 1.16 ? 319 DT  C H71    1 
ATOM 603 H H72    . DT  B 2 7  ? -1.794  10.017  9.954   1.00 1.10 ? 319 DT  C H72    1 
ATOM 604 H H73    . DT  B 2 7  ? -3.540  10.040  9.609   1.00 1.13 ? 319 DT  C H73    1 
ATOM 605 H H6     . DT  B 2 7  ? -0.437  8.155   9.144   1.00 0.46 ? 319 DT  C H6     1 
ATOM 606 P P      . DT  B 2 8  ? 4.290   7.244   5.621   1.00 0.50 ? 320 DT  C P      1 
ATOM 607 O OP1    . DT  B 2 8  ? 5.588   6.622   5.297   1.00 0.53 ? 320 DT  C OP1    1 
ATOM 608 O OP2    . DT  B 2 8  ? 4.241   8.640   6.120   1.00 0.52 ? 320 DT  C OP2    1 
ATOM 609 O "O5'"  . DT  B 2 8  ? 3.328   7.145   4.333   1.00 0.47 ? 320 DT  C "O5'"  1 
ATOM 610 C "C5'"  . DT  B 2 8  ? 3.056   5.874   3.734   1.00 0.45 ? 320 DT  C "C5'"  1 
ATOM 611 C "C4'"  . DT  B 2 8  ? 2.010   5.979   2.624   1.00 0.45 ? 320 DT  C "C4'"  1 
ATOM 612 O "O4'"  . DT  B 2 8  ? 0.770   6.422   3.193   1.00 0.43 ? 320 DT  C "O4'"  1 
ATOM 613 C "C3'"  . DT  B 2 8  ? 2.376   6.950   1.498   1.00 0.45 ? 320 DT  C "C3'"  1 
ATOM 614 O "O3'"  . DT  B 2 8  ? 2.441   6.232   0.261   1.00 0.45 ? 320 DT  C "O3'"  1 
ATOM 615 C "C2'"  . DT  B 2 8  ? 1.230   7.962   1.443   1.00 0.44 ? 320 DT  C "C2'"  1 
ATOM 616 C "C1'"  . DT  B 2 8  ? 0.136   7.324   2.289   1.00 0.44 ? 320 DT  C "C1'"  1 
ATOM 617 N N1     . DT  B 2 8  ? -0.649  8.286   3.094   1.00 0.44 ? 320 DT  C N1     1 
ATOM 618 C C2     . DT  B 2 8  ? -2.019  8.338   2.889   1.00 0.48 ? 320 DT  C C2     1 
ATOM 619 O O2     . DT  B 2 8  ? -2.584  7.628   2.057   1.00 0.51 ? 320 DT  C O2     1 
ATOM 620 N N3     . DT  B 2 8  ? -2.716  9.240   3.673   1.00 0.49 ? 320 DT  C N3     1 
ATOM 621 C C4     . DT  B 2 8  ? -2.173  10.080  4.629   1.00 0.48 ? 320 DT  C C4     1 
ATOM 622 O O4     . DT  B 2 8  ? -2.888  10.844  5.273   1.00 0.51 ? 320 DT  C O4     1 
ATOM 623 C C5     . DT  B 2 8  ? -0.740  9.957   4.773   1.00 0.44 ? 320 DT  C C5     1 
ATOM 624 C C7     . DT  B 2 8  ? -0.013  10.831  5.790   1.00 0.44 ? 320 DT  C C7     1 
ATOM 625 C C6     . DT  B 2 8  ? -0.037  9.086   4.019   1.00 0.42 ? 320 DT  C C6     1 
ATOM 626 H "H5'"  . DT  B 2 8  ? 2.689   5.196   4.502   1.00 0.43 ? 320 DT  C "H5'"  1 
ATOM 627 H "H5''" . DT  B 2 8  ? 3.978   5.468   3.313   1.00 0.48 ? 320 DT  C "H5''" 1 
ATOM 628 H "H4'"  . DT  B 2 8  ? 1.858   4.990   2.196   1.00 0.46 ? 320 DT  C "H4'"  1 
ATOM 629 H "H3'"  . DT  B 2 8  ? 3.324   7.447   1.706   1.00 0.48 ? 320 DT  C "H3'"  1 
ATOM 630 H "H2'"  . DT  B 2 8  ? 1.540   8.913   1.875   1.00 0.46 ? 320 DT  C "H2'"  1 
ATOM 631 H "H2''" . DT  B 2 8  ? 0.890   8.100   0.417   1.00 0.45 ? 320 DT  C "H2''" 1 
ATOM 632 H "H1'"  . DT  B 2 8  ? -0.537  6.761   1.640   1.00 0.47 ? 320 DT  C "H1'"  1 
ATOM 633 H H3     . DT  B 2 8  ? -3.716  9.290   3.534   1.00 0.53 ? 320 DT  C H3     1 
ATOM 634 H H71    . DT  B 2 8  ? 0.903   10.333  6.109   1.00 1.14 ? 320 DT  C H71    1 
ATOM 635 H H72    . DT  B 2 8  ? 0.236   11.789  5.333   1.00 1.11 ? 320 DT  C H72    1 
ATOM 636 H H73    . DT  B 2 8  ? -0.657  10.996  6.654   1.00 1.10 ? 320 DT  C H73    1 
ATOM 637 H H6     . DT  B 2 8  ? 1.044   9.016   4.153   1.00 0.41 ? 320 DT  C H6     1 
ATOM 638 P P      . DT  B 2 9  ? 2.904   6.966   -1.099  1.00 0.46 ? 321 DT  C P      1 
ATOM 639 O OP1    . DT  B 2 9  ? 3.593   5.978   -1.951  1.00 0.50 ? 321 DT  C OP1    1 
ATOM 640 O OP2    . DT  B 2 9  ? 3.587   8.228   -0.726  1.00 0.50 ? 321 DT  C OP2    1 
ATOM 641 O "O5'"  . DT  B 2 9  ? 1.494   7.351   -1.780  1.00 0.41 ? 321 DT  C "O5'"  1 
ATOM 642 C "C5'"  . DT  B 2 9  ? 0.543   6.328   -2.092  1.00 0.40 ? 321 DT  C "C5'"  1 
ATOM 643 C "C4'"  . DT  B 2 9  ? -0.771  6.911   -2.609  1.00 0.36 ? 321 DT  C "C4'"  1 
ATOM 644 O "O4'"  . DT  B 2 9  ? -1.361  7.709   -1.573  1.00 0.36 ? 321 DT  C "O4'"  1 
ATOM 645 C "C3'"  . DT  B 2 9  ? -0.625  7.794   -3.850  1.00 0.34 ? 321 DT  C "C3'"  1 
ATOM 646 O "O3'"  . DT  B 2 9  ? -1.384  7.228   -4.922  1.00 0.36 ? 321 DT  C "O3'"  1 
ATOM 647 C "C2'"  . DT  B 2 9  ? -1.218  9.150   -3.463  1.00 0.33 ? 321 DT  C "C2'"  1 
ATOM 648 C "C1'"  . DT  B 2 9  ? -1.932  8.884   -2.145  1.00 0.33 ? 321 DT  C "C1'"  1 
ATOM 649 N N1     . DT  B 2 9  ? -1.793  9.975   -1.155  1.00 0.33 ? 321 DT  C N1     1 
ATOM 650 C C2     . DT  B 2 9  ? -2.949  10.582  -0.691  1.00 0.36 ? 321 DT  C C2     1 
ATOM 651 O O2     . DT  B 2 9  ? -4.067  10.246  -1.083  1.00 0.38 ? 321 DT  C O2     1 
ATOM 652 N N3     . DT  B 2 9  ? -2.773  11.590  0.239   1.00 0.39 ? 321 DT  C N3     1 
ATOM 653 C C4     . DT  B 2 9  ? -1.563  12.039  0.737   1.00 0.39 ? 321 DT  C C4     1 
ATOM 654 O O4     . DT  B 2 9  ? -1.522  12.946  1.564   1.00 0.43 ? 321 DT  C O4     1 
ATOM 655 C C5     . DT  B 2 9  ? -0.413  11.351  0.198   1.00 0.35 ? 321 DT  C C5     1 
ATOM 656 C C7     . DT  B 2 9  ? 0.983   11.759  0.659   1.00 0.38 ? 321 DT  C C7     1 
ATOM 657 C C6     . DT  B 2 9  ? -0.556  10.362  -0.712  1.00 0.33 ? 321 DT  C C6     1 
ATOM 658 H "H5'"  . DT  B 2 9  ? 0.343   5.748   -1.191  1.00 0.40 ? 321 DT  C "H5'"  1 
ATOM 659 H "H5''" . DT  B 2 9  ? 0.960   5.665   -2.853  1.00 0.43 ? 321 DT  C "H5''" 1 
ATOM 660 H "H4'"  . DT  B 2 9  ? -1.448  6.092   -2.840  1.00 0.38 ? 321 DT  C "H4'"  1 
ATOM 661 H "H3'"  . DT  B 2 9  ? 0.423   7.896   -4.132  1.00 0.36 ? 321 DT  C "H3'"  1 
ATOM 662 H "H2'"  . DT  B 2 9  ? -0.426  9.886   -3.325  1.00 0.34 ? 321 DT  C "H2'"  1 
ATOM 663 H "H2''" . DT  B 2 9  ? -1.925  9.486   -4.221  1.00 0.33 ? 321 DT  C "H2''" 1 
ATOM 664 H "H1'"  . DT  B 2 9  ? -2.991  8.705   -2.340  1.00 0.35 ? 321 DT  C "H1'"  1 
ATOM 665 H H3     . DT  B 2 9  ? -3.606  12.043  0.586   1.00 0.43 ? 321 DT  C H3     1 
ATOM 666 H H71    . DT  B 2 9  ? 1.210   12.761  0.292   1.00 1.14 ? 321 DT  C H71    1 
ATOM 667 H H72    . DT  B 2 9  ? 1.021   11.755  1.749   1.00 1.03 ? 321 DT  C H72    1 
ATOM 668 H H73    . DT  B 2 9  ? 1.719   11.056  0.271   1.00 0.98 ? 321 DT  C H73    1 
ATOM 669 H H6     . DT  B 2 9  ? 0.331   9.858   -1.099  1.00 0.33 ? 321 DT  C H6     1 
ATOM 670 P P      . DC  B 2 10 ? -1.259  7.807   -6.423  1.00 0.35 ? 322 DC  C P      1 
ATOM 671 O OP1    . DC  B 2 10 ? -1.425  6.690   -7.370  1.00 0.42 ? 322 DC  C OP1    1 
ATOM 672 O OP2    . DC  B 2 10 ? -0.042  8.655   -6.482  1.00 0.37 ? 322 DC  C OP2    1 
ATOM 673 O "O5'"  . DC  B 2 10 ? -2.541  8.778   -6.528  1.00 0.30 ? 322 DC  C "O5'"  1 
ATOM 674 C "C5'"  . DC  B 2 10 ? -3.860  8.250   -6.355  1.00 0.33 ? 322 DC  C "C5'"  1 
ATOM 675 C "C4'"  . DC  B 2 10 ? -4.921  9.349   -6.383  1.00 0.33 ? 322 DC  C "C4'"  1 
ATOM 676 O "O4'"  . DC  B 2 10 ? -4.714  10.224  -5.264  1.00 0.33 ? 322 DC  C "O4'"  1 
ATOM 677 C "C3'"  . DC  B 2 10 ? -4.915  10.205  -7.651  1.00 0.35 ? 322 DC  C "C3'"  1 
ATOM 678 O "O3'"  . DC  B 2 10 ? -6.218  10.178  -8.249  1.00 0.41 ? 322 DC  C "O3'"  1 
ATOM 679 C "C2'"  . DC  B 2 10 ? -4.592  11.623  -7.183  1.00 0.36 ? 322 DC  C "C2'"  1 
ATOM 680 C "C1'"  . DC  B 2 10 ? -4.858  11.579  -5.685  1.00 0.35 ? 322 DC  C "C1'"  1 
ATOM 681 N N1     . DC  B 2 10 ? -3.928  12.400  -4.880  1.00 0.34 ? 322 DC  C N1     1 
ATOM 682 C C2     . DC  B 2 10 ? -4.467  13.396  -4.075  1.00 0.42 ? 322 DC  C C2     1 
ATOM 683 O O2     . DC  B 2 10 ? -5.683  13.591  -4.068  1.00 0.50 ? 322 DC  C O2     1 
ATOM 684 N N3     . DC  B 2 10 ? -3.619  14.141  -3.314  1.00 0.44 ? 322 DC  C N3     1 
ATOM 685 C C4     . DC  B 2 10 ? -2.297  13.918  -3.336  1.00 0.39 ? 322 DC  C C4     1 
ATOM 686 N N4     . DC  B 2 10 ? -1.492  14.663  -2.576  1.00 0.43 ? 322 DC  C N4     1 
ATOM 687 C C5     . DC  B 2 10 ? -1.740  12.893  -4.162  1.00 0.32 ? 322 DC  C C5     1 
ATOM 688 C C6     . DC  B 2 10 ? -2.586  12.162  -4.914  1.00 0.29 ? 322 DC  C C6     1 
ATOM 689 H "H5'"  . DC  B 2 10 ? -3.908  7.735   -5.396  1.00 0.34 ? 322 DC  C "H5'"  1 
ATOM 690 H "H5''" . DC  B 2 10 ? -4.071  7.533   -7.152  1.00 0.37 ? 322 DC  C "H5''" 1 
ATOM 691 H "H4'"  . DC  B 2 10 ? -5.902  8.888   -6.280  1.00 0.39 ? 322 DC  C "H4'"  1 
ATOM 692 H "H3'"  . DC  B 2 10 ? -4.159  9.847   -8.355  1.00 0.36 ? 322 DC  C "H3'"  1 
ATOM 693 H "H2'"  . DC  B 2 10 ? -3.548  11.864  -7.380  1.00 0.36 ? 322 DC  C "H2'"  1 
ATOM 694 H "H2''" . DC  B 2 10 ? -5.251  12.344  -7.669  1.00 0.45 ? 322 DC  C "H2''" 1 
ATOM 695 H "H1'"  . DC  B 2 10 ? -5.884  11.902  -5.493  1.00 0.43 ? 322 DC  C "H1'"  1 
ATOM 696 H H41    . DC  B 2 10 ? -1.878  15.389  -1.990  1.00 0.49 ? 322 DC  C H41    1 
ATOM 697 H H42    . DC  B 2 10 ? -0.495  14.501  -2.586  1.00 0.43 ? 322 DC  C H42    1 
ATOM 698 H H5     . DC  B 2 10 ? -0.665  12.710  -4.184  1.00 0.33 ? 322 DC  C H5     1 
ATOM 699 H H6     . DC  B 2 10 ? -2.194  11.373  -5.554  1.00 0.27 ? 322 DC  C H6     1 
ATOM 700 P P      . DC  B 2 11 ? -6.482  10.904  -9.664  1.00 0.48 ? 323 DC  C P      1 
ATOM 701 O OP1    . DC  B 2 11 ? -7.546  10.157  -10.371 1.00 0.57 ? 323 DC  C OP1    1 
ATOM 702 O OP2    . DC  B 2 11 ? -5.177  11.128  -10.322 1.00 0.47 ? 323 DC  C OP2    1 
ATOM 703 O "O5'"  . DC  B 2 11 ? -7.077  12.339  -9.226  1.00 0.51 ? 323 DC  C "O5'"  1 
ATOM 704 C "C5'"  . DC  B 2 11 ? -8.285  12.419  -8.462  1.00 0.55 ? 323 DC  C "C5'"  1 
ATOM 705 C "C4'"  . DC  B 2 11 ? -8.622  13.858  -8.079  1.00 0.61 ? 323 DC  C "C4'"  1 
ATOM 706 O "O4'"  . DC  B 2 11 ? -7.601  14.361  -7.207  1.00 0.55 ? 323 DC  C "O4'"  1 
ATOM 707 C "C3'"  . DC  B 2 11 ? -8.741  14.825  -9.262  1.00 0.69 ? 323 DC  C "C3'"  1 
ATOM 708 O "O3'"  . DC  B 2 11 ? -10.041 15.424  -9.252  1.00 0.78 ? 323 DC  C "O3'"  1 
ATOM 709 C "C2'"  . DC  B 2 11 ? -7.680  15.899  -9.017  1.00 0.67 ? 323 DC  C "C2'"  1 
ATOM 710 C "C1'"  . DC  B 2 11 ? -7.308  15.714  -7.552  1.00 0.60 ? 323 DC  C "C1'"  1 
ATOM 711 N N1     . DC  B 2 11 ? -5.881  15.951  -7.248  1.00 0.55 ? 323 DC  C N1     1 
ATOM 712 C C2     . DC  B 2 11 ? -5.569  16.915  -6.296  1.00 0.57 ? 323 DC  C C2     1 
ATOM 713 O O2     . DC  B 2 11 ? -6.467  17.569  -5.766  1.00 0.61 ? 323 DC  C O2     1 
ATOM 714 N N3     . DC  B 2 11 ? -4.261  17.111  -5.979  1.00 0.55 ? 323 DC  C N3     1 
ATOM 715 C C4     . DC  B 2 11 ? -3.294  16.394  -6.570  1.00 0.53 ? 323 DC  C C4     1 
ATOM 716 N N4     . DC  B 2 11 ? -2.019  16.608  -6.236  1.00 0.54 ? 323 DC  C N4     1 
ATOM 717 C C5     . DC  B 2 11 ? -3.611  15.402  -7.550  1.00 0.51 ? 323 DC  C C5     1 
ATOM 718 C C6     . DC  B 2 11 ? -4.908  15.214  -7.857  1.00 0.52 ? 323 DC  C C6     1 
ATOM 719 H "H5'"  . DC  B 2 11 ? -8.176  11.826  -7.558  1.00 0.51 ? 323 DC  C "H5'"  1 
ATOM 720 H "H5''" . DC  B 2 11 ? -9.106  12.011  -9.058  1.00 0.61 ? 323 DC  C "H5''" 1 
ATOM 721 H "H4'"  . DC  B 2 11 ? -9.566  13.860  -7.536  1.00 0.66 ? 323 DC  C "H4'"  1 
ATOM 722 H "H3'"  . DC  B 2 11 ? -8.559  14.306  -10.205 1.00 0.72 ? 323 DC  C "H3'"  1 
ATOM 723 H "H2'"  . DC  B 2 11 ? -6.812  15.734  -9.655  1.00 0.67 ? 323 DC  C "H2'"  1 
ATOM 724 H "H2''" . DC  B 2 11 ? -8.097  16.892  -9.185  1.00 0.74 ? 323 DC  C "H2''" 1 
ATOM 725 H "H1'"  . DC  B 2 11 ? -7.924  16.377  -6.940  1.00 0.63 ? 323 DC  C "H1'"  1 
ATOM 726 H H41    . DC  B 2 11 ? -1.788  17.307  -5.545  1.00 0.58 ? 323 DC  C H41    1 
ATOM 727 H H42    . DC  B 2 11 ? -1.284  16.071  -6.675  1.00 0.54 ? 323 DC  C H42    1 
ATOM 728 H H5     . DC  B 2 11 ? -2.827  14.817  -8.033  1.00 0.51 ? 323 DC  C H5     1 
ATOM 729 H H6     . DC  B 2 11 ? -5.185  14.467  -8.600  1.00 0.53 ? 323 DC  C H6     1 
ATOM 730 P P      . DC  B 2 12 ? -10.521 16.377  -10.460 1.00 0.91 ? 324 DC  C P      1 
ATOM 731 O OP1    . DC  B 2 12 ? -11.987 16.255  -10.593 1.00 0.99 ? 324 DC  C OP1    1 
ATOM 732 O OP2    . DC  B 2 12 ? -9.648  16.117  -11.627 1.00 0.96 ? 324 DC  C OP2    1 
ATOM 733 O "O5'"  . DC  B 2 12 ? -10.184 17.852  -9.901  1.00 0.91 ? 324 DC  C "O5'"  1 
ATOM 734 C "C5'"  . DC  B 2 12 ? -10.829 18.338  -8.722  1.00 0.92 ? 324 DC  C "C5'"  1 
ATOM 735 C "C4'"  . DC  B 2 12 ? -10.240 19.668  -8.249  1.00 0.95 ? 324 DC  C "C4'"  1 
ATOM 736 O "O4'"  . DC  B 2 12 ? -8.834  19.491  -8.025  1.00 0.87 ? 324 DC  C "O4'"  1 
ATOM 737 C "C3'"  . DC  B 2 12 ? -10.412 20.830  -9.237  1.00 1.08 ? 324 DC  C "C3'"  1 
ATOM 738 O "O3'"  . DC  B 2 12 ? -11.183 21.889  -8.653  1.00 1.20 ? 324 DC  C "O3'"  1 
ATOM 739 C "C2'"  . DC  B 2 12 ? -8.984  21.296  -9.544  1.00 1.08 ? 324 DC  C "C2'"  1 
ATOM 740 C "C1'"  . DC  B 2 12 ? -8.152  20.670  -8.433  1.00 0.95 ? 324 DC  C "C1'"  1 
ATOM 741 N N1     . DC  B 2 12 ? -6.779  20.284  -8.832  1.00 0.92 ? 324 DC  C N1     1 
ATOM 742 C C2     . DC  B 2 12 ? -5.723  20.804  -8.092  1.00 0.90 ? 324 DC  C C2     1 
ATOM 743 O O2     . DC  B 2 12 ? -5.949  21.561  -7.148  1.00 0.90 ? 324 DC  C O2     1 
ATOM 744 N N3     . DC  B 2 12 ? -4.455  20.457  -8.441  1.00 0.92 ? 324 DC  C N3     1 
ATOM 745 C C4     . DC  B 2 12 ? -4.226  19.637  -9.476  1.00 0.97 ? 324 DC  C C4     1 
ATOM 746 N N4     . DC  B 2 12 ? -2.968  19.322  -9.797  1.00 1.03 ? 324 DC  C N4     1 
ATOM 747 C C5     . DC  B 2 12 ? -5.308  19.099  -10.241 1.00 0.98 ? 324 DC  C C5     1 
ATOM 748 C C6     . DC  B 2 12 ? -6.562  19.446  -9.886  1.00 0.95 ? 324 DC  C C6     1 
ATOM 749 H "H5'"  . DC  B 2 12 ? -10.726 17.604  -7.928  1.00 0.86 ? 324 DC  C "H5'"  1 
ATOM 750 H "H5''" . DC  B 2 12 ? -11.894 18.484  -8.935  1.00 0.99 ? 324 DC  C "H5''" 1 
ATOM 751 H "H4'"  . DC  B 2 12 ? -10.706 19.939  -7.307  1.00 0.98 ? 324 DC  C "H4'"  1 
ATOM 752 H "H3'"  . DC  B 2 12 ? -10.893 20.480  -10.148 1.00 1.13 ? 324 DC  C "H3'"  1 
ATOM 753 H "HO3'" . DC  B 2 12 ? -11.487 22.451  -9.370  1.00 1.55 ? 324 DC  C "HO3'" 1 
ATOM 754 H "H2'"  . DC  B 2 12 ? -8.664  20.929  -10.519 1.00 1.10 ? 324 DC  C "H2'"  1 
ATOM 755 H "H2''" . DC  B 2 12 ? -8.919  22.384  -9.505  1.00 1.16 ? 324 DC  C "H2''" 1 
ATOM 756 H "H1'"  . DC  B 2 12 ? -8.102  21.362  -7.591  1.00 0.97 ? 324 DC  C "H1'"  1 
ATOM 757 H H41    . DC  B 2 12 ? -2.199  19.699  -9.262  1.00 1.04 ? 324 DC  C H41    1 
ATOM 758 H H42    . DC  B 2 12 ? -2.785  18.704  -10.576 1.00 1.10 ? 324 DC  C H42    1 
ATOM 759 H H5     . DC  B 2 12 ? -5.124  18.431  -11.083 1.00 1.04 ? 324 DC  C H5     1 
ATOM 760 H H6     . DC  B 2 12 ? -7.409  19.043  -10.439 1.00 0.98 ? 324 DC  C H6     1 
ATOM 761 N N      . GLY C 3 1  ? 6.246   -10.087 1.848   1.00 2.45 ? 32  GLY A N      1 
ATOM 762 C CA     . GLY C 3 1  ? 5.378   -9.192  1.031   1.00 2.13 ? 32  GLY A CA     1 
ATOM 763 C C      . GLY C 3 1  ? 4.561   -8.286  1.957   1.00 1.77 ? 32  GLY A C      1 
ATOM 764 O O      . GLY C 3 1  ? 3.359   -8.170  1.824   1.00 1.78 ? 32  GLY A O      1 
ATOM 765 H H      . GLY C 3 1  ? 6.662   -10.874 1.438   1.00 2.84 ? 32  GLY A H      1 
ATOM 766 H HA2    . GLY C 3 1  ? 5.996   -8.587  0.384   1.00 2.46 ? 32  GLY A HA2    1 
ATOM 767 H HA3    . GLY C 3 1  ? 4.707   -9.789  0.433   1.00 2.45 ? 32  GLY A HA3    1 
ATOM 768 N N      . ARG C 3 2  ? 5.207   -7.639  2.894   1.00 1.56 ? 33  ARG A N      1 
ATOM 769 C CA     . ARG C 3 2  ? 4.470   -6.738  3.829   1.00 1.29 ? 33  ARG A CA     1 
ATOM 770 C C      . ARG C 3 2  ? 4.342   -5.347  3.193   1.00 1.06 ? 33  ARG A C      1 
ATOM 771 O O      . ARG C 3 2  ? 5.320   -4.667  2.962   1.00 1.05 ? 33  ARG A O      1 
ATOM 772 C CB     . ARG C 3 2  ? 5.249   -6.627  5.152   1.00 1.37 ? 33  ARG A CB     1 
ATOM 773 C CG     . ARG C 3 2  ? 4.345   -6.042  6.249   1.00 1.72 ? 33  ARG A CG     1 
ATOM 774 C CD     . ARG C 3 2  ? 5.163   -5.126  7.166   1.00 1.93 ? 33  ARG A CD     1 
ATOM 775 N NE     . ARG C 3 2  ? 6.233   -5.923  7.853   1.00 2.43 ? 33  ARG A NE     1 
ATOM 776 C CZ     . ARG C 3 2  ? 5.943   -6.904  8.661   1.00 3.02 ? 33  ARG A CZ     1 
ATOM 777 N NH1    . ARG C 3 2  ? 4.706   -7.116  9.022   1.00 3.27 ? 33  ARG A NH1    1 
ATOM 778 N NH2    . ARG C 3 2  ? 6.899   -7.647  9.148   1.00 3.87 ? 33  ARG A NH2    1 
ATOM 779 H H      . ARG C 3 2  ? 6.176   -7.748  2.981   1.00 1.66 ? 33  ARG A H      1 
ATOM 780 H HA     . ARG C 3 2  ? 3.487   -7.140  4.022   1.00 1.36 ? 33  ARG A HA     1 
ATOM 781 H HB2    . ARG C 3 2  ? 5.584   -7.611  5.450   1.00 1.62 ? 33  ARG A HB2    1 
ATOM 782 H HB3    . ARG C 3 2  ? 6.105   -5.987  5.009   1.00 1.50 ? 33  ARG A HB3    1 
ATOM 783 H HG2    . ARG C 3 2  ? 3.552   -5.472  5.791   1.00 2.25 ? 33  ARG A HG2    1 
ATOM 784 H HG3    . ARG C 3 2  ? 3.919   -6.844  6.832   1.00 2.19 ? 33  ARG A HG3    1 
ATOM 785 H HD2    . ARG C 3 2  ? 5.654   -4.376  6.576   1.00 2.30 ? 33  ARG A HD2    1 
ATOM 786 H HD3    . ARG C 3 2  ? 4.493   -4.635  7.870   1.00 2.40 ? 33  ARG A HD3    1 
ATOM 787 H HE     . ARG C 3 2  ? 7.174   -5.728  7.658   1.00 2.82 ? 33  ARG A HE     1 
ATOM 788 H HH11   . ARG C 3 2  ? 3.976   -6.526  8.680   1.00 3.07 ? 33  ARG A HH11   1 
ATOM 789 H HH12   . ARG C 3 2  ? 4.490   -7.867  9.647   1.00 4.00 ? 33  ARG A HH12   1 
ATOM 790 H HH21   . ARG C 3 2  ? 7.850   -7.464  8.901   1.00 4.17 ? 33  ARG A HH21   1 
ATOM 791 H HH22   . ARG C 3 2  ? 6.680   -8.399  9.771   1.00 4.47 ? 33  ARG A HH22   1 
ATOM 792 N N      . LYS C 3 3  ? 3.139   -4.923  2.904   1.00 0.98 ? 34  LYS A N      1 
ATOM 793 C CA     . LYS C 3 3  ? 2.937   -3.578  2.278   1.00 0.86 ? 34  LYS A CA     1 
ATOM 794 C C      . LYS C 3 3  ? 2.689   -2.535  3.387   1.00 0.71 ? 34  LYS A C      1 
ATOM 795 O O      . LYS C 3 3  ? 2.027   -2.820  4.365   1.00 0.81 ? 34  LYS A O      1 
ATOM 796 C CB     . LYS C 3 3  ? 1.732   -3.665  1.318   1.00 1.02 ? 34  LYS A CB     1 
ATOM 797 C CG     . LYS C 3 3  ? 1.784   -5.008  0.559   1.00 1.26 ? 34  LYS A CG     1 
ATOM 798 C CD     . LYS C 3 3  ? 1.307   -4.851  -0.900  1.00 1.69 ? 34  LYS A CD     1 
ATOM 799 C CE     . LYS C 3 3  ? -0.228  -4.791  -0.985  1.00 2.16 ? 34  LYS A CE     1 
ATOM 800 N NZ     . LYS C 3 3  ? -0.849  -5.659  0.057   1.00 2.87 ? 34  LYS A NZ     1 
ATOM 801 H H      . LYS C 3 3  ? 2.363   -5.492  3.096   1.00 1.09 ? 34  LYS A H      1 
ATOM 802 H HA     . LYS C 3 3  ? 3.823   -3.310  1.720   1.00 0.92 ? 34  LYS A HA     1 
ATOM 803 H HB2    . LYS C 3 3  ? 0.816   -3.610  1.888   1.00 1.29 ? 34  LYS A HB2    1 
ATOM 804 H HB3    . LYS C 3 3  ? 1.769   -2.849  0.615   1.00 1.08 ? 34  LYS A HB3    1 
ATOM 805 H HG2    . LYS C 3 3  ? 2.804   -5.365  0.551   1.00 1.65 ? 34  LYS A HG2    1 
ATOM 806 H HG3    . LYS C 3 3  ? 1.164   -5.731  1.065   1.00 1.67 ? 34  LYS A HG3    1 
ATOM 807 H HD2    . LYS C 3 3  ? 1.720   -3.946  -1.319  1.00 2.31 ? 34  LYS A HD2    1 
ATOM 808 H HD3    . LYS C 3 3  ? 1.657   -5.696  -1.475  1.00 2.09 ? 34  LYS A HD3    1 
ATOM 809 H HE2    . LYS C 3 3  ? -0.557  -3.774  -0.844  1.00 2.43 ? 34  LYS A HE2    1 
ATOM 810 H HE3    . LYS C 3 3  ? -0.541  -5.133  -1.962  1.00 2.60 ? 34  LYS A HE3    1 
ATOM 811 H HZ1    . LYS C 3 3  ? -0.245  -6.490  0.223   1.00 3.30 ? 34  LYS A HZ1    1 
ATOM 812 H HZ2    . LYS C 3 3  ? -0.951  -5.122  0.940   1.00 3.28 ? 34  LYS A HZ2    1 
ATOM 813 H HZ3    . LYS C 3 3  ? -1.786  -5.970  -0.266  1.00 3.15 ? 34  LYS A HZ3    1 
ATOM 814 N N      . PRO C 3 4  ? 3.234   -1.341  3.255   1.00 0.66 ? 35  PRO A N      1 
ATOM 815 C CA     . PRO C 3 4  ? 3.076   -0.262  4.285   1.00 0.63 ? 35  PRO A CA     1 
ATOM 816 C C      . PRO C 3 4  ? 1.650   0.305   4.350   1.00 0.53 ? 35  PRO A C      1 
ATOM 817 O O      . PRO C 3 4  ? 0.761   -0.140  3.651   1.00 0.52 ? 35  PRO A O      1 
ATOM 818 C CB     . PRO C 3 4  ? 4.067   0.816   3.838   1.00 0.79 ? 35  PRO A CB     1 
ATOM 819 C CG     . PRO C 3 4  ? 4.211   0.623   2.368   1.00 1.12 ? 35  PRO A CG     1 
ATOM 820 C CD     . PRO C 3 4  ? 4.054   -0.879  2.117   1.00 0.89 ? 35  PRO A CD     1 
ATOM 821 H HA     . PRO C 3 4  ? 3.369   -0.632  5.255   1.00 0.70 ? 35  PRO A HA     1 
ATOM 822 H HB2    . PRO C 3 4  ? 3.678   1.802   4.057   1.00 0.90 ? 35  PRO A HB2    1 
ATOM 823 H HB3    . PRO C 3 4  ? 5.022   0.675   4.323   1.00 1.05 ? 35  PRO A HB3    1 
ATOM 824 H HG2    . PRO C 3 4  ? 3.439   1.176   1.848   1.00 1.50 ? 35  PRO A HG2    1 
ATOM 825 H HG3    . PRO C 3 4  ? 5.186   0.948   2.042   1.00 1.52 ? 35  PRO A HG3    1 
ATOM 826 H HD2    . PRO C 3 4  ? 3.544   -1.055  1.178   1.00 1.02 ? 35  PRO A HD2    1 
ATOM 827 H HD3    . PRO C 3 4  ? 5.016   -1.368  2.127   1.00 0.97 ? 35  PRO A HD3    1 
ATOM 828 N N      . ARG C 3 5  ? 1.432   1.285   5.193   1.00 0.51 ? 36  ARG A N      1 
ATOM 829 C CA     . ARG C 3 5  ? 0.068   1.884   5.321   1.00 0.45 ? 36  ARG A CA     1 
ATOM 830 C C      . ARG C 3 5  ? -0.091  3.017   4.301   1.00 0.46 ? 36  ARG A C      1 
ATOM 831 O O      . ARG C 3 5  ? 0.641   3.985   4.321   1.00 0.51 ? 36  ARG A O      1 
ATOM 832 C CB     . ARG C 3 5  ? -0.100  2.456   6.737   1.00 0.50 ? 36  ARG A CB     1 
ATOM 833 C CG     . ARG C 3 5  ? 0.001   1.319   7.762   1.00 0.53 ? 36  ARG A CG     1 
ATOM 834 C CD     . ARG C 3 5  ? 0.048   1.883   9.189   1.00 0.58 ? 36  ARG A CD     1 
ATOM 835 N NE     . ARG C 3 5  ? 1.327   1.459   9.836   1.00 1.10 ? 36  ARG A NE     1 
ATOM 836 C CZ     . ARG C 3 5  ? 1.700   1.989   10.970  1.00 1.38 ? 36  ARG A CZ     1 
ATOM 837 N NH1    . ARG C 3 5  ? 0.940   2.865   11.568  1.00 1.81 ? 36  ARG A NH1    1 
ATOM 838 N NH2    . ARG C 3 5  ? 2.835   1.633   11.513  1.00 2.11 ? 36  ARG A NH2    1 
ATOM 839 H H      . ARG C 3 5  ? 2.164   1.622   5.746   1.00 0.55 ? 36  ARG A H      1 
ATOM 840 H HA     . ARG C 3 5  ? -0.682  1.128   5.146   1.00 0.43 ? 36  ARG A HA     1 
ATOM 841 H HB2    . ARG C 3 5  ? 0.677   3.183   6.927   1.00 0.58 ? 36  ARG A HB2    1 
ATOM 842 H HB3    . ARG C 3 5  ? -1.066  2.931   6.823   1.00 0.50 ? 36  ARG A HB3    1 
ATOM 843 H HG2    . ARG C 3 5  ? -0.860  0.674   7.664   1.00 0.51 ? 36  ARG A HG2    1 
ATOM 844 H HG3    . ARG C 3 5  ? 0.898   0.751   7.576   1.00 0.63 ? 36  ARG A HG3    1 
ATOM 845 H HD2    . ARG C 3 5  ? -0.001  2.958   9.162   1.00 0.86 ? 36  ARG A HD2    1 
ATOM 846 H HD3    . ARG C 3 5  ? -0.793  1.500   9.753   1.00 1.03 ? 36  ARG A HD3    1 
ATOM 847 H HE     . ARG C 3 5  ? 1.893   0.789   9.401   1.00 1.86 ? 36  ARG A HE     1 
ATOM 848 H HH11   . ARG C 3 5  ? 0.068   3.132   11.158  1.00 1.91 ? 36  ARG A HH11   1 
ATOM 849 H HH12   . ARG C 3 5  ? 1.228   3.267   12.437  1.00 2.48 ? 36  ARG A HH12   1 
ATOM 850 H HH21   . ARG C 3 5  ? 3.415   0.956   11.059  1.00 2.59 ? 36  ARG A HH21   1 
ATOM 851 H HH22   . ARG C 3 5  ? 3.122   2.036   12.381  1.00 2.48 ? 36  ARG A HH22   1 
ATOM 852 N N      . GLY C 3 6  ? -1.044  2.909   3.412   1.00 0.44 ? 37  GLY A N      1 
ATOM 853 C CA     . GLY C 3 6  ? -1.236  3.995   2.403   1.00 0.47 ? 37  GLY A CA     1 
ATOM 854 C C      . GLY C 3 6  ? -2.456  3.697   1.527   1.00 0.48 ? 37  GLY A C      1 
ATOM 855 O O      . GLY C 3 6  ? -3.047  2.640   1.601   1.00 0.52 ? 37  GLY A O      1 
ATOM 856 H H      . GLY C 3 6  ? -1.631  2.119   3.409   1.00 0.43 ? 37  GLY A H      1 
ATOM 857 H HA2    . GLY C 3 6  ? -1.382  4.935   2.916   1.00 0.49 ? 37  GLY A HA2    1 
ATOM 858 H HA3    . GLY C 3 6  ? -0.357  4.061   1.778   1.00 0.48 ? 37  GLY A HA3    1 
ATOM 859 N N      . ARG C 3 7  ? -2.837  4.631   0.696   1.00 0.47 ? 38  ARG A N      1 
ATOM 860 C CA     . ARG C 3 7  ? -4.016  4.421   -0.198  1.00 0.49 ? 38  ARG A CA     1 
ATOM 861 C C      . ARG C 3 7  ? -3.562  3.700   -1.477  1.00 0.49 ? 38  ARG A C      1 
ATOM 862 O O      . ARG C 3 7  ? -2.559  4.062   -2.059  1.00 0.50 ? 38  ARG A O      1 
ATOM 863 C CB     . ARG C 3 7  ? -4.600  5.789   -0.571  1.00 0.51 ? 38  ARG A CB     1 
ATOM 864 C CG     . ARG C 3 7  ? -5.915  5.599   -1.323  1.00 0.55 ? 38  ARG A CG     1 
ATOM 865 C CD     . ARG C 3 7  ? -6.454  6.960   -1.770  1.00 0.61 ? 38  ARG A CD     1 
ATOM 866 N NE     . ARG C 3 7  ? -7.786  6.775   -2.412  1.00 0.80 ? 38  ARG A NE     1 
ATOM 867 C CZ     . ARG C 3 7  ? -8.561  7.804   -2.619  1.00 1.24 ? 38  ARG A CZ     1 
ATOM 868 N NH1    . ARG C 3 7  ? -8.165  8.999   -2.274  1.00 1.88 ? 38  ARG A NH1    1 
ATOM 869 N NH2    . ARG C 3 7  ? -9.730  7.640   -3.175  1.00 1.73 ? 38  ARG A NH2    1 
ATOM 870 H H      . ARG C 3 7  ? -2.341  5.478   0.656   1.00 0.45 ? 38  ARG A H      1 
ATOM 871 H HA     . ARG C 3 7  ? -4.763  3.834   0.316   1.00 0.53 ? 38  ARG A HA     1 
ATOM 872 H HB2    . ARG C 3 7  ? -4.776  6.365   0.328   1.00 0.54 ? 38  ARG A HB2    1 
ATOM 873 H HB3    . ARG C 3 7  ? -3.900  6.316   -1.203  1.00 0.50 ? 38  ARG A HB3    1 
ATOM 874 H HG2    . ARG C 3 7  ? -5.745  4.977   -2.189  1.00 0.55 ? 38  ARG A HG2    1 
ATOM 875 H HG3    . ARG C 3 7  ? -6.634  5.124   -0.673  1.00 0.59 ? 38  ARG A HG3    1 
ATOM 876 H HD2    . ARG C 3 7  ? -6.556  7.608   -0.911  1.00 0.95 ? 38  ARG A HD2    1 
ATOM 877 H HD3    . ARG C 3 7  ? -5.769  7.404   -2.476  1.00 1.00 ? 38  ARG A HD3    1 
ATOM 878 H HE     . ARG C 3 7  ? -8.082  5.879   -2.676  1.00 1.39 ? 38  ARG A HE     1 
ATOM 879 H HH11   . ARG C 3 7  ? -7.268  9.126   -1.850  1.00 1.96 ? 38  ARG A HH11   1 
ATOM 880 H HH12   . ARG C 3 7  ? -8.758  9.788   -2.433  1.00 2.55 ? 38  ARG A HH12   1 
ATOM 881 H HH21   . ARG C 3 7  ? -10.032 6.724   -3.441  1.00 1.97 ? 38  ARG A HH21   1 
ATOM 882 H HH22   . ARG C 3 7  ? -10.323 8.428   -3.334  1.00 2.21 ? 38  ARG A HH22   1 
ATOM 883 N N      . PRO C 3 8  ? -4.280  2.690   -1.926  1.00 0.54 ? 39  PRO A N      1 
ATOM 884 C CA     . PRO C 3 8  ? -3.904  1.945   -3.164  1.00 0.56 ? 39  PRO A CA     1 
ATOM 885 C C      . PRO C 3 8  ? -3.521  2.882   -4.316  1.00 0.55 ? 39  PRO A C      1 
ATOM 886 O O      . PRO C 3 8  ? -3.947  4.019   -4.372  1.00 0.70 ? 39  PRO A O      1 
ATOM 887 C CB     . PRO C 3 8  ? -5.168  1.159   -3.512  1.00 0.73 ? 39  PRO A CB     1 
ATOM 888 C CG     . PRO C 3 8  ? -5.852  0.934   -2.206  1.00 0.78 ? 39  PRO A CG     1 
ATOM 889 C CD     . PRO C 3 8  ? -5.514  2.143   -1.322  1.00 0.65 ? 39  PRO A CD     1 
ATOM 890 H HA     . PRO C 3 8  ? -3.100  1.258   -2.957  1.00 0.64 ? 39  PRO A HA     1 
ATOM 891 H HB2    . PRO C 3 8  ? -5.797  1.735   -4.176  1.00 0.97 ? 39  PRO A HB2    1 
ATOM 892 H HB3    . PRO C 3 8  ? -4.911  0.212   -3.963  1.00 0.93 ? 39  PRO A HB3    1 
ATOM 893 H HG2    . PRO C 3 8  ? -6.922  0.865   -2.359  1.00 1.03 ? 39  PRO A HG2    1 
ATOM 894 H HG3    . PRO C 3 8  ? -5.483  0.031   -1.746  1.00 0.95 ? 39  PRO A HG3    1 
ATOM 895 H HD2    . PRO C 3 8  ? -6.315  2.870   -1.354  1.00 0.68 ? 39  PRO A HD2    1 
ATOM 896 H HD3    . PRO C 3 8  ? -5.327  1.827   -0.307  1.00 0.70 ? 39  PRO A HD3    1 
ATOM 897 N N      . LYS C 3 9  ? -2.721  2.411   -5.234  1.00 0.68 ? 40  LYS A N      1 
ATOM 898 C CA     . LYS C 3 9  ? -2.312  3.267   -6.386  1.00 0.86 ? 40  LYS A CA     1 
ATOM 899 C C      . LYS C 3 9  ? -3.434  3.282   -7.430  1.00 0.73 ? 40  LYS A C      1 
ATOM 900 O O      . LYS C 3 9  ? -4.330  2.463   -7.398  1.00 0.82 ? 40  LYS A O      1 
ATOM 901 C CB     . LYS C 3 9  ? -1.032  2.705   -7.012  1.00 1.31 ? 40  LYS A CB     1 
ATOM 902 C CG     . LYS C 3 9  ? 0.153   2.923   -6.058  1.00 1.71 ? 40  LYS A CG     1 
ATOM 903 C CD     . LYS C 3 9  ? 1.438   2.357   -6.687  1.00 2.33 ? 40  LYS A CD     1 
ATOM 904 C CE     . LYS C 3 9  ? 2.673   3.100   -6.155  1.00 2.77 ? 40  LYS A CE     1 
ATOM 905 N NZ     . LYS C 3 9  ? 3.692   2.111   -5.696  1.00 3.02 ? 40  LYS A NZ     1 
ATOM 906 H H      . LYS C 3 9  ? -2.393  1.489   -5.171  1.00 0.79 ? 40  LYS A H      1 
ATOM 907 H HA     . LYS C 3 9  ? -2.132  4.275   -6.037  1.00 0.96 ? 40  LYS A HA     1 
ATOM 908 H HB2    . LYS C 3 9  ? -1.156  1.647   -7.195  1.00 1.52 ? 40  LYS A HB2    1 
ATOM 909 H HB3    . LYS C 3 9  ? -0.836  3.209   -7.948  1.00 1.57 ? 40  LYS A HB3    1 
ATOM 910 H HG2    . LYS C 3 9  ? 0.274   3.982   -5.875  1.00 1.93 ? 40  LYS A HG2    1 
ATOM 911 H HG3    . LYS C 3 9  ? -0.041  2.417   -5.125  1.00 2.00 ? 40  LYS A HG3    1 
ATOM 912 H HD2    . LYS C 3 9  ? 1.522   1.308   -6.438  1.00 2.68 ? 40  LYS A HD2    1 
ATOM 913 H HD3    . LYS C 3 9  ? 1.390   2.465   -7.759  1.00 2.84 ? 40  LYS A HD3    1 
ATOM 914 H HE2    . LYS C 3 9  ? 3.095   3.706   -6.946  1.00 3.20 ? 40  LYS A HE2    1 
ATOM 915 H HE3    . LYS C 3 9  ? 2.392   3.736   -5.329  1.00 3.21 ? 40  LYS A HE3    1 
ATOM 916 H HZ1    . LYS C 3 9  ? 3.644   1.261   -6.295  1.00 3.44 ? 40  LYS A HZ1    1 
ATOM 917 H HZ2    . LYS C 3 9  ? 4.642   2.530   -5.765  1.00 3.25 ? 40  LYS A HZ2    1 
ATOM 918 H HZ3    . LYS C 3 9  ? 3.504   1.850   -4.708  1.00 3.22 ? 40  LYS A HZ3    1 
ATOM 919 N N      . LYS C 3 10 ? -3.394  4.204   -8.356  1.00 0.86 ? 41  LYS A N      1 
ATOM 920 C CA     . LYS C 3 10 ? -4.460  4.259   -9.399  1.00 0.93 ? 41  LYS A CA     1 
ATOM 921 C C      . LYS C 3 10 ? -4.124  3.275   -10.521 1.00 1.30 ? 41  LYS A C      1 
ATOM 922 O O      . LYS C 3 10 ? -4.852  2.336   -10.776 1.00 1.91 ? 41  LYS A O      1 
ATOM 923 C CB     . LYS C 3 10 ? -4.554  5.680   -9.974  1.00 1.14 ? 41  LYS A CB     1 
ATOM 924 C CG     . LYS C 3 10 ? -5.478  5.680   -11.199 1.00 1.54 ? 41  LYS A CG     1 
ATOM 925 C CD     . LYS C 3 10 ? -6.082  7.077   -11.405 1.00 1.92 ? 41  LYS A CD     1 
ATOM 926 C CE     . LYS C 3 10 ? -4.976  8.135   -11.441 1.00 2.59 ? 41  LYS A CE     1 
ATOM 927 N NZ     . LYS C 3 10 ? -5.404  9.267   -12.313 1.00 3.23 ? 41  LYS A NZ     1 
ATOM 928 H H      . LYS C 3 10 ? -2.663  4.856   -8.367  1.00 1.07 ? 41  LYS A H      1 
ATOM 929 H HA     . LYS C 3 10 ? -5.409  3.989   -8.957  1.00 0.94 ? 41  LYS A HA     1 
ATOM 930 H HB2    . LYS C 3 10 ? -4.951  6.347   -9.223  1.00 1.67 ? 41  LYS A HB2    1 
ATOM 931 H HB3    . LYS C 3 10 ? -3.570  6.012   -10.268 1.00 1.50 ? 41  LYS A HB3    1 
ATOM 932 H HG2    . LYS C 3 10 ? -4.910  5.403   -12.076 1.00 2.03 ? 41  LYS A HG2    1 
ATOM 933 H HG3    . LYS C 3 10 ? -6.274  4.968   -11.049 1.00 2.04 ? 41  LYS A HG3    1 
ATOM 934 H HD2    . LYS C 3 10 ? -6.624  7.097   -12.340 1.00 2.40 ? 41  LYS A HD2    1 
ATOM 935 H HD3    . LYS C 3 10 ? -6.762  7.296   -10.594 1.00 2.14 ? 41  LYS A HD3    1 
ATOM 936 H HE2    . LYS C 3 10 ? -4.796  8.501   -10.440 1.00 2.96 ? 41  LYS A HE2    1 
ATOM 937 H HE3    . LYS C 3 10 ? -4.070  7.700   -11.834 1.00 3.01 ? 41  LYS A HE3    1 
ATOM 938 H HZ1    . LYS C 3 10 ? -6.158  8.947   -12.953 1.00 3.55 ? 41  LYS A HZ1    1 
ATOM 939 H HZ2    . LYS C 3 10 ? -5.759  10.047  -11.722 1.00 3.69 ? 41  LYS A HZ2    1 
ATOM 940 H HZ3    . LYS C 3 10 ? -4.594  9.599   -12.875 1.00 3.46 ? 41  LYS A HZ3    1 
# 
